data_8PRB
# 
_entry.id   8PRB 
# 
_audit_conform.dict_name       mmcif_pdbx.dic 
_audit_conform.dict_version    5.395 
_audit_conform.dict_location   http://mmcif.pdb.org/dictionaries/ascii/mmcif_pdbx.dic 
# 
loop_
_database_2.database_id 
_database_2.database_code 
_database_2.pdbx_database_accession 
_database_2.pdbx_DOI 
PDB   8PRB         pdb_00008prb 10.2210/pdb8prb/pdb 
WWPDB D_1292130206 ?            ?                   
# 
_pdbx_audit_revision_history.ordinal             1 
_pdbx_audit_revision_history.data_content_type   'Structure model' 
_pdbx_audit_revision_history.major_revision      1 
_pdbx_audit_revision_history.minor_revision      0 
_pdbx_audit_revision_history.revision_date       2024-07-24 
# 
_pdbx_audit_revision_details.ordinal             1 
_pdbx_audit_revision_details.revision_ordinal    1 
_pdbx_audit_revision_details.data_content_type   'Structure model' 
_pdbx_audit_revision_details.provider            repository 
_pdbx_audit_revision_details.type                'Initial release' 
_pdbx_audit_revision_details.description         ? 
_pdbx_audit_revision_details.details             ? 
# 
_pdbx_database_status.status_code                     REL 
_pdbx_database_status.status_code_sf                  REL 
_pdbx_database_status.status_code_mr                  ? 
_pdbx_database_status.entry_id                        8PRB 
_pdbx_database_status.recvd_initial_deposition_date   2023-07-12 
_pdbx_database_status.SG_entry                        N 
_pdbx_database_status.deposit_site                    PDBE 
_pdbx_database_status.process_site                    PDBE 
_pdbx_database_status.status_code_cs                  ? 
_pdbx_database_status.status_code_nmr_data            ? 
_pdbx_database_status.methods_development_category    ? 
_pdbx_database_status.pdb_format_compatible           Y 
# 
_pdbx_contact_author.id                 2 
_pdbx_contact_author.email              arnout.voet@kuleuven.be 
_pdbx_contact_author.name_first         Arnout 
_pdbx_contact_author.name_last          Voet 
_pdbx_contact_author.name_mi            R.D. 
_pdbx_contact_author.role               'principal investigator/group leader' 
_pdbx_contact_author.identifier_ORCID   0000-0002-3329-2703 
# 
loop_
_audit_author.name 
_audit_author.pdbx_ordinal 
_audit_author.identifier_ORCID 
'Vandebroek, L.' 1 0000-0001-6907-425X 
'Voet, A.R.D.'   2 0000-0002-3329-2703 
'Lee, X.Y.'      3 0000-0002-8077-6030 
# 
_citation.abstract                  ? 
_citation.abstract_id_CAS           ? 
_citation.book_id_ISBN              ? 
_citation.book_publisher            ? 
_citation.book_publisher_city       ? 
_citation.book_title                ? 
_citation.coordinate_linkage        ? 
_citation.country                   ? 
_citation.database_id_Medline       ? 
_citation.details                   ? 
_citation.id                        primary 
_citation.journal_abbrev            'To Be Published' 
_citation.journal_id_ASTM           ? 
_citation.journal_id_CSD            0353 
_citation.journal_id_ISSN           ? 
_citation.journal_full              ? 
_citation.journal_issue             ? 
_citation.journal_volume            ? 
_citation.language                  ? 
_citation.page_first                ? 
_citation.page_last                 ? 
_citation.title                     'The structure of v13Bagel6' 
_citation.year                      ? 
_citation.database_id_CSD           ? 
_citation.pdbx_database_id_DOI      ? 
_citation.pdbx_database_id_PubMed   ? 
_citation.pdbx_database_id_patent   ? 
_citation.unpublished_flag          ? 
# 
loop_
_citation_author.citation_id 
_citation_author.name 
_citation_author.ordinal 
_citation_author.identifier_ORCID 
primary 'Vandebroek, L.' 1 0000-0001-6907-425X 
primary 'Voet, A.R.D.'   2 0000-0002-3329-2703 
primary 'Lee, X.Y.'      3 0000-0002-8077-6030 
# 
loop_
_entity.id 
_entity.type 
_entity.src_method 
_entity.pdbx_description 
_entity.formula_weight 
_entity.pdbx_number_of_molecules 
_entity.pdbx_ec 
_entity.pdbx_mutation 
_entity.pdbx_fragment 
_entity.details 
1 polymer     man 'Cell surface protein' 9107.999 1  ? ? ? ? 
2 non-polymer syn 'ZINC ION'             65.409   2  ? ? ? ? 
3 water       nat water                  18.015   44 ? ? ? ? 
# 
_entity_poly.entity_id                      1 
_entity_poly.type                           'polypeptide(L)' 
_entity_poly.nstd_linkage                   no 
_entity_poly.nstd_monomer                   no 
_entity_poly.pdbx_seq_one_letter_code       
;GSHMNGKLKWKFETGGSVHSSPAIGQDGTIYVGSNDHYLYAINPNGKLKWKFETGGSVHSSPAIGQDGTIYVGSNDHYLY
AINPG
;
_entity_poly.pdbx_seq_one_letter_code_can   
;GSHMNGKLKWKFETGGSVHSSPAIGQDGTIYVGSNDHYLYAINPNGKLKWKFETGGSVHSSPAIGQDGTIYVGSNDHYLY
AINPG
;
_entity_poly.pdbx_strand_id                 A 
_entity_poly.pdbx_target_identifier         ? 
# 
loop_
_pdbx_entity_nonpoly.entity_id 
_pdbx_entity_nonpoly.name 
_pdbx_entity_nonpoly.comp_id 
2 'ZINC ION' ZN  
3 water      HOH 
# 
loop_
_entity_poly_seq.entity_id 
_entity_poly_seq.num 
_entity_poly_seq.mon_id 
_entity_poly_seq.hetero 
1 1  GLY n 
1 2  SER n 
1 3  HIS n 
1 4  MET n 
1 5  ASN n 
1 6  GLY n 
1 7  LYS n 
1 8  LEU n 
1 9  LYS n 
1 10 TRP n 
1 11 LYS n 
1 12 PHE n 
1 13 GLU n 
1 14 THR n 
1 15 GLY n 
1 16 GLY n 
1 17 SER n 
1 18 VAL n 
1 19 HIS n 
1 20 SER n 
1 21 SER n 
1 22 PRO n 
1 23 ALA n 
1 24 ILE n 
1 25 GLY n 
1 26 GLN n 
1 27 ASP n 
1 28 GLY n 
1 29 THR n 
1 30 ILE n 
1 31 TYR n 
1 32 VAL n 
1 33 GLY n 
1 34 SER n 
1 35 ASN n 
1 36 ASP n 
1 37 HIS n 
1 38 TYR n 
1 39 LEU n 
1 40 TYR n 
1 41 ALA n 
1 42 ILE n 
1 43 ASN n 
1 44 PRO n 
1 45 ASN n 
1 46 GLY n 
1 47 LYS n 
1 48 LEU n 
1 49 LYS n 
1 50 TRP n 
1 51 LYS n 
1 52 PHE n 
1 53 GLU n 
1 54 THR n 
1 55 GLY n 
1 56 GLY n 
1 57 SER n 
1 58 VAL n 
1 59 HIS n 
1 60 SER n 
1 61 SER n 
1 62 PRO n 
1 63 ALA n 
1 64 ILE n 
1 65 GLY n 
1 66 GLN n 
1 67 ASP n 
1 68 GLY n 
1 69 THR n 
1 70 ILE n 
1 71 TYR n 
1 72 VAL n 
1 73 GLY n 
1 74 SER n 
1 75 ASN n 
1 76 ASP n 
1 77 HIS n 
1 78 TYR n 
1 79 LEU n 
1 80 TYR n 
1 81 ALA n 
1 82 ILE n 
1 83 ASN n 
1 84 PRO n 
1 85 GLY n 
# 
_entity_src_gen.entity_id                          1 
_entity_src_gen.pdbx_src_id                        1 
_entity_src_gen.pdbx_alt_source_flag               sample 
_entity_src_gen.pdbx_seq_type                      'Biological sequence' 
_entity_src_gen.pdbx_beg_seq_num                   1 
_entity_src_gen.pdbx_end_seq_num                   85 
_entity_src_gen.gene_src_common_name               ? 
_entity_src_gen.gene_src_genus                     ? 
_entity_src_gen.pdbx_gene_src_gene                 DICTH_0179 
_entity_src_gen.gene_src_species                   ? 
_entity_src_gen.gene_src_strain                    ? 
_entity_src_gen.gene_src_tissue                    ? 
_entity_src_gen.gene_src_tissue_fraction           ? 
_entity_src_gen.gene_src_details                   ? 
_entity_src_gen.pdbx_gene_src_fragment             ? 
_entity_src_gen.pdbx_gene_src_scientific_name      'synthetic construct' 
_entity_src_gen.pdbx_gene_src_ncbi_taxonomy_id     32630 
_entity_src_gen.pdbx_gene_src_variant              ? 
_entity_src_gen.pdbx_gene_src_cell_line            ? 
_entity_src_gen.pdbx_gene_src_atcc                 ? 
_entity_src_gen.pdbx_gene_src_organ                ? 
_entity_src_gen.pdbx_gene_src_organelle            ? 
_entity_src_gen.pdbx_gene_src_cell                 ? 
_entity_src_gen.pdbx_gene_src_cellular_location    ? 
_entity_src_gen.host_org_common_name               ? 
_entity_src_gen.pdbx_host_org_scientific_name      
;Escherichia coli 'BL21-Gold(DE3)pLysS AG'
;
_entity_src_gen.pdbx_host_org_ncbi_taxonomy_id     866768 
_entity_src_gen.host_org_genus                     ? 
_entity_src_gen.pdbx_host_org_gene                 ? 
_entity_src_gen.pdbx_host_org_organ                ? 
_entity_src_gen.host_org_species                   ? 
_entity_src_gen.pdbx_host_org_tissue               ? 
_entity_src_gen.pdbx_host_org_tissue_fraction      ? 
_entity_src_gen.pdbx_host_org_strain               ? 
_entity_src_gen.pdbx_host_org_variant              ? 
_entity_src_gen.pdbx_host_org_cell_line            ? 
_entity_src_gen.pdbx_host_org_atcc                 ? 
_entity_src_gen.pdbx_host_org_culture_collection   ? 
_entity_src_gen.pdbx_host_org_cell                 ? 
_entity_src_gen.pdbx_host_org_organelle            ? 
_entity_src_gen.pdbx_host_org_cellular_location    ? 
_entity_src_gen.pdbx_host_org_vector_type          ? 
_entity_src_gen.pdbx_host_org_vector               ? 
_entity_src_gen.host_org_details                   ? 
_entity_src_gen.expression_system_id               ? 
_entity_src_gen.plasmid_name                       ? 
_entity_src_gen.plasmid_details                    ? 
_entity_src_gen.pdbx_description                   ? 
# 
loop_
_chem_comp.id 
_chem_comp.type 
_chem_comp.mon_nstd_flag 
_chem_comp.name 
_chem_comp.pdbx_synonyms 
_chem_comp.formula 
_chem_comp.formula_weight 
ALA 'L-peptide linking' y ALANINE         ? 'C3 H7 N O2'     89.093  
ARG 'L-peptide linking' y ARGININE        ? 'C6 H15 N4 O2 1' 175.209 
ASN 'L-peptide linking' y ASPARAGINE      ? 'C4 H8 N2 O3'    132.118 
ASP 'L-peptide linking' y 'ASPARTIC ACID' ? 'C4 H7 N O4'     133.103 
GLN 'L-peptide linking' y GLUTAMINE       ? 'C5 H10 N2 O3'   146.144 
GLU 'L-peptide linking' y 'GLUTAMIC ACID' ? 'C5 H9 N O4'     147.129 
GLY 'peptide linking'   y GLYCINE         ? 'C2 H5 N O2'     75.067  
HIS 'L-peptide linking' y HISTIDINE       ? 'C6 H10 N3 O2 1' 156.162 
HOH non-polymer         . WATER           ? 'H2 O'           18.015  
ILE 'L-peptide linking' y ISOLEUCINE      ? 'C6 H13 N O2'    131.173 
LEU 'L-peptide linking' y LEUCINE         ? 'C6 H13 N O2'    131.173 
LYS 'L-peptide linking' y LYSINE          ? 'C6 H15 N2 O2 1' 147.195 
MET 'L-peptide linking' y METHIONINE      ? 'C5 H11 N O2 S'  149.211 
PHE 'L-peptide linking' y PHENYLALANINE   ? 'C9 H11 N O2'    165.189 
PRO 'L-peptide linking' y PROLINE         ? 'C5 H9 N O2'     115.130 
SER 'L-peptide linking' y SERINE          ? 'C3 H7 N O3'     105.093 
THR 'L-peptide linking' y THREONINE       ? 'C4 H9 N O3'     119.119 
TRP 'L-peptide linking' y TRYPTOPHAN      ? 'C11 H12 N2 O2'  204.225 
TYR 'L-peptide linking' y TYROSINE        ? 'C9 H11 N O3'    181.189 
VAL 'L-peptide linking' y VALINE          ? 'C5 H11 N O2'    117.146 
ZN  non-polymer         . 'ZINC ION'      ? 'Zn 2'           65.409  
# 
loop_
_pdbx_poly_seq_scheme.asym_id 
_pdbx_poly_seq_scheme.entity_id 
_pdbx_poly_seq_scheme.seq_id 
_pdbx_poly_seq_scheme.mon_id 
_pdbx_poly_seq_scheme.ndb_seq_num 
_pdbx_poly_seq_scheme.pdb_seq_num 
_pdbx_poly_seq_scheme.auth_seq_num 
_pdbx_poly_seq_scheme.pdb_mon_id 
_pdbx_poly_seq_scheme.auth_mon_id 
_pdbx_poly_seq_scheme.pdb_strand_id 
_pdbx_poly_seq_scheme.pdb_ins_code 
_pdbx_poly_seq_scheme.hetero 
A 1 1  GLY 1  -3 ?  ?   ?   A . n 
A 1 2  SER 2  -2 ?  ?   ?   A . n 
A 1 3  HIS 3  -1 ?  ?   ?   A . n 
A 1 4  MET 4  0  ?  ?   ?   A . n 
A 1 5  ASN 5  1  1  ASN ASN A . n 
A 1 6  GLY 6  2  2  GLY GLY A . n 
A 1 7  LYS 7  3  3  LYS LYS A . n 
A 1 8  LEU 8  4  4  LEU LEU A . n 
A 1 9  LYS 9  5  5  LYS LYS A . n 
A 1 10 TRP 10 6  6  TRP TRP A . n 
A 1 11 LYS 11 7  7  LYS LYS A . n 
A 1 12 PHE 12 8  8  PHE PHE A . n 
A 1 13 GLU 13 9  9  GLU GLU A . n 
A 1 14 THR 14 10 10 THR THR A . n 
A 1 15 GLY 15 11 11 GLY GLY A . n 
A 1 16 GLY 16 12 12 GLY GLY A . n 
A 1 17 SER 17 13 13 SER SER A . n 
A 1 18 VAL 18 14 14 VAL VAL A . n 
A 1 19 HIS 19 15 15 HIS HIS A . n 
A 1 20 SER 20 16 16 SER SER A . n 
A 1 21 SER 21 17 17 SER SER A . n 
A 1 22 PRO 22 18 18 PRO PRO A . n 
A 1 23 ALA 23 19 19 ALA ALA A . n 
A 1 24 ILE 24 20 20 ILE ILE A . n 
A 1 25 GLY 25 21 21 GLY GLY A . n 
A 1 26 GLN 26 22 22 GLN GLN A . n 
A 1 27 ASP 27 23 23 ASP ASP A . n 
A 1 28 GLY 28 24 24 GLY GLY A . n 
A 1 29 THR 29 25 25 THR THR A . n 
A 1 30 ILE 30 26 26 ILE ILE A . n 
A 1 31 TYR 31 27 27 TYR TYR A . n 
A 1 32 VAL 32 28 28 VAL VAL A . n 
A 1 33 GLY 33 29 29 GLY GLY A . n 
A 1 34 SER 34 30 30 SER SER A . n 
A 1 35 ASN 35 31 31 ASN ASN A . n 
A 1 36 ASP 36 32 32 ASP ASP A . n 
A 1 37 HIS 37 33 33 HIS HIS A . n 
A 1 38 TYR 38 34 34 TYR TYR A . n 
A 1 39 LEU 39 35 35 LEU LEU A . n 
A 1 40 TYR 40 36 36 TYR TYR A . n 
A 1 41 ALA 41 37 37 ALA ALA A . n 
A 1 42 ILE 42 38 38 ILE ILE A . n 
A 1 43 ASN 43 39 39 ASN ASN A . n 
A 1 44 PRO 44 40 40 PRO PRO A . n 
A 1 45 ASN 45 41 41 ASN ASN A . n 
A 1 46 GLY 46 42 42 GLY GLY A . n 
A 1 47 LYS 47 43 43 LYS LYS A . n 
A 1 48 LEU 48 44 44 LEU LEU A . n 
A 1 49 LYS 49 45 45 LYS LYS A . n 
A 1 50 TRP 50 46 46 TRP TRP A . n 
A 1 51 LYS 51 47 47 LYS LYS A . n 
A 1 52 PHE 52 48 48 PHE PHE A . n 
A 1 53 GLU 53 49 49 GLU GLU A . n 
A 1 54 THR 54 50 50 THR THR A . n 
A 1 55 GLY 55 51 51 GLY GLY A . n 
A 1 56 GLY 56 52 52 GLY GLY A . n 
A 1 57 SER 57 53 53 SER SER A . n 
A 1 58 VAL 58 54 54 VAL VAL A . n 
A 1 59 HIS 59 55 55 HIS HIS A . n 
A 1 60 SER 60 56 56 SER SER A . n 
A 1 61 SER 61 57 57 SER SER A . n 
A 1 62 PRO 62 58 58 PRO PRO A . n 
A 1 63 ALA 63 59 59 ALA ALA A . n 
A 1 64 ILE 64 60 60 ILE ILE A . n 
A 1 65 GLY 65 61 61 GLY GLY A . n 
A 1 66 GLN 66 62 62 GLN GLN A . n 
A 1 67 ASP 67 63 63 ASP ASP A . n 
A 1 68 GLY 68 64 64 GLY GLY A . n 
A 1 69 THR 69 65 65 THR THR A . n 
A 1 70 ILE 70 66 66 ILE ILE A . n 
A 1 71 TYR 71 67 67 TYR TYR A . n 
A 1 72 VAL 72 68 68 VAL VAL A . n 
A 1 73 GLY 73 69 69 GLY GLY A . n 
A 1 74 SER 74 70 70 SER SER A . n 
A 1 75 ASN 75 71 71 ASN ASN A . n 
A 1 76 ASP 76 72 72 ASP ASP A . n 
A 1 77 HIS 77 73 73 HIS HIS A . n 
A 1 78 TYR 78 74 74 TYR TYR A . n 
A 1 79 LEU 79 75 75 LEU LEU A . n 
A 1 80 TYR 80 76 76 TYR TYR A . n 
A 1 81 ALA 81 77 77 ALA ALA A . n 
A 1 82 ILE 82 78 78 ILE ILE A . n 
A 1 83 ASN 83 79 79 ASN ASN A . n 
A 1 84 PRO 84 80 80 PRO PRO A . n 
A 1 85 GLY 85 81 ?  ?   ?   A . n 
# 
loop_
_pdbx_nonpoly_scheme.asym_id 
_pdbx_nonpoly_scheme.entity_id 
_pdbx_nonpoly_scheme.mon_id 
_pdbx_nonpoly_scheme.ndb_seq_num 
_pdbx_nonpoly_scheme.pdb_seq_num 
_pdbx_nonpoly_scheme.auth_seq_num 
_pdbx_nonpoly_scheme.pdb_mon_id 
_pdbx_nonpoly_scheme.auth_mon_id 
_pdbx_nonpoly_scheme.pdb_strand_id 
_pdbx_nonpoly_scheme.pdb_ins_code 
B 2 ZN  1  101 1  ZN  ZN  A . 
C 2 ZN  1  102 2  ZN  ZN  A . 
D 3 HOH 1  201 43 HOH HOH A . 
D 3 HOH 2  202 44 HOH HOH A . 
D 3 HOH 3  203 14 HOH HOH A . 
D 3 HOH 4  204 11 HOH HOH A . 
D 3 HOH 5  205 33 HOH HOH A . 
D 3 HOH 6  206 26 HOH HOH A . 
D 3 HOH 7  207 19 HOH HOH A . 
D 3 HOH 8  208 3  HOH HOH A . 
D 3 HOH 9  209 25 HOH HOH A . 
D 3 HOH 10 210 39 HOH HOH A . 
D 3 HOH 11 211 2  HOH HOH A . 
D 3 HOH 12 212 22 HOH HOH A . 
D 3 HOH 13 213 15 HOH HOH A . 
D 3 HOH 14 214 10 HOH HOH A . 
D 3 HOH 15 215 13 HOH HOH A . 
D 3 HOH 16 216 27 HOH HOH A . 
D 3 HOH 17 217 1  HOH HOH A . 
D 3 HOH 18 218 21 HOH HOH A . 
D 3 HOH 19 219 8  HOH HOH A . 
D 3 HOH 20 220 7  HOH HOH A . 
D 3 HOH 21 221 6  HOH HOH A . 
D 3 HOH 22 222 31 HOH HOH A . 
D 3 HOH 23 223 9  HOH HOH A . 
D 3 HOH 24 224 37 HOH HOH A . 
D 3 HOH 25 225 36 HOH HOH A . 
D 3 HOH 26 226 30 HOH HOH A . 
D 3 HOH 27 227 24 HOH HOH A . 
D 3 HOH 28 228 4  HOH HOH A . 
D 3 HOH 29 229 23 HOH HOH A . 
D 3 HOH 30 230 28 HOH HOH A . 
D 3 HOH 31 231 29 HOH HOH A . 
D 3 HOH 32 232 16 HOH HOH A . 
D 3 HOH 33 233 35 HOH HOH A . 
D 3 HOH 34 234 42 HOH HOH A . 
D 3 HOH 35 235 20 HOH HOH A . 
D 3 HOH 36 236 17 HOH HOH A . 
D 3 HOH 37 237 32 HOH HOH A . 
D 3 HOH 38 238 18 HOH HOH A . 
D 3 HOH 39 239 5  HOH HOH A . 
D 3 HOH 40 240 12 HOH HOH A . 
D 3 HOH 41 241 38 HOH HOH A . 
D 3 HOH 42 242 40 HOH HOH A . 
D 3 HOH 43 243 34 HOH HOH A . 
D 3 HOH 44 244 41 HOH HOH A . 
# 
loop_
_software.citation_id 
_software.classification 
_software.compiler_name 
_software.compiler_version 
_software.contact_author 
_software.contact_author_email 
_software.date 
_software.description 
_software.dependencies 
_software.hardware 
_software.language 
_software.location 
_software.mods 
_software.name 
_software.os 
_software.os_version 
_software.type 
_software.version 
_software.pdbx_ordinal 
? refinement       ? ? ? ? ? ? ? ? ? ? ? PHENIX  ? ? ? '(1.19.2_4158: ???)' 1 
? 'data scaling'   ? ? ? ? ? ? ? ? ? ? ? Aimless ? ? ? .                    2 
? 'data reduction' ? ? ? ? ? ? ? ? ? ? ? DIALS   ? ? ? .                    3 
? phasing          ? ? ? ? ? ? ? ? ? ? ? PHASER  ? ? ? .                    4 
# 
_cell.angle_alpha                  90.00 
_cell.angle_alpha_esd              ? 
_cell.angle_beta                   90.00 
_cell.angle_beta_esd               ? 
_cell.angle_gamma                  90.00 
_cell.angle_gamma_esd              ? 
_cell.entry_id                     8PRB 
_cell.details                      ? 
_cell.formula_units_Z              ? 
_cell.length_a                     54.633 
_cell.length_a_esd                 ? 
_cell.length_b                     54.633 
_cell.length_b_esd                 ? 
_cell.length_c                     109.161 
_cell.length_c_esd                 ? 
_cell.volume                       ? 
_cell.volume_esd                   ? 
_cell.Z_PDB                        16 
_cell.reciprocal_angle_alpha       ? 
_cell.reciprocal_angle_beta        ? 
_cell.reciprocal_angle_gamma       ? 
_cell.reciprocal_angle_alpha_esd   ? 
_cell.reciprocal_angle_beta_esd    ? 
_cell.reciprocal_angle_gamma_esd   ? 
_cell.reciprocal_length_a          ? 
_cell.reciprocal_length_b          ? 
_cell.reciprocal_length_c          ? 
_cell.reciprocal_length_a_esd      ? 
_cell.reciprocal_length_b_esd      ? 
_cell.reciprocal_length_c_esd      ? 
_cell.pdbx_unique_axis             ? 
_cell.pdbx_esd_method              ? 
# 
_symmetry.entry_id                         8PRB 
_symmetry.cell_setting                     ? 
_symmetry.Int_Tables_number                97 
_symmetry.space_group_name_Hall            ? 
_symmetry.space_group_name_H-M             'I 4 2 2' 
_symmetry.pdbx_full_space_group_name_H-M   ? 
# 
_exptl.absorpt_coefficient_mu     ? 
_exptl.absorpt_correction_T_max   ? 
_exptl.absorpt_correction_T_min   ? 
_exptl.absorpt_correction_type    ? 
_exptl.absorpt_process_details    ? 
_exptl.entry_id                   8PRB 
_exptl.crystals_number            1 
_exptl.details                    ? 
_exptl.method                     'X-RAY DIFFRACTION' 
_exptl.method_details             ? 
# 
_exptl_crystal.colour                       ? 
_exptl_crystal.density_diffrn               ? 
_exptl_crystal.density_Matthews             2.24 
_exptl_crystal.density_method               ? 
_exptl_crystal.density_percent_sol          44.99 
_exptl_crystal.description                  ? 
_exptl_crystal.F_000                        ? 
_exptl_crystal.id                           1 
_exptl_crystal.preparation                  ? 
_exptl_crystal.size_max                     ? 
_exptl_crystal.size_mid                     ? 
_exptl_crystal.size_min                     ? 
_exptl_crystal.size_rad                     ? 
_exptl_crystal.colour_lustre                ? 
_exptl_crystal.colour_modifier              ? 
_exptl_crystal.colour_primary               ? 
_exptl_crystal.density_meas                 ? 
_exptl_crystal.density_meas_esd             ? 
_exptl_crystal.density_meas_gt              ? 
_exptl_crystal.density_meas_lt              ? 
_exptl_crystal.density_meas_temp            ? 
_exptl_crystal.density_meas_temp_esd        ? 
_exptl_crystal.density_meas_temp_gt         ? 
_exptl_crystal.density_meas_temp_lt         ? 
_exptl_crystal.pdbx_crystal_image_url       ? 
_exptl_crystal.pdbx_crystal_image_format    ? 
_exptl_crystal.pdbx_mosaicity               ? 
_exptl_crystal.pdbx_mosaicity_esd           ? 
_exptl_crystal.pdbx_mosaic_method           ? 
_exptl_crystal.pdbx_mosaic_block_size       ? 
_exptl_crystal.pdbx_mosaic_block_size_esd   ? 
# 
_exptl_crystal_grow.apparatus       ? 
_exptl_crystal_grow.atmosphere      ? 
_exptl_crystal_grow.crystal_id      1 
_exptl_crystal_grow.details         ? 
_exptl_crystal_grow.method          'VAPOR DIFFUSION' 
_exptl_crystal_grow.method_ref      ? 
_exptl_crystal_grow.pH              6.5 
_exptl_crystal_grow.pressure        ? 
_exptl_crystal_grow.pressure_esd    ? 
_exptl_crystal_grow.seeding         ? 
_exptl_crystal_grow.seeding_ref     ? 
_exptl_crystal_grow.temp_details    ? 
_exptl_crystal_grow.temp_esd        ? 
_exptl_crystal_grow.time            ? 
_exptl_crystal_grow.pdbx_details    '0.0085 M Zinc sulfate, 0.085 M MES pH 6.5, 21.25 %(w/v) PEG 550 MME, 15 %(v/v) Glycerol' 
_exptl_crystal_grow.pdbx_pH_range   ? 
_exptl_crystal_grow.temp            293.15 
# 
_diffrn.ambient_environment              ? 
_diffrn.ambient_temp                     100 
_diffrn.ambient_temp_details             ? 
_diffrn.ambient_temp_esd                 ? 
_diffrn.crystal_id                       1 
_diffrn.crystal_support                  ? 
_diffrn.crystal_treatment                ? 
_diffrn.details                          ? 
_diffrn.id                               1 
_diffrn.ambient_pressure                 ? 
_diffrn.ambient_pressure_esd             ? 
_diffrn.ambient_pressure_gt              ? 
_diffrn.ambient_pressure_lt              ? 
_diffrn.ambient_temp_gt                  ? 
_diffrn.ambient_temp_lt                  ? 
_diffrn.pdbx_serial_crystal_experiment   N 
# 
_diffrn_detector.details                      ? 
_diffrn_detector.detector                     PIXEL 
_diffrn_detector.diffrn_id                    1 
_diffrn_detector.type                         'DECTRIS EIGER2 XE 16M' 
_diffrn_detector.area_resol_mean              ? 
_diffrn_detector.dtime                        ? 
_diffrn_detector.pdbx_frames_total            ? 
_diffrn_detector.pdbx_collection_time_total   ? 
_diffrn_detector.pdbx_collection_date         2020-07-30 
_diffrn_detector.pdbx_frequency               ? 
_diffrn_detector.id                           ? 
_diffrn_detector.number_of_axes               ? 
# 
_diffrn_radiation.collimation                      ? 
_diffrn_radiation.diffrn_id                        1 
_diffrn_radiation.filter_edge                      ? 
_diffrn_radiation.inhomogeneity                    ? 
_diffrn_radiation.monochromator                    ? 
_diffrn_radiation.polarisn_norm                    ? 
_diffrn_radiation.polarisn_ratio                   ? 
_diffrn_radiation.probe                            ? 
_diffrn_radiation.type                             ? 
_diffrn_radiation.xray_symbol                      ? 
_diffrn_radiation.wavelength_id                    1 
_diffrn_radiation.pdbx_monochromatic_or_laue_m_l   M 
_diffrn_radiation.pdbx_wavelength_list             ? 
_diffrn_radiation.pdbx_wavelength                  ? 
_diffrn_radiation.pdbx_diffrn_protocol             'SINGLE WAVELENGTH' 
_diffrn_radiation.pdbx_analyzer                    ? 
_diffrn_radiation.pdbx_scattering_type             x-ray 
# 
_diffrn_radiation_wavelength.id           1 
_diffrn_radiation_wavelength.wavelength   0.9763 
_diffrn_radiation_wavelength.wt           1.0 
# 
_diffrn_source.current                     ? 
_diffrn_source.details                     ? 
_diffrn_source.diffrn_id                   1 
_diffrn_source.power                       ? 
_diffrn_source.size                        ? 
_diffrn_source.source                      SYNCHROTRON 
_diffrn_source.target                      ? 
_diffrn_source.type                        'DIAMOND BEAMLINE I03' 
_diffrn_source.voltage                     ? 
_diffrn_source.take-off_angle              ? 
_diffrn_source.pdbx_wavelength_list        0.9763 
_diffrn_source.pdbx_wavelength             ? 
_diffrn_source.pdbx_synchrotron_beamline   I03 
_diffrn_source.pdbx_synchrotron_site       Diamond 
# 
_reflns.B_iso_Wilson_estimate                          ? 
_reflns.entry_id                                       8PRB 
_reflns.data_reduction_details                         ? 
_reflns.data_reduction_method                          ? 
_reflns.d_resolution_high                              1.80 
_reflns.d_resolution_low                               48.86 
_reflns.details                                        ? 
_reflns.limit_h_max                                    ? 
_reflns.limit_h_min                                    ? 
_reflns.limit_k_max                                    ? 
_reflns.limit_k_min                                    ? 
_reflns.limit_l_max                                    ? 
_reflns.limit_l_min                                    ? 
_reflns.number_all                                     ? 
_reflns.number_obs                                     8033 
_reflns.observed_criterion                             ? 
_reflns.observed_criterion_F_max                       ? 
_reflns.observed_criterion_F_min                       ? 
_reflns.observed_criterion_I_max                       ? 
_reflns.observed_criterion_I_min                       ? 
_reflns.observed_criterion_sigma_F                     ? 
_reflns.observed_criterion_sigma_I                     ? 
_reflns.percent_possible_obs                           100.0 
_reflns.R_free_details                                 ? 
_reflns.Rmerge_F_all                                   ? 
_reflns.Rmerge_F_obs                                   ? 
_reflns.Friedel_coverage                               ? 
_reflns.number_gt                                      ? 
_reflns.threshold_expression                           ? 
_reflns.pdbx_redundancy                                24.0 
_reflns.pdbx_netI_over_av_sigmaI                       ? 
_reflns.pdbx_netI_over_sigmaI                          18.2 
_reflns.pdbx_res_netI_over_av_sigmaI_2                 ? 
_reflns.pdbx_res_netI_over_sigmaI_2                    ? 
_reflns.pdbx_chi_squared                               0.93 
_reflns.pdbx_scaling_rejects                           ? 
_reflns.pdbx_d_res_high_opt                            ? 
_reflns.pdbx_d_res_low_opt                             ? 
_reflns.pdbx_d_res_opt_method                          ? 
_reflns.phase_calculation_details                      ? 
_reflns.pdbx_Rrim_I_all                                0.120 
_reflns.pdbx_Rpim_I_all                                0.024 
_reflns.pdbx_d_opt                                     ? 
_reflns.pdbx_number_measured_all                       192701 
_reflns.pdbx_diffrn_id                                 1 
_reflns.pdbx_ordinal                                   1 
_reflns.pdbx_CC_half                                   1.000 
_reflns.pdbx_CC_star                                   ? 
_reflns.pdbx_R_split                                   ? 
_reflns.pdbx_Rmerge_I_obs                              0.118 
_reflns.pdbx_Rmerge_I_all                              ? 
_reflns.pdbx_Rsym_value                                ? 
_reflns.pdbx_CC_split_method                           ? 
_reflns.pdbx_aniso_diffraction_limit_axis_1_ortho[1]   ? 
_reflns.pdbx_aniso_diffraction_limit_axis_1_ortho[2]   ? 
_reflns.pdbx_aniso_diffraction_limit_axis_1_ortho[3]   ? 
_reflns.pdbx_aniso_diffraction_limit_axis_2_ortho[1]   ? 
_reflns.pdbx_aniso_diffraction_limit_axis_2_ortho[2]   ? 
_reflns.pdbx_aniso_diffraction_limit_axis_2_ortho[3]   ? 
_reflns.pdbx_aniso_diffraction_limit_axis_3_ortho[1]   ? 
_reflns.pdbx_aniso_diffraction_limit_axis_3_ortho[2]   ? 
_reflns.pdbx_aniso_diffraction_limit_axis_3_ortho[3]   ? 
_reflns.pdbx_aniso_diffraction_limit_1                 ? 
_reflns.pdbx_aniso_diffraction_limit_2                 ? 
_reflns.pdbx_aniso_diffraction_limit_3                 ? 
_reflns.pdbx_aniso_B_tensor_eigenvector_1_ortho[1]     ? 
_reflns.pdbx_aniso_B_tensor_eigenvector_1_ortho[2]     ? 
_reflns.pdbx_aniso_B_tensor_eigenvector_1_ortho[3]     ? 
_reflns.pdbx_aniso_B_tensor_eigenvector_2_ortho[1]     ? 
_reflns.pdbx_aniso_B_tensor_eigenvector_2_ortho[2]     ? 
_reflns.pdbx_aniso_B_tensor_eigenvector_2_ortho[3]     ? 
_reflns.pdbx_aniso_B_tensor_eigenvector_3_ortho[1]     ? 
_reflns.pdbx_aniso_B_tensor_eigenvector_3_ortho[2]     ? 
_reflns.pdbx_aniso_B_tensor_eigenvector_3_ortho[3]     ? 
_reflns.pdbx_aniso_B_tensor_eigenvalue_1               ? 
_reflns.pdbx_aniso_B_tensor_eigenvalue_2               ? 
_reflns.pdbx_aniso_B_tensor_eigenvalue_3               ? 
_reflns.pdbx_orthogonalization_convention              ? 
_reflns.pdbx_percent_possible_ellipsoidal              ? 
_reflns.pdbx_percent_possible_spherical                ? 
_reflns.pdbx_percent_possible_ellipsoidal_anomalous    ? 
_reflns.pdbx_percent_possible_spherical_anomalous      ? 
_reflns.pdbx_redundancy_anomalous                      ? 
_reflns.pdbx_CC_half_anomalous                         ? 
_reflns.pdbx_absDiff_over_sigma_anomalous              ? 
_reflns.pdbx_percent_possible_anomalous                ? 
_reflns.pdbx_observed_signal_threshold                 ? 
_reflns.pdbx_signal_type                               ? 
_reflns.pdbx_signal_details                            ? 
_reflns.pdbx_signal_software_id                        ? 
# 
_reflns_shell.d_res_high                                    1.80 
_reflns_shell.d_res_low                                     1.84 
_reflns_shell.meanI_over_sigI_all                           ? 
_reflns_shell.meanI_over_sigI_obs                           ? 
_reflns_shell.number_measured_all                           11334 
_reflns_shell.number_measured_obs                           ? 
_reflns_shell.number_possible                               ? 
_reflns_shell.number_unique_all                             ? 
_reflns_shell.number_unique_obs                             451 
_reflns_shell.percent_possible_obs                          100.0 
_reflns_shell.Rmerge_F_all                                  ? 
_reflns_shell.Rmerge_F_obs                                  ? 
_reflns_shell.meanI_over_sigI_gt                            ? 
_reflns_shell.meanI_over_uI_all                             ? 
_reflns_shell.meanI_over_uI_gt                              ? 
_reflns_shell.number_measured_gt                            ? 
_reflns_shell.number_unique_gt                              ? 
_reflns_shell.percent_possible_gt                           ? 
_reflns_shell.Rmerge_F_gt                                   ? 
_reflns_shell.Rmerge_I_gt                                   ? 
_reflns_shell.pdbx_redundancy                               25.1 
_reflns_shell.pdbx_chi_squared                              0.98 
_reflns_shell.pdbx_netI_over_sigmaI_all                     ? 
_reflns_shell.pdbx_netI_over_sigmaI_obs                     3.2 
_reflns_shell.pdbx_Rrim_I_all                               1.189 
_reflns_shell.pdbx_Rpim_I_all                               0.236 
_reflns_shell.pdbx_rejects                                  ? 
_reflns_shell.pdbx_ordinal                                  1 
_reflns_shell.pdbx_diffrn_id                                1 
_reflns_shell.pdbx_CC_half                                  0.972 
_reflns_shell.pdbx_CC_star                                  ? 
_reflns_shell.pdbx_R_split                                  ? 
_reflns_shell.percent_possible_all                          ? 
_reflns_shell.Rmerge_I_all                                  ? 
_reflns_shell.Rmerge_I_obs                                  1.165 
_reflns_shell.pdbx_Rsym_value                               ? 
_reflns_shell.pdbx_percent_possible_ellipsoidal             ? 
_reflns_shell.pdbx_percent_possible_spherical               ? 
_reflns_shell.pdbx_percent_possible_ellipsoidal_anomalous   ? 
_reflns_shell.pdbx_percent_possible_spherical_anomalous     ? 
_reflns_shell.pdbx_redundancy_anomalous                     ? 
_reflns_shell.pdbx_CC_half_anomalous                        ? 
_reflns_shell.pdbx_absDiff_over_sigma_anomalous             ? 
_reflns_shell.pdbx_percent_possible_anomalous               ? 
# 
_refine.aniso_B[1][1]                            ? 
_refine.aniso_B[1][2]                            ? 
_refine.aniso_B[1][3]                            ? 
_refine.aniso_B[2][2]                            ? 
_refine.aniso_B[2][3]                            ? 
_refine.aniso_B[3][3]                            ? 
_refine.B_iso_max                                ? 
_refine.B_iso_mean                               ? 
_refine.B_iso_min                                ? 
_refine.correlation_coeff_Fo_to_Fc               ? 
_refine.correlation_coeff_Fo_to_Fc_free          ? 
_refine.details                                  ? 
_refine.diff_density_max                         ? 
_refine.diff_density_max_esd                     ? 
_refine.diff_density_min                         ? 
_refine.diff_density_min_esd                     ? 
_refine.diff_density_rms                         ? 
_refine.diff_density_rms_esd                     ? 
_refine.entry_id                                 8PRB 
_refine.pdbx_refine_id                           'X-RAY DIFFRACTION' 
_refine.ls_abs_structure_details                 ? 
_refine.ls_abs_structure_Flack                   ? 
_refine.ls_abs_structure_Flack_esd               ? 
_refine.ls_abs_structure_Rogers                  ? 
_refine.ls_abs_structure_Rogers_esd              ? 
_refine.ls_d_res_high                            1.80 
_refine.ls_d_res_low                             38.63 
_refine.ls_extinction_coef                       ? 
_refine.ls_extinction_coef_esd                   ? 
_refine.ls_extinction_expression                 ? 
_refine.ls_extinction_method                     ? 
_refine.ls_goodness_of_fit_all                   ? 
_refine.ls_goodness_of_fit_all_esd               ? 
_refine.ls_goodness_of_fit_obs                   ? 
_refine.ls_goodness_of_fit_obs_esd               ? 
_refine.ls_hydrogen_treatment                    ? 
_refine.ls_matrix_type                           ? 
_refine.ls_number_constraints                    ? 
_refine.ls_number_parameters                     ? 
_refine.ls_number_reflns_all                     ? 
_refine.ls_number_reflns_obs                     8030 
_refine.ls_number_reflns_R_free                  393 
_refine.ls_number_reflns_R_work                  ? 
_refine.ls_number_restraints                     ? 
_refine.ls_percent_reflns_obs                    99.99 
_refine.ls_percent_reflns_R_free                 4.89 
_refine.ls_R_factor_all                          ? 
_refine.ls_R_factor_obs                          0.2133 
_refine.ls_R_factor_R_free                       0.2293 
_refine.ls_R_factor_R_free_error                 ? 
_refine.ls_R_factor_R_free_error_details         ? 
_refine.ls_R_factor_R_work                       0.2125 
_refine.ls_R_Fsqd_factor_obs                     ? 
_refine.ls_R_I_factor_obs                        ? 
_refine.ls_redundancy_reflns_all                 ? 
_refine.ls_redundancy_reflns_obs                 ? 
_refine.ls_restrained_S_all                      ? 
_refine.ls_restrained_S_obs                      ? 
_refine.ls_shift_over_esd_max                    ? 
_refine.ls_shift_over_esd_mean                   ? 
_refine.ls_structure_factor_coef                 ? 
_refine.ls_weighting_details                     ? 
_refine.ls_weighting_scheme                      ? 
_refine.ls_wR_factor_all                         ? 
_refine.ls_wR_factor_obs                         ? 
_refine.ls_wR_factor_R_free                      ? 
_refine.ls_wR_factor_R_work                      ? 
_refine.occupancy_max                            ? 
_refine.occupancy_min                            ? 
_refine.solvent_model_details                    'FLAT BULK SOLVENT MODEL' 
_refine.solvent_model_param_bsol                 ? 
_refine.solvent_model_param_ksol                 ? 
_refine.pdbx_R_complete                          ? 
_refine.ls_R_factor_gt                           ? 
_refine.ls_goodness_of_fit_gt                    ? 
_refine.ls_goodness_of_fit_ref                   ? 
_refine.ls_shift_over_su_max                     ? 
_refine.ls_shift_over_su_max_lt                  ? 
_refine.ls_shift_over_su_mean                    ? 
_refine.ls_shift_over_su_mean_lt                 ? 
_refine.pdbx_ls_sigma_I                          ? 
_refine.pdbx_ls_sigma_F                          1.91 
_refine.pdbx_ls_sigma_Fsqd                       ? 
_refine.pdbx_data_cutoff_high_absF               ? 
_refine.pdbx_data_cutoff_high_rms_absF           ? 
_refine.pdbx_data_cutoff_low_absF                ? 
_refine.pdbx_isotropic_thermal_model             ? 
_refine.pdbx_ls_cross_valid_method               'FREE R-VALUE' 
_refine.pdbx_method_to_determine_struct          'MOLECULAR REPLACEMENT' 
_refine.pdbx_starting_model                      ? 
_refine.pdbx_stereochemistry_target_values       MLHL 
_refine.pdbx_R_Free_selection_details            ? 
_refine.pdbx_stereochem_target_val_spec_case     ? 
_refine.pdbx_overall_ESU_R                       ? 
_refine.pdbx_overall_ESU_R_Free                  ? 
_refine.pdbx_solvent_vdw_probe_radii             1.11 
_refine.pdbx_solvent_ion_probe_radii             ? 
_refine.pdbx_solvent_shrinkage_radii             0.90 
_refine.pdbx_real_space_R                        ? 
_refine.pdbx_density_correlation                 ? 
_refine.pdbx_pd_number_of_powder_patterns        ? 
_refine.pdbx_pd_number_of_points                 ? 
_refine.pdbx_pd_meas_number_of_points            ? 
_refine.pdbx_pd_proc_ls_prof_R_factor            ? 
_refine.pdbx_pd_proc_ls_prof_wR_factor           ? 
_refine.pdbx_pd_Marquardt_correlation_coeff      ? 
_refine.pdbx_pd_Fsqrd_R_factor                   ? 
_refine.pdbx_pd_ls_matrix_band_width             ? 
_refine.pdbx_overall_phase_error                 29.01 
_refine.pdbx_overall_SU_R_free_Cruickshank_DPI   ? 
_refine.pdbx_overall_SU_R_free_Blow_DPI          ? 
_refine.pdbx_overall_SU_R_Blow_DPI               ? 
_refine.pdbx_TLS_residual_ADP_flag               ? 
_refine.pdbx_diffrn_id                           1 
_refine.overall_SU_B                             ? 
_refine.overall_SU_ML                            0.21 
_refine.overall_SU_R_Cruickshank_DPI             ? 
_refine.overall_SU_R_free                        ? 
_refine.overall_FOM_free_R_set                   ? 
_refine.overall_FOM_work_R_set                   ? 
_refine.pdbx_average_fsc_overall                 ? 
_refine.pdbx_average_fsc_work                    ? 
_refine.pdbx_average_fsc_free                    ? 
# 
_refine_hist.pdbx_refine_id                   'X-RAY DIFFRACTION' 
_refine_hist.cycle_id                         LAST 
_refine_hist.pdbx_number_atoms_protein        612 
_refine_hist.pdbx_number_atoms_nucleic_acid   0 
_refine_hist.pdbx_number_atoms_ligand         2 
_refine_hist.number_atoms_solvent             44 
_refine_hist.number_atoms_total               658 
_refine_hist.d_res_high                       1.80 
_refine_hist.d_res_low                        38.63 
# 
loop_
_refine_ls_restr.pdbx_refine_id 
_refine_ls_restr.criterion 
_refine_ls_restr.dev_ideal 
_refine_ls_restr.dev_ideal_target 
_refine_ls_restr.number 
_refine_ls_restr.rejects 
_refine_ls_restr.type 
_refine_ls_restr.weight 
_refine_ls_restr.pdbx_restraint_function 
'X-RAY DIFFRACTION' ? 0.008 ? 655 ? f_bond_d           ? ? 
'X-RAY DIFFRACTION' ? 0.968 ? 893 ? f_angle_d          ? ? 
'X-RAY DIFFRACTION' ? 6.291 ? 89  ? f_dihedral_angle_d ? ? 
'X-RAY DIFFRACTION' ? 0.071 ? 88  ? f_chiral_restr     ? ? 
'X-RAY DIFFRACTION' ? 0.008 ? 117 ? f_plane_restr      ? ? 
# 
loop_
_refine_ls_shell.pdbx_refine_id 
_refine_ls_shell.d_res_high 
_refine_ls_shell.d_res_low 
_refine_ls_shell.number_reflns_all 
_refine_ls_shell.number_reflns_obs 
_refine_ls_shell.number_reflns_R_free 
_refine_ls_shell.number_reflns_R_work 
_refine_ls_shell.percent_reflns_obs 
_refine_ls_shell.percent_reflns_R_free 
_refine_ls_shell.R_factor_all 
_refine_ls_shell.R_factor_obs 
_refine_ls_shell.R_factor_R_free_error 
_refine_ls_shell.R_factor_R_work 
_refine_ls_shell.redundancy_reflns_all 
_refine_ls_shell.redundancy_reflns_obs 
_refine_ls_shell.wR_factor_all 
_refine_ls_shell.wR_factor_obs 
_refine_ls_shell.wR_factor_R_free 
_refine_ls_shell.wR_factor_R_work 
_refine_ls_shell.pdbx_R_complete 
_refine_ls_shell.pdbx_total_number_of_bins_used 
_refine_ls_shell.pdbx_phase_error 
_refine_ls_shell.pdbx_fsc_work 
_refine_ls_shell.pdbx_fsc_free 
_refine_ls_shell.R_factor_R_free 
'X-RAY DIFFRACTION' 1.80 2.06  . . 122 2473 100.00 . . . . 0.2044 . . . . . . . . . . . 0.2629 
'X-RAY DIFFRACTION' 2.06 2.60  . . 136 2516 100.00 . . . . 0.2102 . . . . . . . . . . . 0.2644 
'X-RAY DIFFRACTION' 2.60 38.63 . . 135 2648 100.00 . . . . 0.2149 . . . . . . . . . . . 0.2138 
# 
_struct.entry_id                     8PRB 
_struct.title                        'The structure of v13Bagel6' 
_struct.pdbx_model_details           ? 
_struct.pdbx_formula_weight          ? 
_struct.pdbx_formula_weight_method   ? 
_struct.pdbx_model_type_details      ? 
_struct.pdbx_CASP_flag               N 
# 
_struct_keywords.entry_id        8PRB 
_struct_keywords.text            'Protein design, symmetric, assembly, self-assembly, beta-propeller, BIOSYNTHETIC PROTEIN' 
_struct_keywords.pdbx_keywords   'BIOSYNTHETIC PROTEIN' 
# 
loop_
_struct_asym.id 
_struct_asym.pdbx_blank_PDB_chainid_flag 
_struct_asym.pdbx_modified 
_struct_asym.entity_id 
_struct_asym.details 
A N N 1 ? 
B N N 2 ? 
C N N 2 ? 
D N N 3 ? 
# 
_struct_ref.id                         1 
_struct_ref.db_name                    UNP 
_struct_ref.db_code                    B5YBJ6_DICT6 
_struct_ref.pdbx_db_accession          B5YBJ6 
_struct_ref.pdbx_db_isoform            ? 
_struct_ref.entity_id                  1 
_struct_ref.pdbx_seq_one_letter_code   
;DGTLKWKFKTGGSVHSSPAIGQDGTIYVGSDDHYLYAINPNGKLKWKFETGRPVHSSPAIGQDGTIYVGSMDHYLYAINP
D
;
_struct_ref.pdbx_align_begin           145 
# 
_struct_ref_seq.align_id                      1 
_struct_ref_seq.ref_id                        1 
_struct_ref_seq.pdbx_PDB_id_code              8PRB 
_struct_ref_seq.pdbx_strand_id                A 
_struct_ref_seq.seq_align_beg                 5 
_struct_ref_seq.pdbx_seq_align_beg_ins_code   ? 
_struct_ref_seq.seq_align_end                 85 
_struct_ref_seq.pdbx_seq_align_end_ins_code   ? 
_struct_ref_seq.pdbx_db_accession             B5YBJ6 
_struct_ref_seq.db_align_beg                  145 
_struct_ref_seq.pdbx_db_align_beg_ins_code    ? 
_struct_ref_seq.db_align_end                  225 
_struct_ref_seq.pdbx_db_align_end_ins_code    ? 
_struct_ref_seq.pdbx_auth_seq_align_beg       1 
_struct_ref_seq.pdbx_auth_seq_align_end       81 
# 
loop_
_struct_ref_seq_dif.align_id 
_struct_ref_seq_dif.pdbx_pdb_id_code 
_struct_ref_seq_dif.mon_id 
_struct_ref_seq_dif.pdbx_pdb_strand_id 
_struct_ref_seq_dif.seq_num 
_struct_ref_seq_dif.pdbx_pdb_ins_code 
_struct_ref_seq_dif.pdbx_seq_db_name 
_struct_ref_seq_dif.pdbx_seq_db_accession_code 
_struct_ref_seq_dif.db_mon_id 
_struct_ref_seq_dif.pdbx_seq_db_seq_num 
_struct_ref_seq_dif.details 
_struct_ref_seq_dif.pdbx_auth_seq_num 
_struct_ref_seq_dif.pdbx_ordinal 
1 8PRB GLY A 1  ? UNP B5YBJ6 ?   ?   'expression tag' -3 1  
1 8PRB SER A 2  ? UNP B5YBJ6 ?   ?   'expression tag' -2 2  
1 8PRB HIS A 3  ? UNP B5YBJ6 ?   ?   'expression tag' -1 3  
1 8PRB MET A 4  ? UNP B5YBJ6 ?   ?   'expression tag' 0  4  
1 8PRB ASN A 5  ? UNP B5YBJ6 ASP 145 conflict         1  5  
1 8PRB LYS A 7  ? UNP B5YBJ6 THR 147 conflict         3  6  
1 8PRB GLU A 13 ? UNP B5YBJ6 LYS 153 conflict         9  7  
1 8PRB ASN A 35 ? UNP B5YBJ6 ASP 175 conflict         31 8  
1 8PRB GLY A 56 ? UNP B5YBJ6 ARG 196 conflict         52 9  
1 8PRB SER A 57 ? UNP B5YBJ6 PRO 197 conflict         53 10 
1 8PRB ASN A 75 ? UNP B5YBJ6 MET 215 conflict         71 11 
1 8PRB GLY A 85 ? UNP B5YBJ6 ASP 225 conflict         81 12 
# 
_pdbx_struct_assembly.id                   1 
_pdbx_struct_assembly.details              author_defined_assembly 
_pdbx_struct_assembly.method_details       ? 
_pdbx_struct_assembly.oligomeric_details   tetrameric 
_pdbx_struct_assembly.oligomeric_count     4 
# 
loop_
_pdbx_struct_assembly_prop.biol_id 
_pdbx_struct_assembly_prop.type 
_pdbx_struct_assembly_prop.value 
_pdbx_struct_assembly_prop.details 
1 'ABSA (A^2)' 8380  ? 
1 MORE         -44   ? 
1 'SSA (A^2)'  11900 ? 
# 
_pdbx_struct_assembly_gen.assembly_id       1 
_pdbx_struct_assembly_gen.oper_expression   1,2,3,4 
_pdbx_struct_assembly_gen.asym_id_list      A,B,C,D 
# 
_pdbx_struct_assembly_auth_evidence.id                     1 
_pdbx_struct_assembly_auth_evidence.assembly_id            1 
_pdbx_struct_assembly_auth_evidence.experimental_support   none 
_pdbx_struct_assembly_auth_evidence.details                ? 
# 
loop_
_pdbx_struct_oper_list.id 
_pdbx_struct_oper_list.type 
_pdbx_struct_oper_list.name 
_pdbx_struct_oper_list.symmetry_operation 
_pdbx_struct_oper_list.matrix[1][1] 
_pdbx_struct_oper_list.matrix[1][2] 
_pdbx_struct_oper_list.matrix[1][3] 
_pdbx_struct_oper_list.vector[1] 
_pdbx_struct_oper_list.matrix[2][1] 
_pdbx_struct_oper_list.matrix[2][2] 
_pdbx_struct_oper_list.matrix[2][3] 
_pdbx_struct_oper_list.vector[2] 
_pdbx_struct_oper_list.matrix[3][1] 
_pdbx_struct_oper_list.matrix[3][2] 
_pdbx_struct_oper_list.matrix[3][3] 
_pdbx_struct_oper_list.vector[3] 
1 'identity operation'         1_555 x,y,z   1.0000000000 0.0000000000  0.0000000000  0.0000000000  0.0000000000  1.0000000000  0.0000000000  0.0000000000   0.0000000000  0.0000000000  1.0000000000  0.0000000000  
2 'crystal symmetry operation' 2_555 -x,-y,z 0.1726037224 -0.7993455080 -0.5755473168 6.3742384109  -0.7993455080 -0.4550987439 0.3923415503  -7.9396430977  -0.5755473168 0.3923415503  -0.7175049784 24.0136185687 
3 'crystal symmetry operation' 3_555 -y,x,z  0.5863018612 -0.7755018519 0.2341943751  -4.5720258770 -0.0238436562 0.2724506280  0.9618742825  -14.3612896657 -0.8097416919 -0.5695327322 0.1412475108  10.6306773451 
4 'crystal symmetry operation' 4_555 y,-x,z  0.5863018612 -0.0238436562 -0.8097416919 10.9462642879 -0.7755018519 0.2724506280  -0.5695327322 6.4216465681   0.2341943751  0.9618742825  0.1412475108  13.3829412235 
# 
loop_
_struct_conn.id 
_struct_conn.conn_type_id 
_struct_conn.pdbx_leaving_atom_flag 
_struct_conn.pdbx_PDB_id 
_struct_conn.ptnr1_label_asym_id 
_struct_conn.ptnr1_label_comp_id 
_struct_conn.ptnr1_label_seq_id 
_struct_conn.ptnr1_label_atom_id 
_struct_conn.pdbx_ptnr1_label_alt_id 
_struct_conn.pdbx_ptnr1_PDB_ins_code 
_struct_conn.pdbx_ptnr1_standard_comp_id 
_struct_conn.ptnr1_symmetry 
_struct_conn.ptnr2_label_asym_id 
_struct_conn.ptnr2_label_comp_id 
_struct_conn.ptnr2_label_seq_id 
_struct_conn.ptnr2_label_atom_id 
_struct_conn.pdbx_ptnr2_label_alt_id 
_struct_conn.pdbx_ptnr2_PDB_ins_code 
_struct_conn.ptnr1_auth_asym_id 
_struct_conn.ptnr1_auth_comp_id 
_struct_conn.ptnr1_auth_seq_id 
_struct_conn.ptnr2_auth_asym_id 
_struct_conn.ptnr2_auth_comp_id 
_struct_conn.ptnr2_auth_seq_id 
_struct_conn.ptnr2_symmetry 
_struct_conn.pdbx_ptnr3_label_atom_id 
_struct_conn.pdbx_ptnr3_label_seq_id 
_struct_conn.pdbx_ptnr3_label_comp_id 
_struct_conn.pdbx_ptnr3_label_asym_id 
_struct_conn.pdbx_ptnr3_label_alt_id 
_struct_conn.pdbx_ptnr3_PDB_ins_code 
_struct_conn.details 
_struct_conn.pdbx_dist_value 
_struct_conn.pdbx_value_order 
_struct_conn.pdbx_role 
metalc1  metalc ? ? A HIS 37 NE2 ? ? ? 1_555 C ZN  . ZN ? ? A HIS 33  A ZN  102 1_555 ? ? ? ? ? ? ? 2.247 ? ? 
metalc2  metalc ? ? A HIS 37 NE2 ? ? ? 1_555 C ZN  . ZN ? ? A HIS 33  A ZN  102 8_555 ? ? ? ? ? ? ? 2.008 ? ? 
metalc3  metalc ? ? A HIS 77 NE2 ? ? ? 1_555 B ZN  . ZN ? ? A HIS 73  A ZN  101 1_555 ? ? ? ? ? ? ? 2.230 ? ? 
metalc4  metalc ? ? A HIS 77 NE2 ? ? ? 1_555 B ZN  . ZN ? ? A HIS 73  A ZN  101 6_555 ? ? ? ? ? ? ? 1.946 ? ? 
metalc5  metalc ? ? B ZN  .  ZN  ? ? ? 1_555 D HOH . O  ? ? A ZN  101 A HOH 221 1_555 ? ? ? ? ? ? ? 2.125 ? ? 
metalc6  metalc ? ? B ZN  .  ZN  ? ? ? 1_555 D HOH . O  ? ? A ZN  101 A HOH 221 6_555 ? ? ? ? ? ? ? 2.149 ? ? 
metalc7  metalc ? ? B ZN  .  ZN  ? ? ? 1_555 D HOH . O  ? ? A ZN  101 A HOH 224 3_555 ? ? ? ? ? ? ? 1.976 ? ? 
metalc8  metalc ? ? C ZN  .  ZN  ? ? ? 1_555 D HOH . O  ? ? A ZN  102 A HOH 213 1_555 ? ? ? ? ? ? ? 2.238 ? ? 
metalc9  metalc ? ? C ZN  .  ZN  ? ? ? 1_555 D HOH . O  ? ? A ZN  102 A HOH 213 8_555 ? ? ? ? ? ? ? 2.176 ? ? 
metalc10 metalc ? ? C ZN  .  ZN  ? ? ? 1_555 D HOH . O  ? ? A ZN  102 A HOH 225 1_555 ? ? ? ? ? ? ? 1.973 ? ? 
metalc11 metalc ? ? C ZN  .  ZN  ? ? ? 1_555 D HOH . O  ? ? A ZN  102 A HOH 225 8_555 ? ? ? ? ? ? ? 1.973 ? ? 
# 
_struct_conn_type.id          metalc 
_struct_conn_type.criteria    ? 
_struct_conn_type.reference   ? 
# 
loop_
_pdbx_struct_conn_angle.id 
_pdbx_struct_conn_angle.ptnr1_label_atom_id 
_pdbx_struct_conn_angle.ptnr1_label_alt_id 
_pdbx_struct_conn_angle.ptnr1_label_asym_id 
_pdbx_struct_conn_angle.ptnr1_label_comp_id 
_pdbx_struct_conn_angle.ptnr1_label_seq_id 
_pdbx_struct_conn_angle.ptnr1_auth_atom_id 
_pdbx_struct_conn_angle.ptnr1_auth_asym_id 
_pdbx_struct_conn_angle.ptnr1_auth_comp_id 
_pdbx_struct_conn_angle.ptnr1_auth_seq_id 
_pdbx_struct_conn_angle.ptnr1_PDB_ins_code 
_pdbx_struct_conn_angle.ptnr1_symmetry 
_pdbx_struct_conn_angle.ptnr2_label_atom_id 
_pdbx_struct_conn_angle.ptnr2_label_alt_id 
_pdbx_struct_conn_angle.ptnr2_label_asym_id 
_pdbx_struct_conn_angle.ptnr2_label_comp_id 
_pdbx_struct_conn_angle.ptnr2_label_seq_id 
_pdbx_struct_conn_angle.ptnr2_auth_atom_id 
_pdbx_struct_conn_angle.ptnr2_auth_asym_id 
_pdbx_struct_conn_angle.ptnr2_auth_comp_id 
_pdbx_struct_conn_angle.ptnr2_auth_seq_id 
_pdbx_struct_conn_angle.ptnr2_PDB_ins_code 
_pdbx_struct_conn_angle.ptnr2_symmetry 
_pdbx_struct_conn_angle.ptnr3_label_atom_id 
_pdbx_struct_conn_angle.ptnr3_label_alt_id 
_pdbx_struct_conn_angle.ptnr3_label_asym_id 
_pdbx_struct_conn_angle.ptnr3_label_comp_id 
_pdbx_struct_conn_angle.ptnr3_label_seq_id 
_pdbx_struct_conn_angle.ptnr3_auth_atom_id 
_pdbx_struct_conn_angle.ptnr3_auth_asym_id 
_pdbx_struct_conn_angle.ptnr3_auth_comp_id 
_pdbx_struct_conn_angle.ptnr3_auth_seq_id 
_pdbx_struct_conn_angle.ptnr3_PDB_ins_code 
_pdbx_struct_conn_angle.ptnr3_symmetry 
_pdbx_struct_conn_angle.value 
_pdbx_struct_conn_angle.value_esd 
1  NE2 ? A HIS 37 ? A HIS 33  ? 1_555 ZN ? C ZN . ? A ZN 102 ? 1_555 NE2 ? A HIS 37 ? A HIS 33  ? 1_555 0.0   ? 
2  NE2 ? A HIS 37 ? A HIS 33  ? 1_555 ZN ? C ZN . ? A ZN 102 ? 1_555 O   ? D HOH .  ? A HOH 213 ? 1_555 85.8  ? 
3  NE2 ? A HIS 37 ? A HIS 33  ? 1_555 ZN ? C ZN . ? A ZN 102 ? 1_555 O   ? D HOH .  ? A HOH 213 ? 1_555 85.8  ? 
4  NE2 ? A HIS 37 ? A HIS 33  ? 1_555 ZN ? C ZN . ? A ZN 102 ? 1_555 O   ? D HOH .  ? A HOH 213 ? 8_555 92.2  ? 
5  NE2 ? A HIS 37 ? A HIS 33  ? 1_555 ZN ? C ZN . ? A ZN 102 ? 1_555 O   ? D HOH .  ? A HOH 213 ? 8_555 92.2  ? 
6  O   ? D HOH .  ? A HOH 213 ? 1_555 ZN ? C ZN . ? A ZN 102 ? 1_555 O   ? D HOH .  ? A HOH 213 ? 8_555 169.0 ? 
7  NE2 ? A HIS 37 ? A HIS 33  ? 1_555 ZN ? C ZN . ? A ZN 102 ? 1_555 O   ? D HOH .  ? A HOH 225 ? 1_555 118.1 ? 
8  NE2 ? A HIS 37 ? A HIS 33  ? 1_555 ZN ? C ZN . ? A ZN 102 ? 1_555 O   ? D HOH .  ? A HOH 225 ? 1_555 118.1 ? 
9  O   ? D HOH .  ? A HOH 213 ? 1_555 ZN ? C ZN . ? A ZN 102 ? 1_555 O   ? D HOH .  ? A HOH 225 ? 1_555 84.9  ? 
10 O   ? D HOH .  ? A HOH 213 ? 8_555 ZN ? C ZN . ? A ZN 102 ? 1_555 O   ? D HOH .  ? A HOH 225 ? 1_555 86.5  ? 
11 NE2 ? A HIS 37 ? A HIS 33  ? 1_555 ZN ? C ZN . ? A ZN 102 ? 1_555 O   ? D HOH .  ? A HOH 225 ? 8_555 118.1 ? 
12 NE2 ? A HIS 37 ? A HIS 33  ? 1_555 ZN ? C ZN . ? A ZN 102 ? 1_555 O   ? D HOH .  ? A HOH 225 ? 8_555 118.1 ? 
13 O   ? D HOH .  ? A HOH 213 ? 1_555 ZN ? C ZN . ? A ZN 102 ? 1_555 O   ? D HOH .  ? A HOH 225 ? 8_555 84.9  ? 
14 O   ? D HOH .  ? A HOH 213 ? 8_555 ZN ? C ZN . ? A ZN 102 ? 1_555 O   ? D HOH .  ? A HOH 225 ? 8_555 86.5  ? 
15 O   ? D HOH .  ? A HOH 225 ? 1_555 ZN ? C ZN . ? A ZN 102 ? 1_555 O   ? D HOH .  ? A HOH 225 ? 8_555 0.0   ? 
16 NE2 ? A HIS 77 ? A HIS 73  ? 1_555 ZN ? B ZN . ? A ZN 101 ? 1_555 NE2 ? A HIS 77 ? A HIS 73  ? 1_555 0.0   ? 
17 NE2 ? A HIS 77 ? A HIS 73  ? 1_555 ZN ? B ZN . ? A ZN 101 ? 1_555 O   ? D HOH .  ? A HOH 221 ? 1_555 93.4  ? 
18 NE2 ? A HIS 77 ? A HIS 73  ? 1_555 ZN ? B ZN . ? A ZN 101 ? 1_555 O   ? D HOH .  ? A HOH 221 ? 1_555 93.4  ? 
19 NE2 ? A HIS 77 ? A HIS 73  ? 1_555 ZN ? B ZN . ? A ZN 101 ? 1_555 O   ? D HOH .  ? A HOH 221 ? 6_555 87.1  ? 
20 NE2 ? A HIS 77 ? A HIS 73  ? 1_555 ZN ? B ZN . ? A ZN 101 ? 1_555 O   ? D HOH .  ? A HOH 221 ? 6_555 87.1  ? 
21 O   ? D HOH .  ? A HOH 221 ? 1_555 ZN ? B ZN . ? A ZN 101 ? 1_555 O   ? D HOH .  ? A HOH 221 ? 6_555 160.3 ? 
22 NE2 ? A HIS 77 ? A HIS 73  ? 1_555 ZN ? B ZN . ? A ZN 101 ? 1_555 O   ? D HOH .  ? A HOH 224 ? 3_555 113.3 ? 
23 NE2 ? A HIS 77 ? A HIS 73  ? 1_555 ZN ? B ZN . ? A ZN 101 ? 1_555 O   ? D HOH .  ? A HOH 224 ? 3_555 113.3 ? 
24 O   ? D HOH .  ? A HOH 221 ? 1_555 ZN ? B ZN . ? A ZN 101 ? 1_555 O   ? D HOH .  ? A HOH 224 ? 3_555 81.2  ? 
25 O   ? D HOH .  ? A HOH 221 ? 6_555 ZN ? B ZN . ? A ZN 101 ? 1_555 O   ? D HOH .  ? A HOH 224 ? 3_555 80.6  ? 
# 
loop_
_struct_sheet.id 
_struct_sheet.type 
_struct_sheet.number_strands 
_struct_sheet.details 
AA1 ? 4 ? 
AA2 ? 3 ? 
# 
loop_
_struct_sheet_order.sheet_id 
_struct_sheet_order.range_id_1 
_struct_sheet_order.range_id_2 
_struct_sheet_order.offset 
_struct_sheet_order.sense 
AA1 1 2 ? anti-parallel 
AA1 2 3 ? anti-parallel 
AA1 3 4 ? anti-parallel 
AA2 1 2 ? anti-parallel 
AA2 2 3 ? anti-parallel 
# 
loop_
_struct_sheet_range.sheet_id 
_struct_sheet_range.id 
_struct_sheet_range.beg_label_comp_id 
_struct_sheet_range.beg_label_asym_id 
_struct_sheet_range.beg_label_seq_id 
_struct_sheet_range.pdbx_beg_PDB_ins_code 
_struct_sheet_range.end_label_comp_id 
_struct_sheet_range.end_label_asym_id 
_struct_sheet_range.end_label_seq_id 
_struct_sheet_range.pdbx_end_PDB_ins_code 
_struct_sheet_range.beg_auth_comp_id 
_struct_sheet_range.beg_auth_asym_id 
_struct_sheet_range.beg_auth_seq_id 
_struct_sheet_range.end_auth_comp_id 
_struct_sheet_range.end_auth_asym_id 
_struct_sheet_range.end_auth_seq_id 
AA1 1 ALA A 23 ? ILE A 24 ? ALA A 19 ILE A 20 
AA1 2 ILE A 30 ? GLY A 33 ? ILE A 26 GLY A 29 
AA1 3 TYR A 38 ? ILE A 42 ? TYR A 34 ILE A 38 
AA1 4 LEU A 48 ? GLU A 53 ? LEU A 44 GLU A 49 
AA2 1 ALA A 63 ? ILE A 64 ? ALA A 59 ILE A 60 
AA2 2 ILE A 70 ? GLY A 73 ? ILE A 66 GLY A 69 
AA2 3 LEU A 79 ? ILE A 82 ? LEU A 75 ILE A 78 
# 
loop_
_pdbx_struct_sheet_hbond.sheet_id 
_pdbx_struct_sheet_hbond.range_id_1 
_pdbx_struct_sheet_hbond.range_id_2 
_pdbx_struct_sheet_hbond.range_1_label_atom_id 
_pdbx_struct_sheet_hbond.range_1_label_comp_id 
_pdbx_struct_sheet_hbond.range_1_label_asym_id 
_pdbx_struct_sheet_hbond.range_1_label_seq_id 
_pdbx_struct_sheet_hbond.range_1_PDB_ins_code 
_pdbx_struct_sheet_hbond.range_1_auth_atom_id 
_pdbx_struct_sheet_hbond.range_1_auth_comp_id 
_pdbx_struct_sheet_hbond.range_1_auth_asym_id 
_pdbx_struct_sheet_hbond.range_1_auth_seq_id 
_pdbx_struct_sheet_hbond.range_2_label_atom_id 
_pdbx_struct_sheet_hbond.range_2_label_comp_id 
_pdbx_struct_sheet_hbond.range_2_label_asym_id 
_pdbx_struct_sheet_hbond.range_2_label_seq_id 
_pdbx_struct_sheet_hbond.range_2_PDB_ins_code 
_pdbx_struct_sheet_hbond.range_2_auth_atom_id 
_pdbx_struct_sheet_hbond.range_2_auth_comp_id 
_pdbx_struct_sheet_hbond.range_2_auth_asym_id 
_pdbx_struct_sheet_hbond.range_2_auth_seq_id 
AA1 1 2 N ALA A 23 ? N ALA A 19 O TYR A 31 ? O TYR A 27 
AA1 2 3 N VAL A 32 ? N VAL A 28 O TYR A 40 ? O TYR A 36 
AA1 3 4 N ALA A 41 ? N ALA A 37 O LYS A 49 ? O LYS A 45 
AA2 1 2 N ALA A 63 ? N ALA A 59 O TYR A 71 ? O TYR A 67 
AA2 2 3 N ILE A 70 ? N ILE A 66 O ILE A 82 ? O ILE A 78 
# 
loop_
_pdbx_validate_torsion.id 
_pdbx_validate_torsion.PDB_model_num 
_pdbx_validate_torsion.auth_comp_id 
_pdbx_validate_torsion.auth_asym_id 
_pdbx_validate_torsion.auth_seq_id 
_pdbx_validate_torsion.PDB_ins_code 
_pdbx_validate_torsion.label_alt_id 
_pdbx_validate_torsion.phi 
_pdbx_validate_torsion.psi 
1 1 HIS A 33 ? ? 87.86 -3.63 
2 1 HIS A 73 ? ? 90.96 -7.95 
# 
loop_
_pdbx_struct_special_symmetry.id 
_pdbx_struct_special_symmetry.PDB_model_num 
_pdbx_struct_special_symmetry.auth_asym_id 
_pdbx_struct_special_symmetry.auth_comp_id 
_pdbx_struct_special_symmetry.auth_seq_id 
_pdbx_struct_special_symmetry.PDB_ins_code 
_pdbx_struct_special_symmetry.label_asym_id 
_pdbx_struct_special_symmetry.label_comp_id 
_pdbx_struct_special_symmetry.label_seq_id 
1 1 A ZN  101 ? B ZN  . 
2 1 A ZN  102 ? C ZN  . 
3 1 A HOH 224 ? D HOH . 
4 1 A HOH 225 ? D HOH . 
# 
_pdbx_entry_details.entry_id                 8PRB 
_pdbx_entry_details.has_ligand_of_interest   Y 
_pdbx_entry_details.compound_details         ? 
_pdbx_entry_details.source_details           ? 
_pdbx_entry_details.nonpolymer_details       ? 
_pdbx_entry_details.sequence_details         ? 
# 
loop_
_pdbx_unobs_or_zero_occ_residues.id 
_pdbx_unobs_or_zero_occ_residues.PDB_model_num 
_pdbx_unobs_or_zero_occ_residues.polymer_flag 
_pdbx_unobs_or_zero_occ_residues.occupancy_flag 
_pdbx_unobs_or_zero_occ_residues.auth_asym_id 
_pdbx_unobs_or_zero_occ_residues.auth_comp_id 
_pdbx_unobs_or_zero_occ_residues.auth_seq_id 
_pdbx_unobs_or_zero_occ_residues.PDB_ins_code 
_pdbx_unobs_or_zero_occ_residues.label_asym_id 
_pdbx_unobs_or_zero_occ_residues.label_comp_id 
_pdbx_unobs_or_zero_occ_residues.label_seq_id 
1 1 Y 1 A GLY -3 ? A GLY 1  
2 1 Y 1 A SER -2 ? A SER 2  
3 1 Y 1 A HIS -1 ? A HIS 3  
4 1 Y 1 A MET 0  ? A MET 4  
5 1 Y 1 A GLY 81 ? A GLY 85 
# 
loop_
_chem_comp_atom.comp_id 
_chem_comp_atom.atom_id 
_chem_comp_atom.type_symbol 
_chem_comp_atom.pdbx_aromatic_flag 
_chem_comp_atom.pdbx_stereo_config 
_chem_comp_atom.pdbx_ordinal 
ALA N    N  N N 1   
ALA CA   C  N S 2   
ALA C    C  N N 3   
ALA O    O  N N 4   
ALA CB   C  N N 5   
ALA OXT  O  N N 6   
ALA H    H  N N 7   
ALA H2   H  N N 8   
ALA HA   H  N N 9   
ALA HB1  H  N N 10  
ALA HB2  H  N N 11  
ALA HB3  H  N N 12  
ALA HXT  H  N N 13  
ARG N    N  N N 14  
ARG CA   C  N S 15  
ARG C    C  N N 16  
ARG O    O  N N 17  
ARG CB   C  N N 18  
ARG CG   C  N N 19  
ARG CD   C  N N 20  
ARG NE   N  N N 21  
ARG CZ   C  N N 22  
ARG NH1  N  N N 23  
ARG NH2  N  N N 24  
ARG OXT  O  N N 25  
ARG H    H  N N 26  
ARG H2   H  N N 27  
ARG HA   H  N N 28  
ARG HB2  H  N N 29  
ARG HB3  H  N N 30  
ARG HG2  H  N N 31  
ARG HG3  H  N N 32  
ARG HD2  H  N N 33  
ARG HD3  H  N N 34  
ARG HE   H  N N 35  
ARG HH11 H  N N 36  
ARG HH12 H  N N 37  
ARG HH21 H  N N 38  
ARG HH22 H  N N 39  
ARG HXT  H  N N 40  
ASN N    N  N N 41  
ASN CA   C  N S 42  
ASN C    C  N N 43  
ASN O    O  N N 44  
ASN CB   C  N N 45  
ASN CG   C  N N 46  
ASN OD1  O  N N 47  
ASN ND2  N  N N 48  
ASN OXT  O  N N 49  
ASN H    H  N N 50  
ASN H2   H  N N 51  
ASN HA   H  N N 52  
ASN HB2  H  N N 53  
ASN HB3  H  N N 54  
ASN HD21 H  N N 55  
ASN HD22 H  N N 56  
ASN HXT  H  N N 57  
ASP N    N  N N 58  
ASP CA   C  N S 59  
ASP C    C  N N 60  
ASP O    O  N N 61  
ASP CB   C  N N 62  
ASP CG   C  N N 63  
ASP OD1  O  N N 64  
ASP OD2  O  N N 65  
ASP OXT  O  N N 66  
ASP H    H  N N 67  
ASP H2   H  N N 68  
ASP HA   H  N N 69  
ASP HB2  H  N N 70  
ASP HB3  H  N N 71  
ASP HD2  H  N N 72  
ASP HXT  H  N N 73  
GLN N    N  N N 74  
GLN CA   C  N S 75  
GLN C    C  N N 76  
GLN O    O  N N 77  
GLN CB   C  N N 78  
GLN CG   C  N N 79  
GLN CD   C  N N 80  
GLN OE1  O  N N 81  
GLN NE2  N  N N 82  
GLN OXT  O  N N 83  
GLN H    H  N N 84  
GLN H2   H  N N 85  
GLN HA   H  N N 86  
GLN HB2  H  N N 87  
GLN HB3  H  N N 88  
GLN HG2  H  N N 89  
GLN HG3  H  N N 90  
GLN HE21 H  N N 91  
GLN HE22 H  N N 92  
GLN HXT  H  N N 93  
GLU N    N  N N 94  
GLU CA   C  N S 95  
GLU C    C  N N 96  
GLU O    O  N N 97  
GLU CB   C  N N 98  
GLU CG   C  N N 99  
GLU CD   C  N N 100 
GLU OE1  O  N N 101 
GLU OE2  O  N N 102 
GLU OXT  O  N N 103 
GLU H    H  N N 104 
GLU H2   H  N N 105 
GLU HA   H  N N 106 
GLU HB2  H  N N 107 
GLU HB3  H  N N 108 
GLU HG2  H  N N 109 
GLU HG3  H  N N 110 
GLU HE2  H  N N 111 
GLU HXT  H  N N 112 
GLY N    N  N N 113 
GLY CA   C  N N 114 
GLY C    C  N N 115 
GLY O    O  N N 116 
GLY OXT  O  N N 117 
GLY H    H  N N 118 
GLY H2   H  N N 119 
GLY HA2  H  N N 120 
GLY HA3  H  N N 121 
GLY HXT  H  N N 122 
HIS N    N  N N 123 
HIS CA   C  N S 124 
HIS C    C  N N 125 
HIS O    O  N N 126 
HIS CB   C  N N 127 
HIS CG   C  Y N 128 
HIS ND1  N  Y N 129 
HIS CD2  C  Y N 130 
HIS CE1  C  Y N 131 
HIS NE2  N  Y N 132 
HIS OXT  O  N N 133 
HIS H    H  N N 134 
HIS H2   H  N N 135 
HIS HA   H  N N 136 
HIS HB2  H  N N 137 
HIS HB3  H  N N 138 
HIS HD1  H  N N 139 
HIS HD2  H  N N 140 
HIS HE1  H  N N 141 
HIS HE2  H  N N 142 
HIS HXT  H  N N 143 
HOH O    O  N N 144 
HOH H1   H  N N 145 
HOH H2   H  N N 146 
ILE N    N  N N 147 
ILE CA   C  N S 148 
ILE C    C  N N 149 
ILE O    O  N N 150 
ILE CB   C  N S 151 
ILE CG1  C  N N 152 
ILE CG2  C  N N 153 
ILE CD1  C  N N 154 
ILE OXT  O  N N 155 
ILE H    H  N N 156 
ILE H2   H  N N 157 
ILE HA   H  N N 158 
ILE HB   H  N N 159 
ILE HG12 H  N N 160 
ILE HG13 H  N N 161 
ILE HG21 H  N N 162 
ILE HG22 H  N N 163 
ILE HG23 H  N N 164 
ILE HD11 H  N N 165 
ILE HD12 H  N N 166 
ILE HD13 H  N N 167 
ILE HXT  H  N N 168 
LEU N    N  N N 169 
LEU CA   C  N S 170 
LEU C    C  N N 171 
LEU O    O  N N 172 
LEU CB   C  N N 173 
LEU CG   C  N N 174 
LEU CD1  C  N N 175 
LEU CD2  C  N N 176 
LEU OXT  O  N N 177 
LEU H    H  N N 178 
LEU H2   H  N N 179 
LEU HA   H  N N 180 
LEU HB2  H  N N 181 
LEU HB3  H  N N 182 
LEU HG   H  N N 183 
LEU HD11 H  N N 184 
LEU HD12 H  N N 185 
LEU HD13 H  N N 186 
LEU HD21 H  N N 187 
LEU HD22 H  N N 188 
LEU HD23 H  N N 189 
LEU HXT  H  N N 190 
LYS N    N  N N 191 
LYS CA   C  N S 192 
LYS C    C  N N 193 
LYS O    O  N N 194 
LYS CB   C  N N 195 
LYS CG   C  N N 196 
LYS CD   C  N N 197 
LYS CE   C  N N 198 
LYS NZ   N  N N 199 
LYS OXT  O  N N 200 
LYS H    H  N N 201 
LYS H2   H  N N 202 
LYS HA   H  N N 203 
LYS HB2  H  N N 204 
LYS HB3  H  N N 205 
LYS HG2  H  N N 206 
LYS HG3  H  N N 207 
LYS HD2  H  N N 208 
LYS HD3  H  N N 209 
LYS HE2  H  N N 210 
LYS HE3  H  N N 211 
LYS HZ1  H  N N 212 
LYS HZ2  H  N N 213 
LYS HZ3  H  N N 214 
LYS HXT  H  N N 215 
MET N    N  N N 216 
MET CA   C  N S 217 
MET C    C  N N 218 
MET O    O  N N 219 
MET CB   C  N N 220 
MET CG   C  N N 221 
MET SD   S  N N 222 
MET CE   C  N N 223 
MET OXT  O  N N 224 
MET H    H  N N 225 
MET H2   H  N N 226 
MET HA   H  N N 227 
MET HB2  H  N N 228 
MET HB3  H  N N 229 
MET HG2  H  N N 230 
MET HG3  H  N N 231 
MET HE1  H  N N 232 
MET HE2  H  N N 233 
MET HE3  H  N N 234 
MET HXT  H  N N 235 
PHE N    N  N N 236 
PHE CA   C  N S 237 
PHE C    C  N N 238 
PHE O    O  N N 239 
PHE CB   C  N N 240 
PHE CG   C  Y N 241 
PHE CD1  C  Y N 242 
PHE CD2  C  Y N 243 
PHE CE1  C  Y N 244 
PHE CE2  C  Y N 245 
PHE CZ   C  Y N 246 
PHE OXT  O  N N 247 
PHE H    H  N N 248 
PHE H2   H  N N 249 
PHE HA   H  N N 250 
PHE HB2  H  N N 251 
PHE HB3  H  N N 252 
PHE HD1  H  N N 253 
PHE HD2  H  N N 254 
PHE HE1  H  N N 255 
PHE HE2  H  N N 256 
PHE HZ   H  N N 257 
PHE HXT  H  N N 258 
PRO N    N  N N 259 
PRO CA   C  N S 260 
PRO C    C  N N 261 
PRO O    O  N N 262 
PRO CB   C  N N 263 
PRO CG   C  N N 264 
PRO CD   C  N N 265 
PRO OXT  O  N N 266 
PRO H    H  N N 267 
PRO HA   H  N N 268 
PRO HB2  H  N N 269 
PRO HB3  H  N N 270 
PRO HG2  H  N N 271 
PRO HG3  H  N N 272 
PRO HD2  H  N N 273 
PRO HD3  H  N N 274 
PRO HXT  H  N N 275 
SER N    N  N N 276 
SER CA   C  N S 277 
SER C    C  N N 278 
SER O    O  N N 279 
SER CB   C  N N 280 
SER OG   O  N N 281 
SER OXT  O  N N 282 
SER H    H  N N 283 
SER H2   H  N N 284 
SER HA   H  N N 285 
SER HB2  H  N N 286 
SER HB3  H  N N 287 
SER HG   H  N N 288 
SER HXT  H  N N 289 
THR N    N  N N 290 
THR CA   C  N S 291 
THR C    C  N N 292 
THR O    O  N N 293 
THR CB   C  N R 294 
THR OG1  O  N N 295 
THR CG2  C  N N 296 
THR OXT  O  N N 297 
THR H    H  N N 298 
THR H2   H  N N 299 
THR HA   H  N N 300 
THR HB   H  N N 301 
THR HG1  H  N N 302 
THR HG21 H  N N 303 
THR HG22 H  N N 304 
THR HG23 H  N N 305 
THR HXT  H  N N 306 
TRP N    N  N N 307 
TRP CA   C  N S 308 
TRP C    C  N N 309 
TRP O    O  N N 310 
TRP CB   C  N N 311 
TRP CG   C  Y N 312 
TRP CD1  C  Y N 313 
TRP CD2  C  Y N 314 
TRP NE1  N  Y N 315 
TRP CE2  C  Y N 316 
TRP CE3  C  Y N 317 
TRP CZ2  C  Y N 318 
TRP CZ3  C  Y N 319 
TRP CH2  C  Y N 320 
TRP OXT  O  N N 321 
TRP H    H  N N 322 
TRP H2   H  N N 323 
TRP HA   H  N N 324 
TRP HB2  H  N N 325 
TRP HB3  H  N N 326 
TRP HD1  H  N N 327 
TRP HE1  H  N N 328 
TRP HE3  H  N N 329 
TRP HZ2  H  N N 330 
TRP HZ3  H  N N 331 
TRP HH2  H  N N 332 
TRP HXT  H  N N 333 
TYR N    N  N N 334 
TYR CA   C  N S 335 
TYR C    C  N N 336 
TYR O    O  N N 337 
TYR CB   C  N N 338 
TYR CG   C  Y N 339 
TYR CD1  C  Y N 340 
TYR CD2  C  Y N 341 
TYR CE1  C  Y N 342 
TYR CE2  C  Y N 343 
TYR CZ   C  Y N 344 
TYR OH   O  N N 345 
TYR OXT  O  N N 346 
TYR H    H  N N 347 
TYR H2   H  N N 348 
TYR HA   H  N N 349 
TYR HB2  H  N N 350 
TYR HB3  H  N N 351 
TYR HD1  H  N N 352 
TYR HD2  H  N N 353 
TYR HE1  H  N N 354 
TYR HE2  H  N N 355 
TYR HH   H  N N 356 
TYR HXT  H  N N 357 
VAL N    N  N N 358 
VAL CA   C  N S 359 
VAL C    C  N N 360 
VAL O    O  N N 361 
VAL CB   C  N N 362 
VAL CG1  C  N N 363 
VAL CG2  C  N N 364 
VAL OXT  O  N N 365 
VAL H    H  N N 366 
VAL H2   H  N N 367 
VAL HA   H  N N 368 
VAL HB   H  N N 369 
VAL HG11 H  N N 370 
VAL HG12 H  N N 371 
VAL HG13 H  N N 372 
VAL HG21 H  N N 373 
VAL HG22 H  N N 374 
VAL HG23 H  N N 375 
VAL HXT  H  N N 376 
ZN  ZN   ZN N N 377 
# 
loop_
_chem_comp_bond.comp_id 
_chem_comp_bond.atom_id_1 
_chem_comp_bond.atom_id_2 
_chem_comp_bond.value_order 
_chem_comp_bond.pdbx_aromatic_flag 
_chem_comp_bond.pdbx_stereo_config 
_chem_comp_bond.pdbx_ordinal 
ALA N   CA   sing N N 1   
ALA N   H    sing N N 2   
ALA N   H2   sing N N 3   
ALA CA  C    sing N N 4   
ALA CA  CB   sing N N 5   
ALA CA  HA   sing N N 6   
ALA C   O    doub N N 7   
ALA C   OXT  sing N N 8   
ALA CB  HB1  sing N N 9   
ALA CB  HB2  sing N N 10  
ALA CB  HB3  sing N N 11  
ALA OXT HXT  sing N N 12  
ARG N   CA   sing N N 13  
ARG N   H    sing N N 14  
ARG N   H2   sing N N 15  
ARG CA  C    sing N N 16  
ARG CA  CB   sing N N 17  
ARG CA  HA   sing N N 18  
ARG C   O    doub N N 19  
ARG C   OXT  sing N N 20  
ARG CB  CG   sing N N 21  
ARG CB  HB2  sing N N 22  
ARG CB  HB3  sing N N 23  
ARG CG  CD   sing N N 24  
ARG CG  HG2  sing N N 25  
ARG CG  HG3  sing N N 26  
ARG CD  NE   sing N N 27  
ARG CD  HD2  sing N N 28  
ARG CD  HD3  sing N N 29  
ARG NE  CZ   sing N N 30  
ARG NE  HE   sing N N 31  
ARG CZ  NH1  sing N N 32  
ARG CZ  NH2  doub N N 33  
ARG NH1 HH11 sing N N 34  
ARG NH1 HH12 sing N N 35  
ARG NH2 HH21 sing N N 36  
ARG NH2 HH22 sing N N 37  
ARG OXT HXT  sing N N 38  
ASN N   CA   sing N N 39  
ASN N   H    sing N N 40  
ASN N   H2   sing N N 41  
ASN CA  C    sing N N 42  
ASN CA  CB   sing N N 43  
ASN CA  HA   sing N N 44  
ASN C   O    doub N N 45  
ASN C   OXT  sing N N 46  
ASN CB  CG   sing N N 47  
ASN CB  HB2  sing N N 48  
ASN CB  HB3  sing N N 49  
ASN CG  OD1  doub N N 50  
ASN CG  ND2  sing N N 51  
ASN ND2 HD21 sing N N 52  
ASN ND2 HD22 sing N N 53  
ASN OXT HXT  sing N N 54  
ASP N   CA   sing N N 55  
ASP N   H    sing N N 56  
ASP N   H2   sing N N 57  
ASP CA  C    sing N N 58  
ASP CA  CB   sing N N 59  
ASP CA  HA   sing N N 60  
ASP C   O    doub N N 61  
ASP C   OXT  sing N N 62  
ASP CB  CG   sing N N 63  
ASP CB  HB2  sing N N 64  
ASP CB  HB3  sing N N 65  
ASP CG  OD1  doub N N 66  
ASP CG  OD2  sing N N 67  
ASP OD2 HD2  sing N N 68  
ASP OXT HXT  sing N N 69  
GLN N   CA   sing N N 70  
GLN N   H    sing N N 71  
GLN N   H2   sing N N 72  
GLN CA  C    sing N N 73  
GLN CA  CB   sing N N 74  
GLN CA  HA   sing N N 75  
GLN C   O    doub N N 76  
GLN C   OXT  sing N N 77  
GLN CB  CG   sing N N 78  
GLN CB  HB2  sing N N 79  
GLN CB  HB3  sing N N 80  
GLN CG  CD   sing N N 81  
GLN CG  HG2  sing N N 82  
GLN CG  HG3  sing N N 83  
GLN CD  OE1  doub N N 84  
GLN CD  NE2  sing N N 85  
GLN NE2 HE21 sing N N 86  
GLN NE2 HE22 sing N N 87  
GLN OXT HXT  sing N N 88  
GLU N   CA   sing N N 89  
GLU N   H    sing N N 90  
GLU N   H2   sing N N 91  
GLU CA  C    sing N N 92  
GLU CA  CB   sing N N 93  
GLU CA  HA   sing N N 94  
GLU C   O    doub N N 95  
GLU C   OXT  sing N N 96  
GLU CB  CG   sing N N 97  
GLU CB  HB2  sing N N 98  
GLU CB  HB3  sing N N 99  
GLU CG  CD   sing N N 100 
GLU CG  HG2  sing N N 101 
GLU CG  HG3  sing N N 102 
GLU CD  OE1  doub N N 103 
GLU CD  OE2  sing N N 104 
GLU OE2 HE2  sing N N 105 
GLU OXT HXT  sing N N 106 
GLY N   CA   sing N N 107 
GLY N   H    sing N N 108 
GLY N   H2   sing N N 109 
GLY CA  C    sing N N 110 
GLY CA  HA2  sing N N 111 
GLY CA  HA3  sing N N 112 
GLY C   O    doub N N 113 
GLY C   OXT  sing N N 114 
GLY OXT HXT  sing N N 115 
HIS N   CA   sing N N 116 
HIS N   H    sing N N 117 
HIS N   H2   sing N N 118 
HIS CA  C    sing N N 119 
HIS CA  CB   sing N N 120 
HIS CA  HA   sing N N 121 
HIS C   O    doub N N 122 
HIS C   OXT  sing N N 123 
HIS CB  CG   sing N N 124 
HIS CB  HB2  sing N N 125 
HIS CB  HB3  sing N N 126 
HIS CG  ND1  sing Y N 127 
HIS CG  CD2  doub Y N 128 
HIS ND1 CE1  doub Y N 129 
HIS ND1 HD1  sing N N 130 
HIS CD2 NE2  sing Y N 131 
HIS CD2 HD2  sing N N 132 
HIS CE1 NE2  sing Y N 133 
HIS CE1 HE1  sing N N 134 
HIS NE2 HE2  sing N N 135 
HIS OXT HXT  sing N N 136 
HOH O   H1   sing N N 137 
HOH O   H2   sing N N 138 
ILE N   CA   sing N N 139 
ILE N   H    sing N N 140 
ILE N   H2   sing N N 141 
ILE CA  C    sing N N 142 
ILE CA  CB   sing N N 143 
ILE CA  HA   sing N N 144 
ILE C   O    doub N N 145 
ILE C   OXT  sing N N 146 
ILE CB  CG1  sing N N 147 
ILE CB  CG2  sing N N 148 
ILE CB  HB   sing N N 149 
ILE CG1 CD1  sing N N 150 
ILE CG1 HG12 sing N N 151 
ILE CG1 HG13 sing N N 152 
ILE CG2 HG21 sing N N 153 
ILE CG2 HG22 sing N N 154 
ILE CG2 HG23 sing N N 155 
ILE CD1 HD11 sing N N 156 
ILE CD1 HD12 sing N N 157 
ILE CD1 HD13 sing N N 158 
ILE OXT HXT  sing N N 159 
LEU N   CA   sing N N 160 
LEU N   H    sing N N 161 
LEU N   H2   sing N N 162 
LEU CA  C    sing N N 163 
LEU CA  CB   sing N N 164 
LEU CA  HA   sing N N 165 
LEU C   O    doub N N 166 
LEU C   OXT  sing N N 167 
LEU CB  CG   sing N N 168 
LEU CB  HB2  sing N N 169 
LEU CB  HB3  sing N N 170 
LEU CG  CD1  sing N N 171 
LEU CG  CD2  sing N N 172 
LEU CG  HG   sing N N 173 
LEU CD1 HD11 sing N N 174 
LEU CD1 HD12 sing N N 175 
LEU CD1 HD13 sing N N 176 
LEU CD2 HD21 sing N N 177 
LEU CD2 HD22 sing N N 178 
LEU CD2 HD23 sing N N 179 
LEU OXT HXT  sing N N 180 
LYS N   CA   sing N N 181 
LYS N   H    sing N N 182 
LYS N   H2   sing N N 183 
LYS CA  C    sing N N 184 
LYS CA  CB   sing N N 185 
LYS CA  HA   sing N N 186 
LYS C   O    doub N N 187 
LYS C   OXT  sing N N 188 
LYS CB  CG   sing N N 189 
LYS CB  HB2  sing N N 190 
LYS CB  HB3  sing N N 191 
LYS CG  CD   sing N N 192 
LYS CG  HG2  sing N N 193 
LYS CG  HG3  sing N N 194 
LYS CD  CE   sing N N 195 
LYS CD  HD2  sing N N 196 
LYS CD  HD3  sing N N 197 
LYS CE  NZ   sing N N 198 
LYS CE  HE2  sing N N 199 
LYS CE  HE3  sing N N 200 
LYS NZ  HZ1  sing N N 201 
LYS NZ  HZ2  sing N N 202 
LYS NZ  HZ3  sing N N 203 
LYS OXT HXT  sing N N 204 
MET N   CA   sing N N 205 
MET N   H    sing N N 206 
MET N   H2   sing N N 207 
MET CA  C    sing N N 208 
MET CA  CB   sing N N 209 
MET CA  HA   sing N N 210 
MET C   O    doub N N 211 
MET C   OXT  sing N N 212 
MET CB  CG   sing N N 213 
MET CB  HB2  sing N N 214 
MET CB  HB3  sing N N 215 
MET CG  SD   sing N N 216 
MET CG  HG2  sing N N 217 
MET CG  HG3  sing N N 218 
MET SD  CE   sing N N 219 
MET CE  HE1  sing N N 220 
MET CE  HE2  sing N N 221 
MET CE  HE3  sing N N 222 
MET OXT HXT  sing N N 223 
PHE N   CA   sing N N 224 
PHE N   H    sing N N 225 
PHE N   H2   sing N N 226 
PHE CA  C    sing N N 227 
PHE CA  CB   sing N N 228 
PHE CA  HA   sing N N 229 
PHE C   O    doub N N 230 
PHE C   OXT  sing N N 231 
PHE CB  CG   sing N N 232 
PHE CB  HB2  sing N N 233 
PHE CB  HB3  sing N N 234 
PHE CG  CD1  doub Y N 235 
PHE CG  CD2  sing Y N 236 
PHE CD1 CE1  sing Y N 237 
PHE CD1 HD1  sing N N 238 
PHE CD2 CE2  doub Y N 239 
PHE CD2 HD2  sing N N 240 
PHE CE1 CZ   doub Y N 241 
PHE CE1 HE1  sing N N 242 
PHE CE2 CZ   sing Y N 243 
PHE CE2 HE2  sing N N 244 
PHE CZ  HZ   sing N N 245 
PHE OXT HXT  sing N N 246 
PRO N   CA   sing N N 247 
PRO N   CD   sing N N 248 
PRO N   H    sing N N 249 
PRO CA  C    sing N N 250 
PRO CA  CB   sing N N 251 
PRO CA  HA   sing N N 252 
PRO C   O    doub N N 253 
PRO C   OXT  sing N N 254 
PRO CB  CG   sing N N 255 
PRO CB  HB2  sing N N 256 
PRO CB  HB3  sing N N 257 
PRO CG  CD   sing N N 258 
PRO CG  HG2  sing N N 259 
PRO CG  HG3  sing N N 260 
PRO CD  HD2  sing N N 261 
PRO CD  HD3  sing N N 262 
PRO OXT HXT  sing N N 263 
SER N   CA   sing N N 264 
SER N   H    sing N N 265 
SER N   H2   sing N N 266 
SER CA  C    sing N N 267 
SER CA  CB   sing N N 268 
SER CA  HA   sing N N 269 
SER C   O    doub N N 270 
SER C   OXT  sing N N 271 
SER CB  OG   sing N N 272 
SER CB  HB2  sing N N 273 
SER CB  HB3  sing N N 274 
SER OG  HG   sing N N 275 
SER OXT HXT  sing N N 276 
THR N   CA   sing N N 277 
THR N   H    sing N N 278 
THR N   H2   sing N N 279 
THR CA  C    sing N N 280 
THR CA  CB   sing N N 281 
THR CA  HA   sing N N 282 
THR C   O    doub N N 283 
THR C   OXT  sing N N 284 
THR CB  OG1  sing N N 285 
THR CB  CG2  sing N N 286 
THR CB  HB   sing N N 287 
THR OG1 HG1  sing N N 288 
THR CG2 HG21 sing N N 289 
THR CG2 HG22 sing N N 290 
THR CG2 HG23 sing N N 291 
THR OXT HXT  sing N N 292 
TRP N   CA   sing N N 293 
TRP N   H    sing N N 294 
TRP N   H2   sing N N 295 
TRP CA  C    sing N N 296 
TRP CA  CB   sing N N 297 
TRP CA  HA   sing N N 298 
TRP C   O    doub N N 299 
TRP C   OXT  sing N N 300 
TRP CB  CG   sing N N 301 
TRP CB  HB2  sing N N 302 
TRP CB  HB3  sing N N 303 
TRP CG  CD1  doub Y N 304 
TRP CG  CD2  sing Y N 305 
TRP CD1 NE1  sing Y N 306 
TRP CD1 HD1  sing N N 307 
TRP CD2 CE2  doub Y N 308 
TRP CD2 CE3  sing Y N 309 
TRP NE1 CE2  sing Y N 310 
TRP NE1 HE1  sing N N 311 
TRP CE2 CZ2  sing Y N 312 
TRP CE3 CZ3  doub Y N 313 
TRP CE3 HE3  sing N N 314 
TRP CZ2 CH2  doub Y N 315 
TRP CZ2 HZ2  sing N N 316 
TRP CZ3 CH2  sing Y N 317 
TRP CZ3 HZ3  sing N N 318 
TRP CH2 HH2  sing N N 319 
TRP OXT HXT  sing N N 320 
TYR N   CA   sing N N 321 
TYR N   H    sing N N 322 
TYR N   H2   sing N N 323 
TYR CA  C    sing N N 324 
TYR CA  CB   sing N N 325 
TYR CA  HA   sing N N 326 
TYR C   O    doub N N 327 
TYR C   OXT  sing N N 328 
TYR CB  CG   sing N N 329 
TYR CB  HB2  sing N N 330 
TYR CB  HB3  sing N N 331 
TYR CG  CD1  doub Y N 332 
TYR CG  CD2  sing Y N 333 
TYR CD1 CE1  sing Y N 334 
TYR CD1 HD1  sing N N 335 
TYR CD2 CE2  doub Y N 336 
TYR CD2 HD2  sing N N 337 
TYR CE1 CZ   doub Y N 338 
TYR CE1 HE1  sing N N 339 
TYR CE2 CZ   sing Y N 340 
TYR CE2 HE2  sing N N 341 
TYR CZ  OH   sing N N 342 
TYR OH  HH   sing N N 343 
TYR OXT HXT  sing N N 344 
VAL N   CA   sing N N 345 
VAL N   H    sing N N 346 
VAL N   H2   sing N N 347 
VAL CA  C    sing N N 348 
VAL CA  CB   sing N N 349 
VAL CA  HA   sing N N 350 
VAL C   O    doub N N 351 
VAL C   OXT  sing N N 352 
VAL CB  CG1  sing N N 353 
VAL CB  CG2  sing N N 354 
VAL CB  HB   sing N N 355 
VAL CG1 HG11 sing N N 356 
VAL CG1 HG12 sing N N 357 
VAL CG1 HG13 sing N N 358 
VAL CG2 HG21 sing N N 359 
VAL CG2 HG22 sing N N 360 
VAL CG2 HG23 sing N N 361 
VAL OXT HXT  sing N N 362 
# 
_pdbx_audit_support.funding_organization   'Research Foundation - Flanders (FWO)' 
_pdbx_audit_support.country                Belgium 
_pdbx_audit_support.grant_number           1235722N 
_pdbx_audit_support.ordinal                1 
# 
_pdbx_entity_instance_feature.ordinal        1 
_pdbx_entity_instance_feature.comp_id        ZN 
_pdbx_entity_instance_feature.asym_id        ? 
_pdbx_entity_instance_feature.seq_num        ? 
_pdbx_entity_instance_feature.auth_comp_id   ZN 
_pdbx_entity_instance_feature.auth_asym_id   ? 
_pdbx_entity_instance_feature.auth_seq_num   ? 
_pdbx_entity_instance_feature.feature_type   'SUBJECT OF INVESTIGATION' 
_pdbx_entity_instance_feature.details        ? 
# 
_atom_sites.entry_id                    8PRB 
_atom_sites.Cartn_transf_matrix[1][1]   ? 
_atom_sites.Cartn_transf_matrix[1][2]   ? 
_atom_sites.Cartn_transf_matrix[1][3]   ? 
_atom_sites.Cartn_transf_matrix[2][1]   ? 
_atom_sites.Cartn_transf_matrix[2][2]   ? 
_atom_sites.Cartn_transf_matrix[2][3]   ? 
_atom_sites.Cartn_transf_matrix[3][1]   ? 
_atom_sites.Cartn_transf_matrix[3][2]   ? 
_atom_sites.Cartn_transf_matrix[3][3]   ? 
_atom_sites.Cartn_transf_vector[1]      ? 
_atom_sites.Cartn_transf_vector[2]      ? 
_atom_sites.Cartn_transf_vector[3]      ? 
_atom_sites.fract_transf_matrix[1][1]   0.01165018 
_atom_sites.fract_transf_matrix[1][2]   0.00971422 
_atom_sites.fract_transf_matrix[1][3]   0.01024420 
_atom_sites.fract_transf_matrix[2][1]   0.00169626 
_atom_sites.fract_transf_matrix[2][2]   0.01222249 
_atom_sites.fract_transf_matrix[2][3]   -0.01351924 
_atom_sites.fract_transf_matrix[3][1]   -0.00701461 
_atom_sites.fract_transf_matrix[3][2]   0.00478175 
_atom_sites.fract_transf_matrix[3][3]   0.00344297 
_atom_sites.fract_transf_vector[1]      -0.121567 
_atom_sites.fract_transf_vector[2]      0.205438 
_atom_sites.fract_transf_vector[3]      -0.140542 
_atom_sites.solution_primary            ? 
_atom_sites.solution_secondary          ? 
_atom_sites.solution_hydrogens          ? 
_atom_sites.special_details             ? 
# 
loop_
_atom_type.symbol 
C  
N  
O  
ZN 
# 
loop_
_atom_site.group_PDB 
_atom_site.id 
_atom_site.type_symbol 
_atom_site.label_atom_id 
_atom_site.label_alt_id 
_atom_site.label_comp_id 
_atom_site.label_asym_id 
_atom_site.label_entity_id 
_atom_site.label_seq_id 
_atom_site.pdbx_PDB_ins_code 
_atom_site.Cartn_x 
_atom_site.Cartn_y 
_atom_site.Cartn_z 
_atom_site.occupancy 
_atom_site.B_iso_or_equiv 
_atom_site.pdbx_formal_charge 
_atom_site.auth_seq_id 
_atom_site.auth_comp_id 
_atom_site.auth_asym_id 
_atom_site.auth_atom_id 
_atom_site.pdbx_PDB_model_num 
ATOM   1   N  N   . ASN A 1 5  ? 20.186  10.484  5.414   1.00 33.72 ? 1   ASN A N   1 
ATOM   2   C  CA  . ASN A 1 5  ? 20.694  11.629  6.153   1.00 34.46 ? 1   ASN A CA  1 
ATOM   3   C  C   . ASN A 1 5  ? 19.524  12.471  6.683   1.00 30.15 ? 1   ASN A C   1 
ATOM   4   O  O   . ASN A 1 5  ? 19.730  13.550  7.232   1.00 29.08 ? 1   ASN A O   1 
ATOM   5   C  CB  . ASN A 1 5  ? 21.589  12.455  5.252   1.00 31.67 ? 1   ASN A CB  1 
ATOM   6   C  CG  . ASN A 1 5  ? 20.912  12.776  3.963   1.00 34.83 ? 1   ASN A CG  1 
ATOM   7   O  OD1 . ASN A 1 5  ? 19.720  12.509  3.808   1.00 27.61 ? 1   ASN A OD1 1 
ATOM   8   N  ND2 . ASN A 1 5  ? 21.639  13.373  3.037   1.00 30.43 ? 1   ASN A ND2 1 
ATOM   9   N  N   . GLY A 1 6  ? 18.295  11.977  6.507   1.00 24.35 ? 2   GLY A N   1 
ATOM   10  C  CA  . GLY A 1 6  ? 17.130  12.671  7.016   1.00 24.88 ? 2   GLY A CA  1 
ATOM   11  C  C   . GLY A 1 6  ? 16.562  13.746  6.115   1.00 26.00 ? 2   GLY A C   1 
ATOM   12  O  O   . GLY A 1 6  ? 15.707  14.523  6.562   1.00 27.84 ? 2   GLY A O   1 
ATOM   13  N  N   . LYS A 1 7  ? 17.009  13.827  4.868   1.00 23.50 ? 3   LYS A N   1 
ATOM   14  C  CA  . LYS A 1 7  ? 16.410  14.748  3.911   1.00 25.15 ? 3   LYS A CA  1 
ATOM   15  C  C   . LYS A 1 7  ? 15.310  14.043  3.141   1.00 25.79 ? 3   LYS A C   1 
ATOM   16  O  O   . LYS A 1 7  ? 15.418  12.853  2.828   1.00 26.33 ? 3   LYS A O   1 
ATOM   17  C  CB  . LYS A 1 7  ? 17.451  15.307  2.934   1.00 32.58 ? 3   LYS A CB  1 
ATOM   18  C  CG  . LYS A 1 7  ? 18.691  15.894  3.607   1.00 36.05 ? 3   LYS A CG  1 
ATOM   19  C  CD  . LYS A 1 7  ? 18.309  17.141  4.426   1.00 41.97 ? 3   LYS A CD  1 
ATOM   20  C  CE  . LYS A 1 7  ? 19.269  17.406  5.579   1.00 45.55 ? 3   LYS A CE  1 
ATOM   21  N  NZ  . LYS A 1 7  ? 18.984  18.705  6.255   1.00 55.04 ? 3   LYS A NZ  1 
ATOM   22  N  N   . LEU A 1 8  ? 14.244  14.787  2.870   1.00 22.74 ? 4   LEU A N   1 
ATOM   23  C  CA  . LEU A 1 8  ? 13.122  14.269  2.101   1.00 25.93 ? 4   LEU A CA  1 
ATOM   24  C  C   . LEU A 1 8  ? 13.589  13.778  0.740   1.00 26.91 ? 4   LEU A C   1 
ATOM   25  O  O   . LEU A 1 8  ? 14.294  14.492  0.024   1.00 26.04 ? 4   LEU A O   1 
ATOM   26  C  CB  . LEU A 1 8  ? 12.076  15.368  1.923   1.00 24.74 ? 4   LEU A CB  1 
ATOM   27  C  CG  . LEU A 1 8  ? 10.842  15.019  1.100   1.00 22.93 ? 4   LEU A CG  1 
ATOM   28  C  CD1 . LEU A 1 8  ? 10.036  13.930  1.798   1.00 24.85 ? 4   LEU A CD1 1 
ATOM   29  C  CD2 . LEU A 1 8  ? 9.994   16.248  0.855   1.00 26.96 ? 4   LEU A CD2 1 
ATOM   30  N  N   . LYS A 1 9  ? 13.199  12.556  0.375   1.00 23.46 ? 5   LYS A N   1 
ATOM   31  C  CA  . LYS A 1 9  ? 13.406  12.127  -1.001  1.00 24.52 ? 5   LYS A CA  1 
ATOM   32  C  C   . LYS A 1 9  ? 12.168  12.459  -1.835  1.00 28.13 ? 5   LYS A C   1 
ATOM   33  O  O   . LYS A 1 9  ? 12.252  13.186  -2.831  1.00 23.58 ? 5   LYS A O   1 
ATOM   34  C  CB  . LYS A 1 9  ? 13.735  10.627  -1.030  1.00 25.68 ? 5   LYS A CB  1 
ATOM   35  C  CG  . LYS A 1 9  ? 13.932  10.013  -2.407  1.00 27.24 ? 5   LYS A CG  1 
ATOM   36  C  CD  . LYS A 1 9  ? 14.748  8.717   -2.276  1.00 28.05 ? 5   LYS A CD  1 
ATOM   37  C  CE  . LYS A 1 9  ? 14.671  7.851   -3.507  1.00 42.85 ? 5   LYS A CE  1 
ATOM   38  N  NZ  . LYS A 1 9  ? 15.918  7.954   -4.335  1.00 45.67 ? 5   LYS A NZ  1 
ATOM   39  N  N   . TRP A 1 10 ? 10.997  11.994  -1.406  1.00 24.15 ? 6   TRP A N   1 
ATOM   40  C  CA  . TRP A 1 10 ? 9.741   12.459  -1.985  1.00 24.06 ? 6   TRP A CA  1 
ATOM   41  C  C   . TRP A 1 10 ? 8.606   12.137  -1.024  1.00 22.74 ? 6   TRP A C   1 
ATOM   42  O  O   . TRP A 1 10 ? 8.782   11.396  -0.055  1.00 23.13 ? 6   TRP A O   1 
ATOM   43  C  CB  . TRP A 1 10 ? 9.467   11.833  -3.358  1.00 24.37 ? 6   TRP A CB  1 
ATOM   44  C  CG  . TRP A 1 10 ? 9.689   10.351  -3.476  1.00 24.00 ? 6   TRP A CG  1 
ATOM   45  C  CD1 . TRP A 1 10 ? 10.725  9.737   -4.108  1.00 24.73 ? 6   TRP A CD1 1 
ATOM   46  C  CD2 . TRP A 1 10 ? 8.828   9.297   -3.006  1.00 20.59 ? 6   TRP A CD2 1 
ATOM   47  N  NE1 . TRP A 1 10 ? 10.583  8.373   -4.046  1.00 24.59 ? 6   TRP A NE1 1 
ATOM   48  C  CE2 . TRP A 1 10 ? 9.431   8.075   -3.367  1.00 24.32 ? 6   TRP A CE2 1 
ATOM   49  C  CE3 . TRP A 1 10 ? 7.623   9.272   -2.298  1.00 25.14 ? 6   TRP A CE3 1 
ATOM   50  C  CZ2 . TRP A 1 10 ? 8.858   6.831   -3.062  1.00 23.68 ? 6   TRP A CZ2 1 
ATOM   51  C  CZ3 . TRP A 1 10 ? 7.055   8.033   -1.982  1.00 21.02 ? 6   TRP A CZ3 1 
ATOM   52  C  CH2 . TRP A 1 10 ? 7.673   6.833   -2.373  1.00 22.76 ? 6   TRP A CH2 1 
ATOM   53  N  N   . LYS A 1 11 ? 7.438   12.718  -1.299  1.00 25.24 ? 7   LYS A N   1 
ATOM   54  C  CA  . LYS A 1 11 ? 6.215   12.394  -0.575  1.00 23.16 ? 7   LYS A CA  1 
ATOM   55  C  C   . LYS A 1 11 ? 5.080   12.210  -1.563  1.00 27.26 ? 7   LYS A C   1 
ATOM   56  O  O   . LYS A 1 11 ? 4.959   12.961  -2.536  1.00 32.14 ? 7   LYS A O   1 
ATOM   57  C  CB  . LYS A 1 11 ? 5.867   13.474  0.472   1.00 24.93 ? 7   LYS A CB  1 
ATOM   58  C  CG  . LYS A 1 11 ? 5.770   14.913  -0.040  1.00 30.02 ? 7   LYS A CG  1 
ATOM   59  C  CD  . LYS A 1 11 ? 5.289   15.825  1.096   1.00 36.70 ? 7   LYS A CD  1 
ATOM   60  C  CE  . LYS A 1 11 ? 5.740   17.276  0.932   1.00 46.71 ? 7   LYS A CE  1 
ATOM   61  N  NZ  . LYS A 1 11 ? 4.592   18.228  0.917   1.00 52.85 ? 7   LYS A NZ  1 
ATOM   62  N  N   . PHE A 1 12 ? 4.259   11.189  -1.327  1.00 23.93 ? 8   PHE A N   1 
ATOM   63  C  CA  . PHE A 1 12 ? 3.195   10.848  -2.255  1.00 23.47 ? 8   PHE A CA  1 
ATOM   64  C  C   . PHE A 1 12 ? 1.866   11.050  -1.542  1.00 24.68 ? 8   PHE A C   1 
ATOM   65  O  O   . PHE A 1 12 ? 1.652   10.490  -0.464  1.00 22.63 ? 8   PHE A O   1 
ATOM   66  C  CB  . PHE A 1 12 ? 3.341   9.403   -2.743  1.00 21.60 ? 8   PHE A CB  1 
ATOM   67  C  CG  . PHE A 1 12 ? 2.258   8.986   -3.680  1.00 25.33 ? 8   PHE A CG  1 
ATOM   68  C  CD1 . PHE A 1 12 ? 1.014   8.562   -3.217  1.00 24.92 ? 8   PHE A CD1 1 
ATOM   69  C  CD2 . PHE A 1 12 ? 2.483   9.057   -5.048  1.00 25.22 ? 8   PHE A CD2 1 
ATOM   70  C  CE1 . PHE A 1 12 ? 0.022   8.200   -4.106  1.00 26.48 ? 8   PHE A CE1 1 
ATOM   71  C  CE2 . PHE A 1 12 ? 1.493   8.695   -5.942  1.00 29.75 ? 8   PHE A CE2 1 
ATOM   72  C  CZ  . PHE A 1 12 ? 0.259   8.276   -5.471  1.00 26.88 ? 8   PHE A CZ  1 
ATOM   73  N  N   . GLU A 1 13 ? 0.972   11.832  -2.137  1.00 23.25 ? 9   GLU A N   1 
ATOM   74  C  CA  . GLU A 1 13 ? -0.284  12.172  -1.478  1.00 22.00 ? 9   GLU A CA  1 
ATOM   75  C  C   . GLU A 1 13 ? -1.350  11.127  -1.793  1.00 25.45 ? 9   GLU A C   1 
ATOM   76  O  O   . GLU A 1 13 ? -1.674  10.903  -2.967  1.00 22.32 ? 9   GLU A O   1 
ATOM   77  C  CB  . GLU A 1 13 ? -0.758  13.567  -1.896  1.00 25.11 ? 9   GLU A CB  1 
ATOM   78  C  CG  . GLU A 1 13 ? -2.059  13.959  -1.242  1.00 25.06 ? 9   GLU A CG  1 
ATOM   79  C  CD  . GLU A 1 13 ? -2.438  15.392  -1.484  1.00 34.42 ? 9   GLU A CD  1 
ATOM   80  O  OE1 . GLU A 1 13 ? -2.046  15.926  -2.542  1.00 35.91 ? 9   GLU A OE1 1 
ATOM   81  O  OE2 . GLU A 1 13 ? -3.163  15.966  -0.648  1.00 37.70 ? 9   GLU A OE2 1 
ATOM   82  N  N   . THR A 1 14 ? -1.878  10.473  -0.749  1.00 22.94 ? 10  THR A N   1 
ATOM   83  C  CA  . THR A 1 14 ? -3.104  9.699   -0.879  1.00 22.85 ? 10  THR A CA  1 
ATOM   84  C  C   . THR A 1 14 ? -4.308  10.569  -0.501  1.00 22.97 ? 10  THR A C   1 
ATOM   85  O  O   . THR A 1 14 ? -4.177  11.749  -0.180  1.00 25.40 ? 10  THR A O   1 
ATOM   86  C  CB  . THR A 1 14 ? -3.049  8.428   -0.020  1.00 19.62 ? 10  THR A CB  1 
ATOM   87  O  OG1 . THR A 1 14 ? -3.304  8.745   1.364   1.00 22.54 ? 10  THR A OG1 1 
ATOM   88  C  CG2 . THR A 1 14 ? -1.680  7.765   -0.134  1.00 21.17 ? 10  THR A CG2 1 
ATOM   89  N  N   . GLY A 1 15 ? -5.502  9.980   -0.550  1.00 22.23 ? 11  GLY A N   1 
ATOM   90  C  CA  . GLY A 1 15 ? -6.718  10.692  -0.214  1.00 22.36 ? 11  GLY A CA  1 
ATOM   91  C  C   . GLY A 1 15 ? -7.109  10.697  1.252   1.00 25.02 ? 11  GLY A C   1 
ATOM   92  O  O   . GLY A 1 15 ? -8.122  11.309  1.612   1.00 26.32 ? 11  GLY A O   1 
ATOM   93  N  N   . GLY A 1 16 ? -6.331  10.056  2.125   1.00 22.34 ? 12  GLY A N   1 
ATOM   94  C  CA  . GLY A 1 16 ? -6.676  10.031  3.536   1.00 20.57 ? 12  GLY A CA  1 
ATOM   95  C  C   . GLY A 1 16 ? -5.463  9.650   4.367   1.00 20.72 ? 12  GLY A C   1 
ATOM   96  O  O   . GLY A 1 16 ? -4.376  9.418   3.844   1.00 22.06 ? 12  GLY A O   1 
ATOM   97  N  N   . SER A 1 17 ? -5.672  9.568   5.676   1.00 22.12 ? 13  SER A N   1 
ATOM   98  C  CA  . SER A 1 17 ? -4.570  9.239   6.579   1.00 20.50 ? 13  SER A CA  1 
ATOM   99  C  C   . SER A 1 17 ? -3.949  7.895   6.225   1.00 21.85 ? 13  SER A C   1 
ATOM   100 O  O   . SER A 1 17 ? -4.649  6.923   5.935   1.00 22.54 ? 13  SER A O   1 
ATOM   101 C  CB  . SER A 1 17 ? -5.065  9.230   8.019   1.00 22.72 ? 13  SER A CB  1 
ATOM   102 O  OG  . SER A 1 17 ? -5.317  10.561  8.434   1.00 29.70 ? 13  SER A OG  1 
ATOM   103 N  N   . VAL A 1 18 ? -2.620  7.849   6.216   1.00 20.96 ? 14  VAL A N   1 
ATOM   104 C  CA  . VAL A 1 18 ? -1.905  6.614   5.908   1.00 19.71 ? 14  VAL A CA  1 
ATOM   105 C  C   . VAL A 1 18 ? -1.538  5.987   7.245   1.00 23.97 ? 14  VAL A C   1 
ATOM   106 O  O   . VAL A 1 18 ? -0.441  6.203   7.764   1.00 19.13 ? 14  VAL A O   1 
ATOM   107 C  CB  . VAL A 1 18 ? -0.667  6.861   5.035   1.00 20.02 ? 14  VAL A CB  1 
ATOM   108 C  CG1 . VAL A 1 18 ? 0.032   5.546   4.734   1.00 21.43 ? 14  VAL A CG1 1 
ATOM   109 C  CG2 . VAL A 1 18 ? -1.069  7.547   3.729   1.00 20.95 ? 14  VAL A CG2 1 
ATOM   110 N  N   A HIS A 1 19 ? -2.472  5.221   7.816   0.41 22.28 ? 15  HIS A N   1 
ATOM   111 N  N   B HIS A 1 19 ? -2.482  5.234   7.828   0.59 22.31 ? 15  HIS A N   1 
ATOM   112 C  CA  A HIS A 1 19 ? -2.202  4.512   9.093   0.41 22.97 ? 15  HIS A CA  1 
ATOM   113 C  CA  B HIS A 1 19 ? -2.214  4.520   9.072   0.59 22.98 ? 15  HIS A CA  1 
ATOM   114 C  C   A HIS A 1 19 ? -1.408  3.248   8.776   0.41 22.82 ? 15  HIS A C   1 
ATOM   115 C  C   B HIS A 1 19 ? -1.467  3.223   8.810   0.59 22.82 ? 15  HIS A C   1 
ATOM   116 O  O   A HIS A 1 19 ? -0.660  2.777   9.648   0.41 21.97 ? 15  HIS A O   1 
ATOM   117 O  O   B HIS A 1 19 ? -0.648  2.797   9.632   0.59 22.01 ? 15  HIS A O   1 
ATOM   118 C  CB  A HIS A 1 19 ? -3.524  4.167   9.783   0.41 24.93 ? 15  HIS A CB  1 
ATOM   119 C  CB  B HIS A 1 19 ? -3.530  4.227   9.804   0.59 24.96 ? 15  HIS A CB  1 
ATOM   120 C  CG  A HIS A 1 19 ? -4.267  5.349   10.307  0.41 24.36 ? 15  HIS A CG  1 
ATOM   121 C  CG  B HIS A 1 19 ? -3.350  3.627   11.164  0.59 28.28 ? 15  HIS A CG  1 
ATOM   122 N  ND1 A HIS A 1 19 ? -5.495  5.242   10.923  0.41 26.75 ? 15  HIS A ND1 1 
ATOM   123 N  ND1 B HIS A 1 19 ? -3.151  4.395   12.292  0.59 31.06 ? 15  HIS A ND1 1 
ATOM   124 C  CD2 A HIS A 1 19 ? -3.962  6.650   10.322  0.41 24.81 ? 15  HIS A CD2 1 
ATOM   125 C  CD2 B HIS A 1 19 ? -3.350  2.338   11.584  0.59 27.90 ? 15  HIS A CD2 1 
ATOM   126 C  CE1 A HIS A 1 19 ? -5.909  6.444   11.291  0.41 24.95 ? 15  HIS A CE1 1 
ATOM   127 C  CE1 B HIS A 1 19 ? -3.026  3.606   13.345  0.59 30.75 ? 15  HIS A CE1 1 
ATOM   128 N  NE2 A HIS A 1 19 ? -4.995  7.314   10.933  0.41 24.76 ? 15  HIS A NE2 1 
ATOM   129 N  NE2 B HIS A 1 19 ? -3.141  2.353   12.943  0.59 30.20 ? 15  HIS A NE2 1 
ATOM   130 N  N   . SER A 1 20 ? -1.732  2.607   7.656   1.00 18.72 ? 16  SER A N   1 
ATOM   131 C  CA  . SER A 1 20 ? -1.058  1.404   7.199   1.00 19.73 ? 16  SER A CA  1 
ATOM   132 C  C   . SER A 1 20 ? 0.456   1.571   7.168   1.00 21.72 ? 16  SER A C   1 
ATOM   133 O  O   . SER A 1 20 ? 0.983   2.656   6.901   1.00 20.23 ? 16  SER A O   1 
ATOM   134 C  CB  . SER A 1 20 ? -1.573  1.082   5.783   1.00 20.21 ? 16  SER A CB  1 
ATOM   135 O  OG  . SER A 1 20 ? -1.152  -0.193  5.307   1.00 22.79 ? 16  SER A OG  1 
ATOM   136 N  N   . SER A 1 21 ? 1.175   0.461   7.430   1.00 20.39 ? 17  SER A N   1 
ATOM   137 C  CA  . SER A 1 21 ? 2.641   0.485   7.408   1.00 19.85 ? 17  SER A CA  1 
ATOM   138 C  C   . SER A 1 21 ? 3.156   -0.094  6.101   1.00 20.39 ? 17  SER A C   1 
ATOM   139 O  O   . SER A 1 21 ? 2.725   -1.182  5.706   1.00 22.21 ? 17  SER A O   1 
ATOM   140 C  CB  . SER A 1 21 ? 3.200   -0.313  8.580   1.00 20.48 ? 17  SER A CB  1 
ATOM   141 O  OG  . SER A 1 21 ? 2.772   0.274   9.805   1.00 20.48 ? 17  SER A OG  1 
ATOM   142 N  N   . PRO A 1 22 ? 4.090   0.566   5.423   1.00 18.25 ? 18  PRO A N   1 
ATOM   143 C  CA  . PRO A 1 22 ? 4.498   0.110   4.083   1.00 18.05 ? 18  PRO A CA  1 
ATOM   144 C  C   . PRO A 1 22 ? 5.275   -1.211  4.063   1.00 19.31 ? 18  PRO A C   1 
ATOM   145 O  O   . PRO A 1 22 ? 5.966   -1.597  5.017   1.00 20.00 ? 18  PRO A O   1 
ATOM   146 C  CB  . PRO A 1 22 ? 5.357   1.273   3.562   1.00 22.57 ? 18  PRO A CB  1 
ATOM   147 C  CG  . PRO A 1 22 ? 5.774   2.050   4.793   1.00 20.79 ? 18  PRO A CG  1 
ATOM   148 C  CD  . PRO A 1 22 ? 4.700   1.853   5.812   1.00 19.37 ? 18  PRO A CD  1 
ATOM   149 N  N   . ALA A 1 23 ? 5.118   -1.920  2.946   1.00 18.76 ? 19  ALA A N   1 
ATOM   150 C  CA  . ALA A 1 23 ? 5.865   -3.130  2.630   1.00 21.03 ? 19  ALA A CA  1 
ATOM   151 C  C   . ALA A 1 23 ? 6.630   -2.909  1.331   1.00 20.59 ? 19  ALA A C   1 
ATOM   152 O  O   . ALA A 1 23 ? 6.189   -2.146  0.465   1.00 20.39 ? 19  ALA A O   1 
ATOM   153 C  CB  . ALA A 1 23 ? 4.934   -4.344  2.486   1.00 20.20 ? 19  ALA A CB  1 
ATOM   154 N  N   . ILE A 1 24 ? 7.781   -3.574  1.197   1.00 24.68 ? 20  ILE A N   1 
ATOM   155 C  CA  . ILE A 1 24 ? 8.710   -3.330  0.091   1.00 26.82 ? 20  ILE A CA  1 
ATOM   156 C  C   . ILE A 1 24 ? 8.828   -4.593  -0.743  1.00 22.99 ? 20  ILE A C   1 
ATOM   157 O  O   . ILE A 1 24 ? 9.155   -5.655  -0.212  1.00 25.40 ? 20  ILE A O   1 
ATOM   158 C  CB  . ILE A 1 24 ? 10.103  -2.904  0.586   1.00 27.63 ? 20  ILE A CB  1 
ATOM   159 C  CG1 . ILE A 1 24 ? 9.979   -1.766  1.603   1.00 29.29 ? 20  ILE A CG1 1 
ATOM   160 C  CG2 . ILE A 1 24 ? 11.002  -2.534  -0.604  1.00 26.67 ? 20  ILE A CG2 1 
ATOM   161 C  CD1 . ILE A 1 24 ? 9.763   -0.442  0.989   1.00 32.73 ? 20  ILE A CD1 1 
ATOM   162 N  N   . GLY A 1 25 ? 8.587   -4.473  -2.050  1.00 22.10 ? 21  GLY A N   1 
ATOM   163 C  CA  . GLY A 1 25 ? 8.657   -5.609  -2.944  1.00 23.25 ? 21  GLY A CA  1 
ATOM   164 C  C   . GLY A 1 25 ? 10.077  -5.922  -3.381  1.00 29.57 ? 21  GLY A C   1 
ATOM   165 O  O   . GLY A 1 25 ? 11.034  -5.215  -3.064  1.00 26.25 ? 21  GLY A O   1 
ATOM   166 N  N   . GLN A 1 26 ? 10.202  -7.017  -4.141  1.00 28.07 ? 22  GLN A N   1 
ATOM   167 C  CA  . GLN A 1 26 ? 11.517  -7.457  -4.602  1.00 32.26 ? 22  GLN A CA  1 
ATOM   168 C  C   . GLN A 1 26 ? 12.186  -6.403  -5.481  1.00 31.25 ? 22  GLN A C   1 
ATOM   169 O  O   . GLN A 1 26 ? 13.416  -6.285  -5.474  1.00 32.24 ? 22  GLN A O   1 
ATOM   170 C  CB  . GLN A 1 26 ? 11.376  -8.808  -5.327  1.00 38.79 ? 22  GLN A CB  1 
ATOM   171 C  CG  . GLN A 1 26 ? 12.587  -9.366  -6.165  1.00 44.45 ? 22  GLN A CG  1 
ATOM   172 C  CD  . GLN A 1 26 ? 12.923  -8.603  -7.466  1.00 46.95 ? 22  GLN A CD  1 
ATOM   173 O  OE1 . GLN A 1 26 ? 12.031  -8.160  -8.202  1.00 45.68 ? 22  GLN A OE1 1 
ATOM   174 N  NE2 . GLN A 1 26 ? 14.218  -8.467  -7.754  1.00 44.82 ? 22  GLN A NE2 1 
ATOM   175 N  N   . ASP A 1 27 ? 11.408  -5.633  -6.236  1.00 26.86 ? 23  ASP A N   1 
ATOM   176 C  CA  . ASP A 1 27 ? 11.950  -4.611  -7.120  1.00 29.99 ? 23  ASP A CA  1 
ATOM   177 C  C   . ASP A 1 27 ? 11.980  -3.232  -6.475  1.00 31.69 ? 23  ASP A C   1 
ATOM   178 O  O   . ASP A 1 27 ? 12.210  -2.237  -7.174  1.00 29.78 ? 23  ASP A O   1 
ATOM   179 C  CB  . ASP A 1 27 ? 11.143  -4.562  -8.426  1.00 31.91 ? 23  ASP A CB  1 
ATOM   180 C  CG  . ASP A 1 27 ? 9.688   -4.162  -8.215  1.00 35.42 ? 23  ASP A CG  1 
ATOM   181 O  OD1 . ASP A 1 27 ? 9.251   -4.010  -7.049  1.00 36.14 ? 23  ASP A OD1 1 
ATOM   182 O  OD2 . ASP A 1 27 ? 8.972   -4.017  -9.226  1.00 34.13 ? 23  ASP A OD2 1 
ATOM   183 N  N   . GLY A 1 28 ? 11.747  -3.145  -5.164  1.00 29.31 ? 24  GLY A N   1 
ATOM   184 C  CA  . GLY A 1 28 ? 11.716  -1.870  -4.494  1.00 25.08 ? 24  GLY A CA  1 
ATOM   185 C  C   . GLY A 1 28 ? 10.358  -1.204  -4.441  1.00 24.64 ? 24  GLY A C   1 
ATOM   186 O  O   . GLY A 1 28 ? 10.233  -0.143  -3.806  1.00 22.46 ? 24  GLY A O   1 
ATOM   187 N  N   . THR A 1 29 ? 9.344   -1.765  -5.101  1.00 22.85 ? 25  THR A N   1 
ATOM   188 C  CA  . THR A 1 29 ? 8.013   -1.170  -5.043  1.00 23.24 ? 25  THR A CA  1 
ATOM   189 C  C   . THR A 1 29 ? 7.552   -1.088  -3.598  1.00 24.24 ? 25  THR A C   1 
ATOM   190 O  O   . THR A 1 29 ? 7.793   -2.001  -2.802  1.00 25.55 ? 25  THR A O   1 
ATOM   191 C  CB  . THR A 1 29 ? 6.992   -1.989  -5.847  1.00 25.70 ? 25  THR A CB  1 
ATOM   192 O  OG1 . THR A 1 29 ? 7.432   -2.150  -7.202  1.00 27.75 ? 25  THR A OG1 1 
ATOM   193 C  CG2 . THR A 1 29 ? 5.622   -1.289  -5.831  1.00 22.88 ? 25  THR A CG2 1 
ATOM   194 N  N   . ILE A 1 30 ? 6.903   0.019   -3.252  1.00 23.25 ? 26  ILE A N   1 
ATOM   195 C  CA  . ILE A 1 30 ? 6.400   0.239   -1.903  1.00 22.81 ? 26  ILE A CA  1 
ATOM   196 C  C   . ILE A 1 30 ? 4.880   0.111   -1.940  1.00 22.72 ? 26  ILE A C   1 
ATOM   197 O  O   . ILE A 1 30 ? 4.209   0.809   -2.709  1.00 23.84 ? 26  ILE A O   1 
ATOM   198 C  CB  . ILE A 1 30 ? 6.832   1.609   -1.356  1.00 22.22 ? 26  ILE A CB  1 
ATOM   199 C  CG1 . ILE A 1 30 ? 8.347   1.777   -1.495  1.00 21.05 ? 26  ILE A CG1 1 
ATOM   200 C  CG2 . ILE A 1 30 ? 6.411   1.740   0.098   1.00 22.91 ? 26  ILE A CG2 1 
ATOM   201 C  CD1 . ILE A 1 30 ? 8.769   2.642   -2.722  1.00 23.88 ? 26  ILE A CD1 1 
ATOM   202 N  N   . TYR A 1 31 ? 4.340   -0.786  -1.121  1.00 20.82 ? 27  TYR A N   1 
ATOM   203 C  CA  . TYR A 1 31 ? 2.901   -0.992  -1.014  1.00 20.29 ? 27  TYR A CA  1 
ATOM   204 C  C   . TYR A 1 31 ? 2.417   -0.442  0.321   1.00 18.88 ? 27  TYR A C   1 
ATOM   205 O  O   . TYR A 1 31 ? 3.067   -0.662  1.345   1.00 21.12 ? 27  TYR A O   1 
ATOM   206 C  CB  . TYR A 1 31 ? 2.561   -2.483  -1.098  1.00 19.93 ? 27  TYR A CB  1 
ATOM   207 C  CG  . TYR A 1 31 ? 3.148   -3.166  -2.312  1.00 22.53 ? 27  TYR A CG  1 
ATOM   208 C  CD1 . TYR A 1 31 ? 2.513   -3.080  -3.548  1.00 19.87 ? 27  TYR A CD1 1 
ATOM   209 C  CD2 . TYR A 1 31 ? 4.345   -3.869  -2.235  1.00 19.12 ? 27  TYR A CD2 1 
ATOM   210 C  CE1 . TYR A 1 31 ? 3.053   -3.699  -4.666  1.00 23.04 ? 27  TYR A CE1 1 
ATOM   211 C  CE2 . TYR A 1 31 ? 4.888   -4.497  -3.338  1.00 19.51 ? 27  TYR A CE2 1 
ATOM   212 C  CZ  . TYR A 1 31 ? 4.235   -4.399  -4.559  1.00 21.48 ? 27  TYR A CZ  1 
ATOM   213 O  OH  . TYR A 1 31 ? 4.751   -5.019  -5.679  1.00 22.69 ? 27  TYR A OH  1 
ATOM   214 N  N   . VAL A 1 32 ? 1.281   0.263   0.322   1.00 16.95 ? 28  VAL A N   1 
ATOM   215 C  CA  . VAL A 1 32 ? 0.738   0.775   1.582   1.00 17.63 ? 28  VAL A CA  1 
ATOM   216 C  C   . VAL A 1 32 ? -0.748  1.058   1.412   1.00 19.41 ? 28  VAL A C   1 
ATOM   217 O  O   . VAL A 1 32 ? -1.203  1.462   0.339   1.00 22.08 ? 28  VAL A O   1 
ATOM   218 C  CB  . VAL A 1 32 ? 1.518   2.028   2.062   1.00 18.72 ? 28  VAL A CB  1 
ATOM   219 C  CG1 . VAL A 1 32 ? 1.104   3.255   1.260   1.00 19.55 ? 28  VAL A CG1 1 
ATOM   220 C  CG2 . VAL A 1 32 ? 1.305   2.251   3.554   1.00 20.77 ? 28  VAL A CG2 1 
ATOM   221 N  N   . GLY A 1 33 ? -1.514  0.824   2.489   1.00 21.41 ? 29  GLY A N   1 
ATOM   222 C  CA  . GLY A 1 33 ? -2.915  1.175   2.504   1.00 20.28 ? 29  GLY A CA  1 
ATOM   223 C  C   . GLY A 1 33 ? -3.128  2.621   2.914   1.00 24.75 ? 29  GLY A C   1 
ATOM   224 O  O   . GLY A 1 33 ? -2.252  3.273   3.498   1.00 19.45 ? 29  GLY A O   1 
ATOM   225 N  N   . SER A 1 34 ? -4.310  3.131   2.583   1.00 20.04 ? 30  SER A N   1 
ATOM   226 C  CA  . SER A 1 34 ? -4.710  4.460   3.009   1.00 19.96 ? 30  SER A CA  1 
ATOM   227 C  C   . SER A 1 34 ? -6.116  4.389   3.571   1.00 21.24 ? 30  SER A C   1 
ATOM   228 O  O   . SER A 1 34 ? -6.886  3.484   3.246   1.00 19.58 ? 30  SER A O   1 
ATOM   229 C  CB  . SER A 1 34 ? -4.655  5.465   1.856   1.00 20.60 ? 30  SER A CB  1 
ATOM   230 O  OG  . SER A 1 34 ? -5.234  6.703   2.253   1.00 20.16 ? 30  SER A OG  1 
ATOM   231 N  N   . ASN A 1 35 ? -6.441  5.352   4.440   1.00 19.40 ? 31  ASN A N   1 
ATOM   232 C  CA  . ASN A 1 35 ? -7.802  5.434   4.939   1.00 20.88 ? 31  ASN A CA  1 
ATOM   233 C  C   . ASN A 1 35 ? -8.768  5.865   3.843   1.00 23.95 ? 31  ASN A C   1 
ATOM   234 O  O   . ASN A 1 35 ? -9.987  5.797   4.053   1.00 21.34 ? 31  ASN A O   1 
ATOM   235 C  CB  . ASN A 1 35 ? -7.868  6.365   6.160   1.00 24.43 ? 31  ASN A CB  1 
ATOM   236 C  CG  . ASN A 1 35 ? -7.318  5.695   7.447   1.00 25.31 ? 31  ASN A CG  1 
ATOM   237 O  OD1 . ASN A 1 35 ? -6.886  4.528   7.440   1.00 29.94 ? 31  ASN A OD1 1 
ATOM   238 N  ND2 . ASN A 1 35 ? -7.362  6.429   8.556   1.00 27.50 ? 31  ASN A ND2 1 
ATOM   239 N  N   . ASP A 1 36 ? -8.256  6.219   2.658   1.00 20.71 ? 32  ASP A N   1 
ATOM   240 C  CA  . ASP A 1 36 ? -9.115  6.526   1.520   1.00 21.56 ? 32  ASP A CA  1 
ATOM   241 C  C   . ASP A 1 36 ? -9.635  5.267   0.814   1.00 22.22 ? 32  ASP A C   1 
ATOM   242 O  O   . ASP A 1 36 ? -10.267 5.389   -0.244  1.00 20.20 ? 32  ASP A O   1 
ATOM   243 C  CB  . ASP A 1 36 ? -8.376  7.464   0.539   1.00 21.69 ? 32  ASP A CB  1 
ATOM   244 C  CG  . ASP A 1 36 ? -7.279  6.773   -0.281  1.00 22.89 ? 32  ASP A CG  1 
ATOM   245 O  OD1 . ASP A 1 36 ? -7.086  5.556   -0.158  1.00 21.09 ? 32  ASP A OD1 1 
ATOM   246 O  OD2 . ASP A 1 36 ? -6.610  7.463   -1.101  1.00 23.70 ? 32  ASP A OD2 1 
ATOM   247 N  N   . HIS A 1 37 ? -9.393  4.082   1.388   1.00 17.39 ? 33  HIS A N   1 
ATOM   248 C  CA  . HIS A 1 37 ? -9.856  2.738   0.964   1.00 22.45 ? 33  HIS A CA  1 
ATOM   249 C  C   . HIS A 1 37 ? -8.937  2.047   -0.036  1.00 18.94 ? 33  HIS A C   1 
ATOM   250 O  O   . HIS A 1 37 ? -9.249  0.912   -0.419  1.00 23.74 ? 33  HIS A O   1 
ATOM   251 C  CB  . HIS A 1 37 ? -11.251 2.712   0.326   1.00 19.75 ? 33  HIS A CB  1 
ATOM   252 C  CG  . HIS A 1 37 ? -12.343 3.278   1.168   1.00 22.41 ? 33  HIS A CG  1 
ATOM   253 N  ND1 . HIS A 1 37 ? -13.670 3.134   0.828   1.00 18.30 ? 33  HIS A ND1 1 
ATOM   254 C  CD2 . HIS A 1 37 ? -12.319 4.016   2.301   1.00 19.26 ? 33  HIS A CD2 1 
ATOM   255 C  CE1 . HIS A 1 37 ? -14.419 3.744   1.729   1.00 20.75 ? 33  HIS A CE1 1 
ATOM   256 N  NE2 . HIS A 1 37 ? -13.619 4.292   2.624   1.00 20.69 ? 33  HIS A NE2 1 
ATOM   257 N  N   . TYR A 1 38 ? -7.865  2.682   -0.509  1.00 20.33 ? 34  TYR A N   1 
ATOM   258 C  CA  . TYR A 1 38 ? -7.030  2.107   -1.554  1.00 22.53 ? 34  TYR A CA  1 
ATOM   259 C  C   . TYR A 1 38 ? -5.777  1.459   -0.981  1.00 23.05 ? 34  TYR A C   1 
ATOM   260 O  O   . TYR A 1 38 ? -5.226  1.915   0.020   1.00 23.59 ? 34  TYR A O   1 
ATOM   261 C  CB  . TYR A 1 38 ? -6.610  3.174   -2.566  1.00 22.45 ? 34  TYR A CB  1 
ATOM   262 C  CG  . TYR A 1 38 ? -7.704  3.584   -3.515  1.00 22.98 ? 34  TYR A CG  1 
ATOM   263 C  CD1 . TYR A 1 38 ? -8.705  4.457   -3.107  1.00 29.26 ? 34  TYR A CD1 1 
ATOM   264 C  CD2 . TYR A 1 38 ? -7.724  3.127   -4.829  1.00 22.61 ? 34  TYR A CD2 1 
ATOM   265 C  CE1 . TYR A 1 38 ? -9.709  4.845   -3.974  1.00 27.74 ? 34  TYR A CE1 1 
ATOM   266 C  CE2 . TYR A 1 38 ? -8.729  3.526   -5.709  1.00 24.32 ? 34  TYR A CE2 1 
ATOM   267 C  CZ  . TYR A 1 38 ? -9.713  4.375   -5.268  1.00 30.31 ? 34  TYR A CZ  1 
ATOM   268 O  OH  . TYR A 1 38 ? -10.711 4.779   -6.121  1.00 33.79 ? 34  TYR A OH  1 
ATOM   269 N  N   . LEU A 1 39 ? -5.351  0.371   -1.628  1.00 20.26 ? 35  LEU A N   1 
ATOM   270 C  CA  . LEU A 1 39 ? -3.984  -0.124  -1.531  1.00 20.93 ? 35  LEU A CA  1 
ATOM   271 C  C   . LEU A 1 39 ? -3.168  0.538   -2.630  1.00 23.35 ? 35  LEU A C   1 
ATOM   272 O  O   . LEU A 1 39 ? -3.541  0.461   -3.803  1.00 23.69 ? 35  LEU A O   1 
ATOM   273 C  CB  . LEU A 1 39 ? -3.925  -1.641  -1.699  1.00 20.29 ? 35  LEU A CB  1 
ATOM   274 C  CG  . LEU A 1 39 ? -2.519  -2.269  -1.733  1.00 21.77 ? 35  LEU A CG  1 
ATOM   275 C  CD1 . LEU A 1 39 ? -1.811  -2.148  -0.375  1.00 19.98 ? 35  LEU A CD1 1 
ATOM   276 C  CD2 . LEU A 1 39 ? -2.606  -3.731  -2.162  1.00 23.51 ? 35  LEU A CD2 1 
ATOM   277 N  N   . TYR A 1 40 ? -2.062  1.178   -2.258  1.00 21.76 ? 36  TYR A N   1 
ATOM   278 C  CA  . TYR A 1 40 ? -1.185  1.851   -3.212  1.00 20.51 ? 36  TYR A CA  1 
ATOM   279 C  C   . TYR A 1 40 ? 0.063   1.030   -3.484  1.00 23.61 ? 36  TYR A C   1 
ATOM   280 O  O   . TYR A 1 40 ? 0.627   0.418   -2.570  1.00 23.51 ? 36  TYR A O   1 
ATOM   281 C  CB  . TYR A 1 40 ? -0.758  3.228   -2.698  1.00 21.50 ? 36  TYR A CB  1 
ATOM   282 C  CG  . TYR A 1 40 ? -1.867  4.239   -2.755  1.00 21.28 ? 36  TYR A CG  1 
ATOM   283 C  CD1 . TYR A 1 40 ? -2.783  4.357   -1.713  1.00 19.91 ? 36  TYR A CD1 1 
ATOM   284 C  CD2 . TYR A 1 40 ? -2.016  5.064   -3.861  1.00 24.03 ? 36  TYR A CD2 1 
ATOM   285 C  CE1 . TYR A 1 40 ? -3.810  5.274   -1.762  1.00 21.59 ? 36  TYR A CE1 1 
ATOM   286 C  CE2 . TYR A 1 40 ? -3.034  5.988   -3.919  1.00 23.62 ? 36  TYR A CE2 1 
ATOM   287 C  CZ  . TYR A 1 40 ? -3.928  6.084   -2.877  1.00 24.23 ? 36  TYR A CZ  1 
ATOM   288 O  OH  . TYR A 1 40 ? -4.941  6.998   -2.958  1.00 25.04 ? 36  TYR A OH  1 
ATOM   289 N  N   . ALA A 1 41 ? 0.493   1.041   -4.748  1.00 20.57 ? 37  ALA A N   1 
ATOM   290 C  CA  . ALA A 1 41 ? 1.777   0.512   -5.196  1.00 23.18 ? 37  ALA A CA  1 
ATOM   291 C  C   . ALA A 1 41 ? 2.544   1.671   -5.806  1.00 21.72 ? 37  ALA A C   1 
ATOM   292 O  O   . ALA A 1 41 ? 2.106   2.238   -6.815  1.00 25.00 ? 37  ALA A O   1 
ATOM   293 C  CB  . ALA A 1 41 ? 1.604   -0.606  -6.230  1.00 20.00 ? 37  ALA A CB  1 
ATOM   294 N  N   . ILE A 1 42 ? 3.661   2.039   -5.186  1.00 21.98 ? 38  ILE A N   1 
ATOM   295 C  CA  . ILE A 1 42 ? 4.403   3.232   -5.565  1.00 21.73 ? 38  ILE A CA  1 
ATOM   296 C  C   . ILE A 1 42 ? 5.807   2.812   -5.978  1.00 26.45 ? 38  ILE A C   1 
ATOM   297 O  O   . ILE A 1 42 ? 6.437   1.978   -5.313  1.00 23.38 ? 38  ILE A O   1 
ATOM   298 C  CB  . ILE A 1 42 ? 4.419   4.256   -4.418  1.00 21.47 ? 38  ILE A CB  1 
ATOM   299 C  CG1 . ILE A 1 42 ? 2.968   4.618   -4.082  1.00 22.99 ? 38  ILE A CG1 1 
ATOM   300 C  CG2 . ILE A 1 42 ? 5.215   5.491   -4.807  1.00 24.37 ? 38  ILE A CG2 1 
ATOM   301 C  CD1 . ILE A 1 42 ? 2.809   5.436   -2.876  1.00 30.43 ? 38  ILE A CD1 1 
ATOM   302 N  N   . ASN A 1 43 ? 6.276   3.365   -7.095  1.00 25.76 ? 39  ASN A N   1 
ATOM   303 C  CA  . ASN A 1 43 ? 7.615   3.069   -7.570  1.00 25.48 ? 39  ASN A CA  1 
ATOM   304 C  C   . ASN A 1 43 ? 8.656   3.757   -6.687  1.00 26.96 ? 39  ASN A C   1 
ATOM   305 O  O   . ASN A 1 43 ? 8.367   4.773   -6.050  1.00 26.50 ? 39  ASN A O   1 
ATOM   306 C  CB  . ASN A 1 43 ? 7.778   3.516   -9.018  1.00 30.65 ? 39  ASN A CB  1 
ATOM   307 C  CG  . ASN A 1 43 ? 6.915   2.712   -9.959  1.00 36.50 ? 39  ASN A CG  1 
ATOM   308 O  OD1 . ASN A 1 43 ? 7.111   1.503   -10.104 1.00 44.09 ? 39  ASN A OD1 1 
ATOM   309 N  ND2 . ASN A 1 43 ? 5.976   3.377   -10.632 1.00 38.91 ? 39  ASN A ND2 1 
ATOM   310 N  N   . PRO A 1 44 ? 9.877   3.219   -6.636  1.00 26.57 ? 40  PRO A N   1 
ATOM   311 C  CA  . PRO A 1 44 ? 10.902  3.816   -5.763  1.00 25.64 ? 40  PRO A CA  1 
ATOM   312 C  C   . PRO A 1 44 ? 11.199  5.261   -6.090  1.00 25.37 ? 40  PRO A C   1 
ATOM   313 O  O   . PRO A 1 44 ? 11.779  5.960   -5.249  1.00 28.53 ? 40  PRO A O   1 
ATOM   314 C  CB  . PRO A 1 44 ? 12.136  2.938   -5.995  1.00 26.24 ? 40  PRO A CB  1 
ATOM   315 C  CG  . PRO A 1 44 ? 11.646  1.700   -6.651  1.00 27.18 ? 40  PRO A CG  1 
ATOM   316 C  CD  . PRO A 1 44 ? 10.297  1.939   -7.233  1.00 26.00 ? 40  PRO A CD  1 
ATOM   317 N  N   . ASN A 1 45 ? 10.830  5.722   -7.285  1.00 26.06 ? 41  ASN A N   1 
ATOM   318 C  CA  . ASN A 1 45 ? 10.997  7.105   -7.708  1.00 27.45 ? 41  ASN A CA  1 
ATOM   319 C  C   . ASN A 1 45 ? 9.825   8.011   -7.331  1.00 31.52 ? 41  ASN A C   1 
ATOM   320 O  O   . ASN A 1 45 ? 9.897   9.224   -7.560  1.00 29.30 ? 41  ASN A O   1 
ATOM   321 C  CB  . ASN A 1 45 ? 11.263  7.142   -9.222  1.00 33.26 ? 41  ASN A CB  1 
ATOM   322 C  CG  . ASN A 1 45 ? 10.043  6.747   -10.069 1.00 35.03 ? 41  ASN A CG  1 
ATOM   323 O  OD1 . ASN A 1 45 ? 8.910   6.674   -9.589  1.00 34.34 ? 41  ASN A OD1 1 
ATOM   324 N  ND2 . ASN A 1 45 ? 10.283  6.515   -11.360 1.00 44.21 ? 41  ASN A ND2 1 
ATOM   325 N  N   . GLY A 1 46 ? 8.761   7.472   -6.740  1.00 26.67 ? 42  GLY A N   1 
ATOM   326 C  CA  . GLY A 1 46 ? 7.680   8.295   -6.244  1.00 27.44 ? 42  GLY A CA  1 
ATOM   327 C  C   . GLY A 1 46 ? 6.472   8.370   -7.145  1.00 28.43 ? 42  GLY A C   1 
ATOM   328 O  O   . GLY A 1 46 ? 5.486   9.024   -6.780  1.00 28.70 ? 42  GLY A O   1 
ATOM   329 N  N   . LYS A 1 47 ? 6.520   7.730   -8.308  1.00 31.73 ? 43  LYS A N   1 
ATOM   330 C  CA  . LYS A 1 47 ? 5.411   7.748   -9.244  1.00 30.20 ? 43  LYS A CA  1 
ATOM   331 C  C   . LYS A 1 47 ? 4.512   6.556   -8.956  1.00 29.55 ? 43  LYS A C   1 
ATOM   332 O  O   . LYS A 1 47 ? 4.991   5.469   -8.618  1.00 32.72 ? 43  LYS A O   1 
ATOM   333 C  CB  . LYS A 1 47 ? 5.927   7.707   -10.686 1.00 34.69 ? 43  LYS A CB  1 
ATOM   334 C  CG  . LYS A 1 47 ? 6.751   8.943   -11.127 1.00 42.29 ? 43  LYS A CG  1 
ATOM   335 C  CD  . LYS A 1 47 ? 6.393   10.206  -10.324 1.00 54.54 ? 43  LYS A CD  1 
ATOM   336 C  CE  . LYS A 1 47 ? 7.013   11.491  -10.902 1.00 63.69 ? 43  LYS A CE  1 
ATOM   337 N  NZ  . LYS A 1 47 ? 6.092   12.681  -10.788 1.00 59.89 ? 43  LYS A NZ  1 
ATOM   338 N  N   . LEU A 1 48 ? 3.205   6.776   -9.064  1.00 24.95 ? 44  LEU A N   1 
ATOM   339 C  CA  . LEU A 1 48 ? 2.248   5.719   -8.786  1.00 27.23 ? 44  LEU A CA  1 
ATOM   340 C  C   . LEU A 1 48 ? 2.419   4.575   -9.776  1.00 29.44 ? 44  LEU A C   1 
ATOM   341 O  O   . LEU A 1 48 ? 2.597   4.790   -10.980 1.00 27.42 ? 44  LEU A O   1 
ATOM   342 C  CB  . LEU A 1 48 ? 0.824   6.269   -8.857  1.00 28.01 ? 44  LEU A CB  1 
ATOM   343 C  CG  . LEU A 1 48 ? -0.341  5.296   -8.664  1.00 25.62 ? 44  LEU A CG  1 
ATOM   344 C  CD1 . LEU A 1 48 ? -0.403  4.814   -7.211  1.00 25.56 ? 44  LEU A CD1 1 
ATOM   345 C  CD2 . LEU A 1 48 ? -1.642  5.964   -9.045  1.00 26.75 ? 44  LEU A CD2 1 
ATOM   346 N  N   . LYS A 1 49 ? 2.387   3.349   -9.262  1.00 28.69 ? 45  LYS A N   1 
ATOM   347 C  CA  . LYS A 1 49 ? 2.382   2.207   -10.156 1.00 27.19 ? 45  LYS A CA  1 
ATOM   348 C  C   . LYS A 1 49 ? 0.949   1.753   -10.425 1.00 28.84 ? 45  LYS A C   1 
ATOM   349 O  O   . LYS A 1 49 ? 0.537   1.647   -11.586 1.00 28.04 ? 45  LYS A O   1 
ATOM   350 C  CB  . LYS A 1 49 ? 3.235   1.081   -9.572  1.00 31.29 ? 45  LYS A CB  1 
ATOM   351 C  CG  . LYS A 1 49 ? 3.475   -0.026  -10.553 1.00 33.07 ? 45  LYS A CG  1 
ATOM   352 C  CD  . LYS A 1 49 ? 4.804   -0.709  -10.295 1.00 40.23 ? 45  LYS A CD  1 
ATOM   353 C  CE  . LYS A 1 49 ? 4.610   -2.080  -9.746  1.00 46.94 ? 45  LYS A CE  1 
ATOM   354 N  NZ  . LYS A 1 49 ? 5.904   -2.615  -9.211  1.00 49.66 ? 45  LYS A NZ  1 
ATOM   355 N  N   . TRP A 1 50 ? 0.180   1.515   -9.362  1.00 29.18 ? 46  TRP A N   1 
ATOM   356 C  CA  . TRP A 1 50 ? -1.263  1.313   -9.442  1.00 25.47 ? 46  TRP A CA  1 
ATOM   357 C  C   . TRP A 1 50 ? -1.854  1.544   -8.062  1.00 24.84 ? 46  TRP A C   1 
ATOM   358 O  O   . TRP A 1 50 ? -1.133  1.660   -7.067  1.00 24.28 ? 46  TRP A O   1 
ATOM   359 C  CB  . TRP A 1 50 ? -1.639  -0.085  -9.943  1.00 27.68 ? 46  TRP A CB  1 
ATOM   360 C  CG  . TRP A 1 50 ? -0.885  -1.247  -9.317  1.00 25.37 ? 46  TRP A CG  1 
ATOM   361 C  CD1 . TRP A 1 50 ? 0.132   -1.950  -9.885  1.00 28.00 ? 46  TRP A CD1 1 
ATOM   362 C  CD2 . TRP A 1 50 ? -1.125  -1.857  -8.037  1.00 26.65 ? 46  TRP A CD2 1 
ATOM   363 N  NE1 . TRP A 1 50 ? 0.556   -2.952  -9.040  1.00 27.53 ? 46  TRP A NE1 1 
ATOM   364 C  CE2 . TRP A 1 50 ? -0.199  -2.916  -7.897  1.00 26.22 ? 46  TRP A CE2 1 
ATOM   365 C  CE3 . TRP A 1 50 ? -2.027  -1.611  -6.998  1.00 26.76 ? 46  TRP A CE3 1 
ATOM   366 C  CZ2 . TRP A 1 50 ? -0.146  -3.732  -6.749  1.00 22.70 ? 46  TRP A CZ2 1 
ATOM   367 C  CZ3 . TRP A 1 50 ? -1.972  -2.412  -5.858  1.00 21.17 ? 46  TRP A CZ3 1 
ATOM   368 C  CH2 . TRP A 1 50 ? -1.049  -3.469  -5.750  1.00 21.94 ? 46  TRP A CH2 1 
ATOM   369 N  N   . LYS A 1 51 ? -3.176  1.624   -8.015  1.00 25.07 ? 47  LYS A N   1 
ATOM   370 C  CA  . LYS A 1 51 ? -3.881  1.688   -6.744  1.00 23.77 ? 47  LYS A CA  1 
ATOM   371 C  C   . LYS A 1 51 ? -5.130  0.831   -6.861  1.00 26.82 ? 47  LYS A C   1 
ATOM   372 O  O   . LYS A 1 51 ? -5.759  0.780   -7.917  1.00 30.24 ? 47  LYS A O   1 
ATOM   373 C  CB  . LYS A 1 51 ? -4.233  3.131   -6.327  1.00 23.38 ? 47  LYS A CB  1 
ATOM   374 C  CG  . LYS A 1 51 ? -5.204  3.885   -7.238  1.00 24.09 ? 47  LYS A CG  1 
ATOM   375 C  CD  . LYS A 1 51 ? -5.328  5.345   -6.783  1.00 27.69 ? 47  LYS A CD  1 
ATOM   376 C  CE  . LYS A 1 51 ? -6.259  6.155   -7.674  1.00 38.78 ? 47  LYS A CE  1 
ATOM   377 N  NZ  . LYS A 1 51 ? -6.267  7.593   -7.282  1.00 40.23 ? 47  LYS A NZ  1 
ATOM   378 N  N   . PHE A 1 52 ? -5.457  0.112   -5.798  1.00 21.31 ? 48  PHE A N   1 
ATOM   379 C  CA  . PHE A 1 52 ? -6.547  -0.851  -5.832  1.00 21.13 ? 48  PHE A CA  1 
ATOM   380 C  C   . PHE A 1 52 ? -7.594  -0.442  -4.811  1.00 23.52 ? 48  PHE A C   1 
ATOM   381 O  O   . PHE A 1 52 ? -7.273  -0.296  -3.630  1.00 23.28 ? 48  PHE A O   1 
ATOM   382 C  CB  . PHE A 1 52 ? -6.045  -2.264  -5.531  1.00 21.61 ? 48  PHE A CB  1 
ATOM   383 C  CG  . PHE A 1 52 ? -7.134  -3.284  -5.582  1.00 25.55 ? 48  PHE A CG  1 
ATOM   384 C  CD1 . PHE A 1 52 ? -7.438  -3.921  -6.771  1.00 27.77 ? 48  PHE A CD1 1 
ATOM   385 C  CD2 . PHE A 1 52 ? -7.900  -3.547  -4.466  1.00 23.80 ? 48  PHE A CD2 1 
ATOM   386 C  CE1 . PHE A 1 52 ? -8.473  -4.834  -6.829  1.00 23.24 ? 48  PHE A CE1 1 
ATOM   387 C  CE2 . PHE A 1 52 ? -8.935  -4.455  -4.515  1.00 22.81 ? 48  PHE A CE2 1 
ATOM   388 C  CZ  . PHE A 1 52 ? -9.217  -5.099  -5.699  1.00 24.63 ? 48  PHE A CZ  1 
ATOM   389 N  N   . GLU A 1 53 ? -8.846  -0.293  -5.247  1.00 21.70 ? 49  GLU A N   1 
ATOM   390 C  CA  . GLU A 1 53 ? -9.905  0.185   -4.362  1.00 22.40 ? 49  GLU A CA  1 
ATOM   391 C  C   . GLU A 1 53 ? -10.548 -0.985  -3.626  1.00 24.05 ? 49  GLU A C   1 
ATOM   392 O  O   . GLU A 1 53 ? -11.134 -1.879  -4.249  1.00 21.70 ? 49  GLU A O   1 
ATOM   393 C  CB  . GLU A 1 53 ? -10.966 0.966   -5.137  1.00 24.68 ? 49  GLU A CB  1 
ATOM   394 C  CG  . GLU A 1 53 ? -11.969 1.639   -4.207  1.00 24.16 ? 49  GLU A CG  1 
ATOM   395 C  CD  . GLU A 1 53 ? -13.037 2.440   -4.927  1.00 32.91 ? 49  GLU A CD  1 
ATOM   396 O  OE1 . GLU A 1 53 ? -13.043 2.464   -6.176  1.00 35.51 ? 49  GLU A OE1 1 
ATOM   397 O  OE2 . GLU A 1 53 ? -13.888 3.029   -4.233  1.00 35.10 ? 49  GLU A OE2 1 
ATOM   398 N  N   . THR A 1 54 ? -10.438 -0.984  -2.299  1.00 23.50 ? 50  THR A N   1 
ATOM   399 C  CA  . THR A 1 54 ? -11.244 -1.883  -1.488  1.00 23.36 ? 50  THR A CA  1 
ATOM   400 C  C   . THR A 1 54 ? -12.508 -1.157  -1.046  1.00 23.72 ? 50  THR A C   1 
ATOM   401 O  O   . THR A 1 54 ? -12.749 0.000   -1.403  1.00 25.29 ? 50  THR A O   1 
ATOM   402 C  CB  . THR A 1 54 ? -10.470 -2.387  -0.269  1.00 23.64 ? 50  THR A CB  1 
ATOM   403 O  OG1 . THR A 1 54 ? -10.499 -1.383  0.759   1.00 20.68 ? 50  THR A OG1 1 
ATOM   404 C  CG2 . THR A 1 54 ? -9.039  -2.707  -0.638  1.00 23.49 ? 50  THR A CG2 1 
ATOM   405 N  N   . GLY A 1 55 ? -13.326 -1.845  -0.249  1.00 22.92 ? 51  GLY A N   1 
ATOM   406 C  CA  . GLY A 1 55 ? -14.575 -1.290  0.225   1.00 24.35 ? 51  GLY A CA  1 
ATOM   407 C  C   . GLY A 1 55 ? -14.518 -0.454  1.490   1.00 25.09 ? 51  GLY A C   1 
ATOM   408 O  O   . GLY A 1 55 ? -15.550 0.103   1.884   1.00 24.23 ? 51  GLY A O   1 
ATOM   409 N  N   . GLY A 1 56 ? -13.360 -0.339  2.146   1.00 23.98 ? 52  GLY A N   1 
ATOM   410 C  CA  . GLY A 1 56 ? -13.272 0.442   3.369   1.00 21.81 ? 52  GLY A CA  1 
ATOM   411 C  C   . GLY A 1 56 ? -11.831 0.839   3.621   1.00 20.99 ? 52  GLY A C   1 
ATOM   412 O  O   . GLY A 1 56 ? -10.938 0.490   2.850   1.00 22.17 ? 52  GLY A O   1 
ATOM   413 N  N   . SER A 1 57 ? -11.608 1.577   4.713   1.00 21.57 ? 53  SER A N   1 
ATOM   414 C  CA  . SER A 1 57 ? -10.249 2.004   5.065   1.00 23.87 ? 53  SER A CA  1 
ATOM   415 C  C   . SER A 1 57 ? -9.284  0.824   5.171   1.00 19.98 ? 53  SER A C   1 
ATOM   416 O  O   . SER A 1 57 ? -9.598  -0.211  5.765   1.00 26.22 ? 53  SER A O   1 
ATOM   417 C  CB  . SER A 1 57 ? -10.249 2.760   6.393   1.00 21.82 ? 53  SER A CB  1 
ATOM   418 O  OG  . SER A 1 57 ? -10.871 4.022   6.255   1.00 27.81 ? 53  SER A OG  1 
ATOM   419 N  N   . VAL A 1 58 ? -8.082  1.000   4.616   1.00 21.97 ? 54  VAL A N   1 
ATOM   420 C  CA  . VAL A 1 58 ? -7.042  -0.031  4.673   1.00 20.27 ? 54  VAL A CA  1 
ATOM   421 C  C   . VAL A 1 58 ? -6.108  0.339   5.816   1.00 24.13 ? 54  VAL A C   1 
ATOM   422 O  O   . VAL A 1 58 ? -5.084  0.995   5.607   1.00 19.52 ? 54  VAL A O   1 
ATOM   423 C  CB  . VAL A 1 58 ? -6.292  -0.167  3.335   1.00 23.11 ? 54  VAL A CB  1 
ATOM   424 C  CG1 . VAL A 1 58 ? -5.335  -1.367  3.362   1.00 19.56 ? 54  VAL A CG1 1 
ATOM   425 C  CG2 . VAL A 1 58 ? -7.270  -0.287  2.180   1.00 21.35 ? 54  VAL A CG2 1 
ATOM   426 N  N   A HIS A 1 59 ? -6.480  -0.047  7.045   0.56 23.12 ? 55  HIS A N   1 
ATOM   427 N  N   B HIS A 1 59 ? -6.464  -0.097  7.029   0.44 23.10 ? 55  HIS A N   1 
ATOM   428 C  CA  A HIS A 1 59 ? -5.616  0.160   8.205   0.56 22.74 ? 55  HIS A CA  1 
ATOM   429 C  CA  B HIS A 1 59 ? -5.606  0.156   8.217   0.44 22.74 ? 55  HIS A CA  1 
ATOM   430 C  C   A HIS A 1 59 ? -4.551  -0.928  8.293   0.56 21.78 ? 55  HIS A C   1 
ATOM   431 C  C   B HIS A 1 59 ? -4.516  -0.911  8.219   0.44 21.77 ? 55  HIS A C   1 
ATOM   432 O  O   A HIS A 1 59 ? -3.446  -0.679  8.794   0.56 20.89 ? 55  HIS A O   1 
ATOM   433 O  O   B HIS A 1 59 ? -3.375  -0.629  8.647   0.44 21.03 ? 55  HIS A O   1 
ATOM   434 C  CB  A HIS A 1 59 ? -6.467  0.193   9.482   0.56 23.62 ? 55  HIS A CB  1 
ATOM   435 C  CB  B HIS A 1 59 ? -6.484  0.088   9.471   0.44 23.58 ? 55  HIS A CB  1 
ATOM   436 C  CG  A HIS A 1 59 ? -5.719  0.608   10.717  0.56 27.34 ? 55  HIS A CG  1 
ATOM   437 C  CG  B HIS A 1 59 ? -7.162  1.386   9.753   0.44 24.52 ? 55  HIS A CG  1 
ATOM   438 N  ND1 A HIS A 1 59 ? -5.599  1.927   11.105  0.56 29.63 ? 55  HIS A ND1 1 
ATOM   439 N  ND1 B HIS A 1 59 ? -8.529  1.553   9.793   0.44 27.85 ? 55  HIS A ND1 1 
ATOM   440 C  CD2 A HIS A 1 59 ? -5.079  -0.123  11.664  0.56 27.88 ? 55  HIS A CD2 1 
ATOM   441 C  CD2 B HIS A 1 59 ? -6.639  2.592   9.996   0.44 24.77 ? 55  HIS A CD2 1 
ATOM   442 C  CE1 A HIS A 1 59 ? -4.896  1.991   12.225  0.56 29.17 ? 55  HIS A CE1 1 
ATOM   443 C  CE1 B HIS A 1 59 ? -8.813  2.819   10.059  0.44 26.98 ? 55  HIS A CE1 1 
ATOM   444 N  NE2 A HIS A 1 59 ? -4.570  0.761   12.586  0.56 30.41 ? 55  HIS A NE2 1 
ATOM   445 N  NE2 B HIS A 1 59 ? -7.678  3.469   10.187  0.44 24.72 ? 55  HIS A NE2 1 
ATOM   446 N  N   . SER A 1 60 ? -4.882  -2.128  7.821   1.00 18.69 ? 56  SER A N   1 
ATOM   447 C  CA  . SER A 1 60 ? -3.966  -3.251  7.765   1.00 19.68 ? 56  SER A CA  1 
ATOM   448 C  C   . SER A 1 60 ? -2.707  -2.925  6.958   1.00 20.48 ? 56  SER A C   1 
ATOM   449 O  O   . SER A 1 60 ? -2.733  -2.146  5.997   1.00 21.46 ? 56  SER A O   1 
ATOM   450 C  CB  . SER A 1 60 ? -4.728  -4.428  7.143   1.00 18.42 ? 56  SER A CB  1 
ATOM   451 O  OG  . SER A 1 60 ? -3.942  -5.591  7.036   1.00 18.77 ? 56  SER A OG  1 
ATOM   452 N  N   . SER A 1 61 ? -1.577  -3.515  7.379   1.00 20.53 ? 57  SER A N   1 
ATOM   453 C  CA  . SER A 1 61 ? -0.316  -3.323  6.669   1.00 21.20 ? 57  SER A CA  1 
ATOM   454 C  C   . SER A 1 61 ? -0.061  -4.485  5.725   1.00 20.01 ? 57  SER A C   1 
ATOM   455 O  O   . SER A 1 61 ? -0.190  -5.646  6.136   1.00 20.31 ? 57  SER A O   1 
ATOM   456 C  CB  . SER A 1 61 ? 0.839   -3.192  7.659   1.00 20.54 ? 57  SER A CB  1 
ATOM   457 O  OG  . SER A 1 61 ? 0.638   -2.021  8.449   1.00 21.58 ? 57  SER A OG  1 
ATOM   458 N  N   . PRO A 1 62 ? 0.304   -4.223  4.472   1.00 18.65 ? 58  PRO A N   1 
ATOM   459 C  CA  . PRO A 1 62 ? 0.441   -5.316  3.499   1.00 19.81 ? 58  PRO A CA  1 
ATOM   460 C  C   . PRO A 1 62 ? 1.613   -6.254  3.791   1.00 20.62 ? 58  PRO A C   1 
ATOM   461 O  O   . PRO A 1 62 ? 2.639   -5.867  4.361   1.00 18.30 ? 58  PRO A O   1 
ATOM   462 C  CB  . PRO A 1 62 ? 0.645   -4.585  2.165   1.00 21.90 ? 58  PRO A CB  1 
ATOM   463 C  CG  . PRO A 1 62 ? 1.056   -3.177  2.515   1.00 22.39 ? 58  PRO A CG  1 
ATOM   464 C  CD  . PRO A 1 62 ? 0.496   -2.883  3.870   1.00 20.67 ? 58  PRO A CD  1 
ATOM   465 N  N   . ALA A 1 63 ? 1.445   -7.506  3.367   1.00 18.80 ? 59  ALA A N   1 
ATOM   466 C  CA  . ALA A 1 63 ? 2.509   -8.502  3.358   1.00 21.15 ? 59  ALA A CA  1 
ATOM   467 C  C   . ALA A 1 63 ? 2.676   -9.048  1.946   1.00 22.51 ? 59  ALA A C   1 
ATOM   468 O  O   . ALA A 1 63 ? 1.719   -9.120  1.179   1.00 21.84 ? 59  ALA A O   1 
ATOM   469 C  CB  . ALA A 1 63 ? 2.213   -9.663  4.312   1.00 22.72 ? 59  ALA A CB  1 
ATOM   470 N  N   . ILE A 1 64 ? 3.896   -9.454  1.617   1.00 23.07 ? 60  ILE A N   1 
ATOM   471 C  CA  . ILE A 1 64 ? 4.252   -9.927  0.285   1.00 23.11 ? 60  ILE A CA  1 
ATOM   472 C  C   . ILE A 1 64 ? 4.612   -11.401 0.328   1.00 25.43 ? 60  ILE A C   1 
ATOM   473 O  O   . ILE A 1 64 ? 5.476   -11.819 1.102   1.00 22.81 ? 60  ILE A O   1 
ATOM   474 C  CB  . ILE A 1 64 ? 5.394   -9.099  -0.323  1.00 23.97 ? 60  ILE A CB  1 
ATOM   475 C  CG1 . ILE A 1 64 ? 5.145   -7.610  -0.065  1.00 26.58 ? 60  ILE A CG1 1 
ATOM   476 C  CG2 . ILE A 1 64 ? 5.636   -9.490  -1.784  1.00 25.91 ? 60  ILE A CG2 1 
ATOM   477 C  CD1 . ILE A 1 64 ? 6.233   -6.719  -0.535  1.00 33.58 ? 60  ILE A CD1 1 
ATOM   478 N  N   . GLY A 1 65 ? 3.974   -12.170 -0.520  1.00 19.59 ? 61  GLY A N   1 
ATOM   479 C  CA  . GLY A 1 65 ? 4.221   -13.590 -0.561  1.00 24.77 ? 61  GLY A CA  1 
ATOM   480 C  C   . GLY A 1 65 ? 5.472   -13.924 -1.341  1.00 24.55 ? 61  GLY A C   1 
ATOM   481 O  O   . GLY A 1 65 ? 6.107   -13.067 -1.971  1.00 22.41 ? 61  GLY A O   1 
ATOM   482 N  N   . GLN A 1 66 ? 5.826   -15.210 -1.309  1.00 26.61 ? 62  GLN A N   1 
ATOM   483 C  CA  . GLN A 1 66 ? 7.024   -15.643 -2.014  1.00 27.19 ? 62  GLN A CA  1 
ATOM   484 C  C   . GLN A 1 66 ? 6.917   -15.412 -3.514  1.00 24.21 ? 62  GLN A C   1 
ATOM   485 O  O   . GLN A 1 66 ? 7.940   -15.233 -4.175  1.00 28.07 ? 62  GLN A O   1 
ATOM   486 C  CB  . GLN A 1 66 ? 7.304   -17.110 -1.721  1.00 34.20 ? 62  GLN A CB  1 
ATOM   487 C  CG  . GLN A 1 66 ? 7.870   -17.308 -0.339  1.00 36.53 ? 62  GLN A CG  1 
ATOM   488 C  CD  . GLN A 1 66 ? 7.560   -18.669 0.223   1.00 56.57 ? 62  GLN A CD  1 
ATOM   489 O  OE1 . GLN A 1 66 ? 7.064   -18.794 1.348   1.00 54.45 ? 62  GLN A OE1 1 
ATOM   490 N  NE2 . GLN A 1 66 ? 7.863   -19.712 -0.554  1.00 57.16 ? 62  GLN A NE2 1 
ATOM   491 N  N   . ASP A 1 67 ? 5.711   -15.410 -4.070  1.00 26.24 ? 63  ASP A N   1 
ATOM   492 C  CA  . ASP A 1 67 ? 5.546   -15.197 -5.504  1.00 23.12 ? 63  ASP A CA  1 
ATOM   493 C  C   . ASP A 1 67 ? 5.213   -13.754 -5.855  1.00 27.33 ? 63  ASP A C   1 
ATOM   494 O  O   . ASP A 1 67 ? 4.833   -13.475 -7.001  1.00 23.79 ? 63  ASP A O   1 
ATOM   495 C  CB  . ASP A 1 67 ? 4.475   -16.137 -6.058  1.00 27.64 ? 63  ASP A CB  1 
ATOM   496 C  CG  . ASP A 1 67 ? 3.109   -15.863 -5.477  1.00 29.70 ? 63  ASP A CG  1 
ATOM   497 O  OD1 . ASP A 1 67 ? 3.022   -15.001 -4.568  1.00 26.15 ? 63  ASP A OD1 1 
ATOM   498 O  OD2 . ASP A 1 67 ? 2.127   -16.513 -5.930  1.00 25.20 ? 63  ASP A OD2 1 
ATOM   499 N  N   . GLY A 1 68 ? 5.341   -12.831 -4.901  1.00 24.22 ? 64  GLY A N   1 
ATOM   500 C  CA  . GLY A 1 68 ? 5.063   -11.439 -5.167  1.00 24.87 ? 64  GLY A CA  1 
ATOM   501 C  C   . GLY A 1 68 ? 3.657   -10.987 -4.832  1.00 20.82 ? 64  GLY A C   1 
ATOM   502 O  O   . GLY A 1 68 ? 3.401   -9.771  -4.841  1.00 24.98 ? 64  GLY A O   1 
ATOM   503 N  N   . THR A 1 69 ? 2.735   -11.915 -4.559  1.00 20.45 ? 65  THR A N   1 
ATOM   504 C  CA  . THR A 1 69 ? 1.366   -11.529 -4.242  1.00 20.96 ? 65  THR A CA  1 
ATOM   505 C  C   . THR A 1 69 ? 1.369   -10.628 -3.019  1.00 23.04 ? 65  THR A C   1 
ATOM   506 O  O   . THR A 1 69 ? 2.124   -10.864 -2.072  1.00 23.77 ? 65  THR A O   1 
ATOM   507 C  CB  . THR A 1 69 ? 0.497   -12.762 -3.971  1.00 22.72 ? 65  THR A CB  1 
ATOM   508 O  OG1 . THR A 1 69 ? 0.590   -13.676 -5.074  1.00 24.14 ? 65  THR A OG1 1 
ATOM   509 C  CG2 . THR A 1 69 ? -0.956  -12.349 -3.790  1.00 18.82 ? 65  THR A CG2 1 
ATOM   510 N  N   . ILE A 1 70 ? 0.553   -9.571  -3.057  1.00 24.65 ? 66  ILE A N   1 
ATOM   511 C  CA  . ILE A 1 70 ? 0.419   -8.645  -1.935  1.00 20.90 ? 66  ILE A CA  1 
ATOM   512 C  C   . ILE A 1 70 ? -0.902  -8.915  -1.229  1.00 19.85 ? 66  ILE A C   1 
ATOM   513 O  O   . ILE A 1 70 ? -1.964  -8.915  -1.856  1.00 20.23 ? 66  ILE A O   1 
ATOM   514 C  CB  . ILE A 1 70 ? 0.511   -7.181  -2.398  1.00 21.08 ? 66  ILE A CB  1 
ATOM   515 C  CG1 . ILE A 1 70 ? 1.754   -6.987  -3.264  1.00 21.64 ? 66  ILE A CG1 1 
ATOM   516 C  CG2 . ILE A 1 70 ? 0.508   -6.223  -1.195  1.00 18.80 ? 66  ILE A CG2 1 
ATOM   517 C  CD1 . ILE A 1 70 ? 1.434   -7.004  -4.755  1.00 20.39 ? 66  ILE A CD1 1 
ATOM   518 N  N   . TYR A 1 71 ? -0.839  -9.146  0.081   1.00 19.50 ? 67  TYR A N   1 
ATOM   519 C  CA  . TYR A 1 71 ? -2.024  -9.394  0.887   1.00 17.97 ? 67  TYR A CA  1 
ATOM   520 C  C   . TYR A 1 71 ? -2.238  -8.261  1.875   1.00 21.46 ? 67  TYR A C   1 
ATOM   521 O  O   . TYR A 1 71 ? -1.284  -7.795  2.501   1.00 21.12 ? 67  TYR A O   1 
ATOM   522 C  CB  . TYR A 1 71 ? -1.901  -10.699 1.671   1.00 20.84 ? 67  TYR A CB  1 
ATOM   523 C  CG  . TYR A 1 71 ? -1.483  -11.864 0.833   1.00 21.08 ? 67  TYR A CG  1 
ATOM   524 C  CD1 . TYR A 1 71 ? -2.439  -12.666 0.210   1.00 17.95 ? 67  TYR A CD1 1 
ATOM   525 C  CD2 . TYR A 1 71 ? -0.138  -12.179 0.664   1.00 19.31 ? 67  TYR A CD2 1 
ATOM   526 C  CE1 . TYR A 1 71 ? -2.063  -13.752 -0.556  1.00 18.80 ? 67  TYR A CE1 1 
ATOM   527 C  CE2 . TYR A 1 71 ? 0.253   -13.269 -0.111  1.00 21.17 ? 67  TYR A CE2 1 
ATOM   528 C  CZ  . TYR A 1 71 ? -0.715  -14.055 -0.707  1.00 21.90 ? 67  TYR A CZ  1 
ATOM   529 O  OH  . TYR A 1 71 ? -0.336  -15.131 -1.480  1.00 21.54 ? 67  TYR A OH  1 
ATOM   530 N  N   . VAL A 1 72 ? -3.491  -7.838  2.037   1.00 21.73 ? 68  VAL A N   1 
ATOM   531 C  CA  . VAL A 1 72 ? -3.793  -6.765  2.978   1.00 19.64 ? 68  VAL A CA  1 
ATOM   532 C  C   . VAL A 1 72 ? -5.256  -6.887  3.394   1.00 19.69 ? 68  VAL A C   1 
ATOM   533 O  O   . VAL A 1 72 ? -6.118  -7.260  2.594   1.00 22.66 ? 68  VAL A O   1 
ATOM   534 C  CB  . VAL A 1 72 ? -3.447  -5.380  2.376   1.00 19.15 ? 68  VAL A CB  1 
ATOM   535 C  CG1 . VAL A 1 72 ? -4.548  -4.906  1.396   1.00 21.62 ? 68  VAL A CG1 1 
ATOM   536 C  CG2 . VAL A 1 72 ? -3.188  -4.348  3.474   1.00 23.62 ? 68  VAL A CG2 1 
ATOM   537 N  N   . GLY A 1 73 ? -5.519  -6.635  4.684   1.00 20.20 ? 69  GLY A N   1 
ATOM   538 C  CA  . GLY A 1 73 ? -6.886  -6.553  5.144   1.00 18.95 ? 69  GLY A CA  1 
ATOM   539 C  C   . GLY A 1 73 ? -7.496  -5.196  4.857   1.00 21.34 ? 69  GLY A C   1 
ATOM   540 O  O   . GLY A 1 73 ? -6.795  -4.210  4.614   1.00 21.45 ? 69  GLY A O   1 
ATOM   541 N  N   . SER A 1 74 ? -8.828  -5.155  4.873   1.00 18.80 ? 70  SER A N   1 
ATOM   542 C  CA  . SER A 1 74 ? -9.563  -3.906  4.764   1.00 20.12 ? 70  SER A CA  1 
ATOM   543 C  C   . SER A 1 74 ? -10.618 -3.838  5.860   1.00 22.44 ? 70  SER A C   1 
ATOM   544 O  O   . SER A 1 74 ? -11.060 -4.860  6.393   1.00 22.39 ? 70  SER A O   1 
ATOM   545 C  CB  . SER A 1 74 ? -10.218 -3.762  3.375   1.00 21.02 ? 70  SER A CB  1 
ATOM   546 O  OG  . SER A 1 74 ? -11.099 -2.647  3.334   1.00 23.68 ? 70  SER A OG  1 
ATOM   547 N  N   . ASN A 1 75 ? -11.011 -2.613  6.212   1.00 21.96 ? 71  ASN A N   1 
ATOM   548 C  CA  . ASN A 1 75 ? -12.137 -2.517  7.121   1.00 22.20 ? 71  ASN A CA  1 
ATOM   549 C  C   . ASN A 1 75 ? -13.438 -2.936  6.484   1.00 22.87 ? 71  ASN A C   1 
ATOM   550 O  O   . ASN A 1 75 ? -14.439 -2.957  7.194   1.00 21.93 ? 71  ASN A O   1 
ATOM   551 C  CB  . ASN A 1 75 ? -12.292 -1.119  7.723   1.00 27.23 ? 71  ASN A CB  1 
ATOM   552 C  CG  . ASN A 1 75 ? -11.133 -0.736  8.678   1.00 34.68 ? 71  ASN A CG  1 
ATOM   553 O  OD1 . ASN A 1 75 ? -10.284 -1.570  9.083   1.00 29.20 ? 71  ASN A OD1 1 
ATOM   554 N  ND2 . ASN A 1 75 ? -11.143 0.529   9.100   1.00 35.89 ? 71  ASN A ND2 1 
ATOM   555 N  N   . ASP A 1 76 ? -13.458 -3.290  5.197   1.00 22.22 ? 72  ASP A N   1 
ATOM   556 C  CA  . ASP A 1 76 ? -14.668 -3.856  4.615   1.00 21.32 ? 72  ASP A CA  1 
ATOM   557 C  C   . ASP A 1 76 ? -14.847 -5.333  4.947   1.00 22.47 ? 72  ASP A C   1 
ATOM   558 O  O   . ASP A 1 76 ? -15.754 -5.952  4.386   1.00 21.84 ? 72  ASP A O   1 
ATOM   559 C  CB  . ASP A 1 76 ? -14.691 -3.633  3.090   1.00 20.96 ? 72  ASP A CB  1 
ATOM   560 C  CG  . ASP A 1 76 ? -13.652 -4.459  2.334   1.00 22.44 ? 72  ASP A CG  1 
ATOM   561 O  OD1 . ASP A 1 76 ? -12.956 -5.284  2.938   1.00 22.16 ? 72  ASP A OD1 1 
ATOM   562 O  OD2 . ASP A 1 76 ? -13.543 -4.295  1.093   1.00 22.72 ? 72  ASP A OD2 1 
ATOM   563 N  N   . HIS A 1 77 ? -14.024 -5.896  5.844   1.00 18.49 ? 73  HIS A N   1 
ATOM   564 C  CA  . HIS A 1 77 ? -14.074 -7.263  6.385   1.00 20.54 ? 73  HIS A CA  1 
ATOM   565 C  C   . HIS A 1 77 ? -13.250 -8.259  5.586   1.00 20.73 ? 73  HIS A C   1 
ATOM   566 O  O   . HIS A 1 77 ? -13.128 -9.410  6.010   1.00 22.29 ? 73  HIS A O   1 
ATOM   567 C  CB  . HIS A 1 77 ? -15.501 -7.825  6.509   1.00 20.37 ? 73  HIS A CB  1 
ATOM   568 C  CG  . HIS A 1 77 ? -16.384 -7.045  7.414   1.00 23.61 ? 73  HIS A CG  1 
ATOM   569 N  ND1 . HIS A 1 77 ? -17.625 -7.497  7.809   1.00 21.85 ? 73  HIS A ND1 1 
ATOM   570 C  CD2 . HIS A 1 77 ? -16.206 -5.851  8.017   1.00 20.33 ? 73  HIS A CD2 1 
ATOM   571 C  CE1 . HIS A 1 77 ? -18.183 -6.598  8.600   1.00 23.16 ? 73  HIS A CE1 1 
ATOM   572 N  NE2 . HIS A 1 77 ? -17.332 -5.602  8.752   1.00 22.56 ? 73  HIS A NE2 1 
ATOM   573 N  N   . TYR A 1 78 ? -12.714 -7.877  4.432   1.00 21.15 ? 74  TYR A N   1 
ATOM   574 C  CA  . TYR A 1 78 ? -12.043 -8.815  3.547   1.00 23.01 ? 74  TYR A CA  1 
ATOM   575 C  C   . TYR A 1 78 ? -10.534 -8.794  3.733   1.00 24.08 ? 74  TYR A C   1 
ATOM   576 O  O   . TYR A 1 78 ? -9.939  -7.744  3.975   1.00 21.57 ? 74  TYR A O   1 
ATOM   577 C  CB  . TYR A 1 78 ? -12.342 -8.491  2.086   1.00 21.05 ? 74  TYR A CB  1 
ATOM   578 C  CG  . TYR A 1 78 ? -13.732 -8.898  1.669   1.00 21.86 ? 74  TYR A CG  1 
ATOM   579 C  CD1 . TYR A 1 78 ? -14.831 -8.103  1.977   1.00 23.77 ? 74  TYR A CD1 1 
ATOM   580 C  CD2 . TYR A 1 78 ? -13.945 -10.076 0.959   1.00 27.02 ? 74  TYR A CD2 1 
ATOM   581 C  CE1 . TYR A 1 78 ? -16.104 -8.480  1.593   1.00 27.73 ? 74  TYR A CE1 1 
ATOM   582 C  CE2 . TYR A 1 78 ? -15.217 -10.451 0.563   1.00 26.26 ? 74  TYR A CE2 1 
ATOM   583 C  CZ  . TYR A 1 78 ? -16.283 -9.656  0.890   1.00 29.97 ? 74  TYR A CZ  1 
ATOM   584 O  OH  . TYR A 1 78 ? -17.547 -10.033 0.507   1.00 34.35 ? 74  TYR A OH  1 
ATOM   585 N  N   . LEU A 1 79 ? -9.922  -9.969  3.571   1.00 21.71 ? 75  LEU A N   1 
ATOM   586 C  CA  . LEU A 1 79 ? -8.490  -10.082 3.294   1.00 21.02 ? 75  LEU A CA  1 
ATOM   587 C  C   . LEU A 1 79 ? -8.308  -10.133 1.783   1.00 23.14 ? 75  LEU A C   1 
ATOM   588 O  O   . LEU A 1 79 ? -8.885  -11.002 1.118   1.00 22.54 ? 75  LEU A O   1 
ATOM   589 C  CB  . LEU A 1 79 ? -7.893  -11.333 3.936   1.00 22.47 ? 75  LEU A CB  1 
ATOM   590 C  CG  . LEU A 1 79 ? -6.407  -11.587 3.606   1.00 22.67 ? 75  LEU A CG  1 
ATOM   591 C  CD1 . LEU A 1 79 ? -5.487  -10.553 4.260   1.00 20.57 ? 75  LEU A CD1 1 
ATOM   592 C  CD2 . LEU A 1 79 ? -5.994  -12.964 4.038   1.00 24.33 ? 75  LEU A CD2 1 
ATOM   593 N  N   . TYR A 1 80 ? -7.525  -9.201  1.238   1.00 18.43 ? 76  TYR A N   1 
ATOM   594 C  CA  . TYR A 1 80 ? -7.312  -9.105  -0.201  1.00 21.60 ? 76  TYR A CA  1 
ATOM   595 C  C   . TYR A 1 80 ? -5.989  -9.747  -0.589  1.00 21.81 ? 76  TYR A C   1 
ATOM   596 O  O   . TYR A 1 80 ? -4.998  -9.624  0.130   1.00 21.43 ? 76  TYR A O   1 
ATOM   597 C  CB  . TYR A 1 80 ? -7.308  -7.645  -0.660  1.00 19.18 ? 76  TYR A CB  1 
ATOM   598 C  CG  . TYR A 1 80 ? -8.684  -7.040  -0.715  1.00 20.59 ? 76  TYR A CG  1 
ATOM   599 C  CD1 . TYR A 1 80 ? -9.296  -6.542  0.436   1.00 21.86 ? 76  TYR A CD1 1 
ATOM   600 C  CD2 . TYR A 1 80 ? -9.389  -6.978  -1.915  1.00 23.75 ? 76  TYR A CD2 1 
ATOM   601 C  CE1 . TYR A 1 80 ? -10.573 -6.003  0.397   1.00 19.66 ? 76  TYR A CE1 1 
ATOM   602 C  CE2 . TYR A 1 80 ? -10.655 -6.428  -1.967  1.00 24.16 ? 76  TYR A CE2 1 
ATOM   603 C  CZ  . TYR A 1 80 ? -11.242 -5.936  -0.821  1.00 24.50 ? 76  TYR A CZ  1 
ATOM   604 O  OH  . TYR A 1 80 ? -12.513 -5.389  -0.892  1.00 20.39 ? 76  TYR A OH  1 
ATOM   605 N  N   . ALA A 1 81 ? -5.988  -10.435 -1.728  1.00 19.86 ? 77  ALA A N   1 
ATOM   606 C  CA  . ALA A 1 81 ? -4.771  -10.897 -2.388  1.00 21.50 ? 77  ALA A CA  1 
ATOM   607 C  C   . ALA A 1 81 ? -4.711  -10.200 -3.739  1.00 25.07 ? 77  ALA A C   1 
ATOM   608 O  O   . ALA A 1 81 ? -5.575  -10.433 -4.594  1.00 25.25 ? 77  ALA A O   1 
ATOM   609 C  CB  . ALA A 1 81 ? -4.772  -12.411 -2.574  1.00 19.70 ? 77  ALA A CB  1 
ATOM   610 N  N   . ILE A 1 82 ? -3.709  -9.347  -3.930  1.00 21.50 ? 78  ILE A N   1 
ATOM   611 C  CA  . ILE A 1 82 ? -3.584  -8.542  -5.141  1.00 22.93 ? 78  ILE A CA  1 
ATOM   612 C  C   . ILE A 1 82 ? -2.379  -9.042  -5.927  1.00 21.51 ? 78  ILE A C   1 
ATOM   613 O  O   . ILE A 1 82 ? -1.310  -9.284  -5.354  1.00 22.76 ? 78  ILE A O   1 
ATOM   614 C  CB  . ILE A 1 82 ? -3.454  -7.042  -4.818  1.00 21.14 ? 78  ILE A CB  1 
ATOM   615 C  CG1 . ILE A 1 82 ? -4.522  -6.622  -3.793  1.00 20.92 ? 78  ILE A CG1 1 
ATOM   616 C  CG2 . ILE A 1 82 ? -3.539  -6.205  -6.114  1.00 23.65 ? 78  ILE A CG2 1 
ATOM   617 C  CD1 . ILE A 1 82 ? -5.937  -6.843  -4.277  1.00 23.46 ? 78  ILE A CD1 1 
ATOM   618 N  N   . ASN A 1 83 ? -2.568  -9.244  -7.233  1.00 22.47 ? 79  ASN A N   1 
ATOM   619 C  CA  . ASN A 1 83 ? -1.452  -9.578  -8.102  1.00 23.36 ? 79  ASN A CA  1 
ATOM   620 C  C   . ASN A 1 83 ? -0.505  -8.382  -8.188  1.00 21.09 ? 79  ASN A C   1 
ATOM   621 O  O   . ASN A 1 83 ? -0.937  -7.238  -8.028  1.00 21.99 ? 79  ASN A O   1 
ATOM   622 C  CB  . ASN A 1 83 ? -1.957  -9.953  -9.493  1.00 23.53 ? 79  ASN A CB  1 
ATOM   623 C  CG  . ASN A 1 83 ? -2.691  -11.276 -9.494  1.00 25.81 ? 79  ASN A CG  1 
ATOM   624 O  OD1 . ASN A 1 83 ? -2.157  -12.288 -9.020  1.00 22.42 ? 79  ASN A OD1 1 
ATOM   625 N  ND2 . ASN A 1 83 ? -3.923  -11.279 -10.006 1.00 26.53 ? 79  ASN A ND2 1 
ATOM   626 N  N   . PRO A 1 84 ? 0.797   -8.621  -8.427  1.00 22.43 ? 80  PRO A N   1 
ATOM   627 C  CA  . PRO A 1 84 ? 1.829   -7.597  -8.200  1.00 25.29 ? 80  PRO A CA  1 
ATOM   628 C  C   . PRO A 1 84 ? 1.541   -6.149  -8.618  1.00 37.69 ? 80  PRO A C   1 
ATOM   629 O  O   . PRO A 1 84 ? 1.873   -5.658  -9.695  1.00 30.44 ? 80  PRO A O   1 
ATOM   630 C  CB  . PRO A 1 84 ? 3.015   -8.180  -8.962  1.00 28.94 ? 80  PRO A CB  1 
ATOM   631 C  CG  . PRO A 1 84 ? 2.913   -9.635  -8.581  1.00 25.22 ? 80  PRO A CG  1 
ATOM   632 C  CD  . PRO A 1 84 ? 1.422   -9.944  -8.614  1.00 21.82 ? 80  PRO A CD  1 
HETATM 633 ZN ZN  . ZN  B 2 .  ? -18.029 -3.646  9.564   0.50 22.15 ? 101 ZN  A ZN  1 
HETATM 634 ZN ZN  . ZN  C 2 .  ? -14.305 5.550   4.354   0.50 22.46 ? 102 ZN  A ZN  1 
HETATM 635 O  O   . HOH D 3 .  ? -6.844  3.587   10.070  0.56 15.23 ? 201 HOH A O   1 
HETATM 636 O  O   . HOH D 3 .  ? -3.845  7.008   12.027  0.59 16.86 ? 202 HOH A O   1 
HETATM 637 O  O   . HOH D 3 .  ? 4.156   -4.454  -7.948  1.00 26.87 ? 203 HOH A O   1 
HETATM 638 O  O   . HOH D 3 .  ? 12.812  5.313   -3.087  1.00 25.79 ? 204 HOH A O   1 
HETATM 639 O  O   . HOH D 3 .  ? 8.535   -0.510  -8.779  1.00 37.48 ? 205 HOH A O   1 
HETATM 640 O  O   . HOH D 3 .  ? 14.445  13.765  -4.173  1.00 32.97 ? 206 HOH A O   1 
HETATM 641 O  O   . HOH D 3 .  ? -5.176  14.150  0.395   1.00 25.25 ? 207 HOH A O   1 
HETATM 642 O  O   . HOH D 3 .  ? -1.494  -1.727  10.315  1.00 20.57 ? 208 HOH A O   1 
HETATM 643 O  O   . HOH D 3 .  ? 5.381   -7.968  -5.225  1.00 29.16 ? 209 HOH A O   1 
HETATM 644 O  O   . HOH D 3 .  ? 6.688   -5.501  -9.202  1.00 36.76 ? 210 HOH A O   1 
HETATM 645 O  O   . HOH D 3 .  ? 0.185   0.431   10.774  1.00 20.34 ? 211 HOH A O   1 
HETATM 646 O  O   . HOH D 3 .  ? 12.294  0.665   -2.195  1.00 30.58 ? 212 HOH A O   1 
HETATM 647 O  O   . HOH D 3 .  ? -12.527 6.836   3.915   1.00 23.28 ? 213 HOH A O   1 
HETATM 648 O  O   . HOH D 3 .  ? -14.555 2.170   -1.684  1.00 26.84 ? 214 HOH A O   1 
HETATM 649 O  O   . HOH D 3 .  ? 3.743   -3.884  5.959   1.00 21.81 ? 215 HOH A O   1 
HETATM 650 O  O   . HOH D 3 .  ? -11.343 -2.583  -6.927  1.00 36.69 ? 216 HOH A O   1 
HETATM 651 O  O   . HOH D 3 .  ? 0.653   -13.161 -7.803  1.00 30.27 ? 217 HOH A O   1 
HETATM 652 O  O   . HOH D 3 .  ? 8.037   -8.704  -4.620  1.00 29.61 ? 218 HOH A O   1 
HETATM 653 O  O   . HOH D 3 .  ? -4.304  3.559   6.423   1.00 22.92 ? 219 HOH A O   1 
HETATM 654 O  O   . HOH D 3 .  ? 6.485   -1.145  7.731   1.00 19.55 ? 220 HOH A O   1 
HETATM 655 O  O   . HOH D 3 .  ? -17.092 -2.525  8.020   1.00 23.98 ? 221 HOH A O   1 
HETATM 656 O  O   . HOH D 3 .  ? -18.284 -5.689  3.162   1.00 40.18 ? 222 HOH A O   1 
HETATM 657 O  O   . HOH D 3 .  ? -7.892  -2.491  7.511   1.00 21.33 ? 223 HOH A O   1 
HETATM 658 O  O   . HOH D 3 .  ? -7.380  12.538  8.370   0.50 29.19 ? 224 HOH A O   1 
HETATM 659 O  O   . HOH D 3 .  ? -13.446 5.269   6.108   0.50 29.46 ? 225 HOH A O   1 
HETATM 660 O  O   . HOH D 3 .  ? -0.570  11.799  -5.456  1.00 35.58 ? 226 HOH A O   1 
HETATM 661 O  O   . HOH D 3 .  ? 15.791  15.843  9.108   1.00 37.81 ? 227 HOH A O   1 
HETATM 662 O  O   . HOH D 3 .  ? 2.362   9.407   -9.905  1.00 27.77 ? 228 HOH A O   1 
HETATM 663 O  O   . HOH D 3 .  ? 4.907   -7.049  5.747   1.00 34.17 ? 229 HOH A O   1 
HETATM 664 O  O   . HOH D 3 .  ? 10.633  -14.881 -3.053  1.00 42.34 ? 230 HOH A O   1 
HETATM 665 O  O   . HOH D 3 .  ? 24.432  14.173  3.489   1.00 35.63 ? 231 HOH A O   1 
HETATM 666 O  O   . HOH D 3 .  ? 1.491   12.897  -4.852  1.00 33.73 ? 232 HOH A O   1 
HETATM 667 O  O   . HOH D 3 .  ? -8.460  9.991   6.613   1.00 28.41 ? 233 HOH A O   1 
HETATM 668 O  O   . HOH D 3 .  ? 2.602   -18.928 -7.605  1.00 42.10 ? 234 HOH A O   1 
HETATM 669 O  O   . HOH D 3 .  ? 6.030   -11.008 3.930   1.00 38.52 ? 235 HOH A O   1 
HETATM 670 O  O   . HOH D 3 .  ? -5.621  -13.671 -10.658 1.00 30.44 ? 236 HOH A O   1 
HETATM 671 O  O   . HOH D 3 .  ? -15.724 -5.310  -0.760  1.00 37.36 ? 237 HOH A O   1 
HETATM 672 O  O   . HOH D 3 .  ? -9.622  -0.573  -8.175  1.00 35.89 ? 238 HOH A O   1 
HETATM 673 O  O   . HOH D 3 .  ? -4.310  2.103   -10.862 1.00 26.76 ? 239 HOH A O   1 
HETATM 674 O  O   . HOH D 3 .  ? 7.788   14.952  -3.493  1.00 29.08 ? 240 HOH A O   1 
HETATM 675 O  O   . HOH D 3 .  ? 8.882   -4.801  3.897   1.00 32.43 ? 241 HOH A O   1 
HETATM 676 O  O   . HOH D 3 .  ? 18.841  16.299  8.602   1.00 47.40 ? 242 HOH A O   1 
HETATM 677 O  O   . HOH D 3 .  ? 6.356   -8.570  3.647   1.00 30.22 ? 243 HOH A O   1 
HETATM 678 O  O   . HOH D 3 .  ? 23.450  8.810   5.262   1.00 41.18 ? 244 HOH A O   1 
# 
